data_4BXT
# 
_entry.id   4BXT 
# 
_audit_conform.dict_name       mmcif_pdbx.dic 
_audit_conform.dict_version    5.391 
_audit_conform.dict_location   http://mmcif.pdb.org/dictionaries/ascii/mmcif_pdbx.dic 
# 
loop_
_database_2.database_id 
_database_2.database_code 
_database_2.pdbx_database_accession 
_database_2.pdbx_DOI 
PDB   4BXT         pdb_00004bxt 10.2210/pdb4bxt/pdb 
PDBE  EBI-57690    ?            ?                   
WWPDB D_1290057690 ?            ?                   
# 
loop_
_pdbx_audit_revision_history.ordinal 
_pdbx_audit_revision_history.data_content_type 
_pdbx_audit_revision_history.major_revision 
_pdbx_audit_revision_history.minor_revision 
_pdbx_audit_revision_history.revision_date 
1 'Structure model' 1 0 2013-11-20 
2 'Structure model' 1 1 2013-11-27 
3 'Structure model' 1 2 2024-05-01 
# 
_pdbx_audit_revision_details.ordinal             1 
_pdbx_audit_revision_details.revision_ordinal    1 
_pdbx_audit_revision_details.data_content_type   'Structure model' 
_pdbx_audit_revision_details.provider            repository 
_pdbx_audit_revision_details.type                'Initial release' 
_pdbx_audit_revision_details.description         ? 
_pdbx_audit_revision_details.details             ? 
# 
loop_
_pdbx_audit_revision_group.ordinal 
_pdbx_audit_revision_group.revision_ordinal 
_pdbx_audit_revision_group.data_content_type 
_pdbx_audit_revision_group.group 
1 2 'Structure model' 'Database references'    
2 3 'Structure model' 'Data collection'        
3 3 'Structure model' 'Database references'    
4 3 'Structure model' Other                    
5 3 'Structure model' 'Refinement description' 
# 
loop_
_pdbx_audit_revision_category.ordinal 
_pdbx_audit_revision_category.revision_ordinal 
_pdbx_audit_revision_category.data_content_type 
_pdbx_audit_revision_category.category 
1 3 'Structure model' chem_comp_atom                
2 3 'Structure model' chem_comp_bond                
3 3 'Structure model' database_2                    
4 3 'Structure model' pdbx_database_status          
5 3 'Structure model' pdbx_initial_refinement_model 
# 
loop_
_pdbx_audit_revision_item.ordinal 
_pdbx_audit_revision_item.revision_ordinal 
_pdbx_audit_revision_item.data_content_type 
_pdbx_audit_revision_item.item 
1 3 'Structure model' '_database_2.pdbx_DOI'                 
2 3 'Structure model' '_database_2.pdbx_database_accession'  
3 3 'Structure model' '_pdbx_database_status.status_code_sf' 
# 
_pdbx_database_status.status_code                     REL 
_pdbx_database_status.entry_id                        4BXT 
_pdbx_database_status.deposit_site                    PDBE 
_pdbx_database_status.process_site                    PDBE 
_pdbx_database_status.SG_entry                        . 
_pdbx_database_status.recvd_initial_deposition_date   2013-07-15 
_pdbx_database_status.pdb_format_compatible           Y 
_pdbx_database_status.status_code_sf                  REL 
_pdbx_database_status.status_code_mr                  ? 
_pdbx_database_status.status_code_cs                  ? 
_pdbx_database_status.methods_development_category    ? 
_pdbx_database_status.status_code_nmr_data            ? 
# 
loop_
_audit_author.name 
_audit_author.pdbx_ordinal 
'Leyrat, C.'   1 
'Renner, M.'   2 
'Harlos, K.'   3 
'Grimes, J.M.' 4 
# 
_citation.id                        primary 
_citation.title                     
'Solution and Crystallographic Structures of the Central Region of the Phosphoprotein from Human Metapneumovirus' 
_citation.journal_abbrev            'Plos One' 
_citation.journal_volume            8 
_citation.page_first                80371 
_citation.page_last                 ? 
_citation.year                      2013 
_citation.journal_id_ASTM           ? 
_citation.country                   US 
_citation.journal_id_ISSN           1932-6203 
_citation.journal_id_CSD            ? 
_citation.book_publisher            ? 
_citation.pdbx_database_id_PubMed   24224051 
_citation.pdbx_database_id_DOI      10.1371/JOURNAL.PONE.0080371 
# 
loop_
_citation_author.citation_id 
_citation_author.name 
_citation_author.ordinal 
_citation_author.identifier_ORCID 
primary 'Leyrat, C.'   1 ? 
primary 'Renner, M.'   2 ? 
primary 'Harlos, K.'   3 ? 
primary 'Grimes, J.M.' 4 ? 
# 
_entity.id                         1 
_entity.type                       polymer 
_entity.src_method                 man 
_entity.pdbx_description           'PHOSPHOPROTEIN P' 
_entity.formula_weight             8773.052 
_entity.pdbx_number_of_molecules   8 
_entity.pdbx_ec                    ? 
_entity.pdbx_mutation              ? 
_entity.pdbx_fragment              'TETRAMERIZATION DOMAIN, RESIDUES 158-237' 
_entity.details                    ? 
# 
_entity_poly.entity_id                      1 
_entity_poly.type                           'polypeptide(L)' 
_entity_poly.nstd_linkage                   no 
_entity_poly.nstd_monomer                   no 
_entity_poly.pdbx_seq_one_letter_code       SILTFEERDTSSLSIEARLESIEEKLSMILGLLRTLNIATAGPTAARDGIRDAMIGVREELIADIIKEAKGKAAEMMEEE 
_entity_poly.pdbx_seq_one_letter_code_can   SILTFEERDTSSLSIEARLESIEEKLSMILGLLRTLNIATAGPTAARDGIRDAMIGVREELIADIIKEAKGKAAEMMEEE 
_entity_poly.pdbx_strand_id                 A,B,C,D,E,F,G,H 
_entity_poly.pdbx_target_identifier         ? 
# 
loop_
_entity_poly_seq.entity_id 
_entity_poly_seq.num 
_entity_poly_seq.mon_id 
_entity_poly_seq.hetero 
1 1  SER n 
1 2  ILE n 
1 3  LEU n 
1 4  THR n 
1 5  PHE n 
1 6  GLU n 
1 7  GLU n 
1 8  ARG n 
1 9  ASP n 
1 10 THR n 
1 11 SER n 
1 12 SER n 
1 13 LEU n 
1 14 SER n 
1 15 ILE n 
1 16 GLU n 
1 17 ALA n 
1 18 ARG n 
1 19 LEU n 
1 20 GLU n 
1 21 SER n 
1 22 ILE n 
1 23 GLU n 
1 24 GLU n 
1 25 LYS n 
1 26 LEU n 
1 27 SER n 
1 28 MET n 
1 29 ILE n 
1 30 LEU n 
1 31 GLY n 
1 32 LEU n 
1 33 LEU n 
1 34 ARG n 
1 35 THR n 
1 36 LEU n 
1 37 ASN n 
1 38 ILE n 
1 39 ALA n 
1 40 THR n 
1 41 ALA n 
1 42 GLY n 
1 43 PRO n 
1 44 THR n 
1 45 ALA n 
1 46 ALA n 
1 47 ARG n 
1 48 ASP n 
1 49 GLY n 
1 50 ILE n 
1 51 ARG n 
1 52 ASP n 
1 53 ALA n 
1 54 MET n 
1 55 ILE n 
1 56 GLY n 
1 57 VAL n 
1 58 ARG n 
1 59 GLU n 
1 60 GLU n 
1 61 LEU n 
1 62 ILE n 
1 63 ALA n 
1 64 ASP n 
1 65 ILE n 
1 66 ILE n 
1 67 LYS n 
1 68 GLU n 
1 69 ALA n 
1 70 LYS n 
1 71 GLY n 
1 72 LYS n 
1 73 ALA n 
1 74 ALA n 
1 75 GLU n 
1 76 MET n 
1 77 MET n 
1 78 GLU n 
1 79 GLU n 
1 80 GLU n 
# 
_entity_src_gen.entity_id                          1 
_entity_src_gen.pdbx_src_id                        1 
_entity_src_gen.pdbx_alt_source_flag               sample 
_entity_src_gen.pdbx_seq_type                      ? 
_entity_src_gen.pdbx_beg_seq_num                   ? 
_entity_src_gen.pdbx_end_seq_num                   ? 
_entity_src_gen.gene_src_common_name               ? 
_entity_src_gen.gene_src_genus                     ? 
_entity_src_gen.pdbx_gene_src_gene                 ? 
_entity_src_gen.gene_src_species                   ? 
_entity_src_gen.gene_src_strain                    'SEROTYPE A1 (NL/1/00)' 
_entity_src_gen.gene_src_tissue                    ? 
_entity_src_gen.gene_src_tissue_fraction           ? 
_entity_src_gen.gene_src_details                   ? 
_entity_src_gen.pdbx_gene_src_fragment             ? 
_entity_src_gen.pdbx_gene_src_scientific_name      'HUMAN METAPNEUMOVIRUS' 
_entity_src_gen.pdbx_gene_src_ncbi_taxonomy_id     162145 
_entity_src_gen.pdbx_gene_src_variant              ? 
_entity_src_gen.pdbx_gene_src_cell_line            ? 
_entity_src_gen.pdbx_gene_src_atcc                 ? 
_entity_src_gen.pdbx_gene_src_organ                ? 
_entity_src_gen.pdbx_gene_src_organelle            ? 
_entity_src_gen.pdbx_gene_src_cell                 ? 
_entity_src_gen.pdbx_gene_src_cellular_location    ? 
_entity_src_gen.host_org_common_name               ? 
_entity_src_gen.pdbx_host_org_scientific_name      'ESCHERICHIA COLI' 
_entity_src_gen.pdbx_host_org_ncbi_taxonomy_id     469008 
_entity_src_gen.host_org_genus                     ? 
_entity_src_gen.pdbx_host_org_gene                 ? 
_entity_src_gen.pdbx_host_org_organ                ? 
_entity_src_gen.host_org_species                   ? 
_entity_src_gen.pdbx_host_org_tissue               ? 
_entity_src_gen.pdbx_host_org_tissue_fraction      ? 
_entity_src_gen.pdbx_host_org_strain               'BL21(DE3)' 
_entity_src_gen.pdbx_host_org_variant              ROSETTA2 
_entity_src_gen.pdbx_host_org_cell_line            ? 
_entity_src_gen.pdbx_host_org_atcc                 ? 
_entity_src_gen.pdbx_host_org_culture_collection   ? 
_entity_src_gen.pdbx_host_org_cell                 ? 
_entity_src_gen.pdbx_host_org_organelle            ? 
_entity_src_gen.pdbx_host_org_cellular_location    ? 
_entity_src_gen.pdbx_host_org_vector_type          PLASMID 
_entity_src_gen.pdbx_host_org_vector               ? 
_entity_src_gen.host_org_details                   ? 
_entity_src_gen.expression_system_id               ? 
_entity_src_gen.plasmid_name                       POPINF 
_entity_src_gen.plasmid_details                    ? 
_entity_src_gen.pdbx_description                   ? 
# 
loop_
_chem_comp.id 
_chem_comp.type 
_chem_comp.mon_nstd_flag 
_chem_comp.name 
_chem_comp.pdbx_synonyms 
_chem_comp.formula 
_chem_comp.formula_weight 
ALA 'L-peptide linking' y ALANINE         ? 'C3 H7 N O2'     89.093  
ARG 'L-peptide linking' y ARGININE        ? 'C6 H15 N4 O2 1' 175.209 
ASN 'L-peptide linking' y ASPARAGINE      ? 'C4 H8 N2 O3'    132.118 
ASP 'L-peptide linking' y 'ASPARTIC ACID' ? 'C4 H7 N O4'     133.103 
GLU 'L-peptide linking' y 'GLUTAMIC ACID' ? 'C5 H9 N O4'     147.129 
GLY 'peptide linking'   y GLYCINE         ? 'C2 H5 N O2'     75.067  
ILE 'L-peptide linking' y ISOLEUCINE      ? 'C6 H13 N O2'    131.173 
LEU 'L-peptide linking' y LEUCINE         ? 'C6 H13 N O2'    131.173 
LYS 'L-peptide linking' y LYSINE          ? 'C6 H15 N2 O2 1' 147.195 
MET 'L-peptide linking' y METHIONINE      ? 'C5 H11 N O2 S'  149.211 
PHE 'L-peptide linking' y PHENYLALANINE   ? 'C9 H11 N O2'    165.189 
PRO 'L-peptide linking' y PROLINE         ? 'C5 H9 N O2'     115.130 
SER 'L-peptide linking' y SERINE          ? 'C3 H7 N O3'     105.093 
THR 'L-peptide linking' y THREONINE       ? 'C4 H9 N O3'     119.119 
VAL 'L-peptide linking' y VALINE          ? 'C5 H11 N O2'    117.146 
# 
loop_
_pdbx_poly_seq_scheme.asym_id 
_pdbx_poly_seq_scheme.entity_id 
_pdbx_poly_seq_scheme.seq_id 
_pdbx_poly_seq_scheme.mon_id 
_pdbx_poly_seq_scheme.ndb_seq_num 
_pdbx_poly_seq_scheme.pdb_seq_num 
_pdbx_poly_seq_scheme.auth_seq_num 
_pdbx_poly_seq_scheme.pdb_mon_id 
_pdbx_poly_seq_scheme.auth_mon_id 
_pdbx_poly_seq_scheme.pdb_strand_id 
_pdbx_poly_seq_scheme.pdb_ins_code 
_pdbx_poly_seq_scheme.hetero 
A 1 1  SER 1  158 ?   ?   ?   A . n 
A 1 2  ILE 2  159 ?   ?   ?   A . n 
A 1 3  LEU 3  160 ?   ?   ?   A . n 
A 1 4  THR 4  161 ?   ?   ?   A . n 
A 1 5  PHE 5  162 ?   ?   ?   A . n 
A 1 6  GLU 6  163 ?   ?   ?   A . n 
A 1 7  GLU 7  164 ?   ?   ?   A . n 
A 1 8  ARG 8  165 ?   ?   ?   A . n 
A 1 9  ASP 9  166 ?   ?   ?   A . n 
A 1 10 THR 10 167 ?   ?   ?   A . n 
A 1 11 SER 11 168 ?   ?   ?   A . n 
A 1 12 SER 12 169 ?   ?   ?   A . n 
A 1 13 LEU 13 170 170 LEU LEU A . n 
A 1 14 SER 14 171 171 SER SER A . n 
A 1 15 ILE 15 172 172 ILE ILE A . n 
A 1 16 GLU 16 173 173 GLU GLU A . n 
A 1 17 ALA 17 174 174 ALA ALA A . n 
A 1 18 ARG 18 175 175 ARG ARG A . n 
A 1 19 LEU 19 176 176 LEU LEU A . n 
A 1 20 GLU 20 177 177 GLU GLU A . n 
A 1 21 SER 21 178 178 SER SER A . n 
A 1 22 ILE 22 179 179 ILE ILE A . n 
A 1 23 GLU 23 180 180 GLU GLU A . n 
A 1 24 GLU 24 181 181 GLU GLU A . n 
A 1 25 LYS 25 182 182 LYS LYS A . n 
A 1 26 LEU 26 183 183 LEU LEU A . n 
A 1 27 SER 27 184 184 SER SER A . n 
A 1 28 MET 28 185 185 MET MET A . n 
A 1 29 ILE 29 186 186 ILE ILE A . n 
A 1 30 LEU 30 187 187 LEU LEU A . n 
A 1 31 GLY 31 188 188 GLY GLY A . n 
A 1 32 LEU 32 189 189 LEU LEU A . n 
A 1 33 LEU 33 190 190 LEU LEU A . n 
A 1 34 ARG 34 191 191 ARG ARG A . n 
A 1 35 THR 35 192 192 THR THR A . n 
A 1 36 LEU 36 193 193 LEU LEU A . n 
A 1 37 ASN 37 194 ?   ?   ?   A . n 
A 1 38 ILE 38 195 ?   ?   ?   A . n 
A 1 39 ALA 39 196 ?   ?   ?   A . n 
A 1 40 THR 40 197 ?   ?   ?   A . n 
A 1 41 ALA 41 198 ?   ?   ?   A . n 
A 1 42 GLY 42 199 ?   ?   ?   A . n 
A 1 43 PRO 43 200 ?   ?   ?   A . n 
A 1 44 THR 44 201 ?   ?   ?   A . n 
A 1 45 ALA 45 202 ?   ?   ?   A . n 
A 1 46 ALA 46 203 ?   ?   ?   A . n 
A 1 47 ARG 47 204 ?   ?   ?   A . n 
A 1 48 ASP 48 205 ?   ?   ?   A . n 
A 1 49 GLY 49 206 ?   ?   ?   A . n 
A 1 50 ILE 50 207 ?   ?   ?   A . n 
A 1 51 ARG 51 208 ?   ?   ?   A . n 
A 1 52 ASP 52 209 ?   ?   ?   A . n 
A 1 53 ALA 53 210 ?   ?   ?   A . n 
A 1 54 MET 54 211 ?   ?   ?   A . n 
A 1 55 ILE 55 212 ?   ?   ?   A . n 
A 1 56 GLY 56 213 ?   ?   ?   A . n 
A 1 57 VAL 57 214 ?   ?   ?   A . n 
A 1 58 ARG 58 215 ?   ?   ?   A . n 
A 1 59 GLU 59 216 ?   ?   ?   A . n 
A 1 60 GLU 60 217 ?   ?   ?   A . n 
A 1 61 LEU 61 218 ?   ?   ?   A . n 
A 1 62 ILE 62 219 ?   ?   ?   A . n 
A 1 63 ALA 63 220 ?   ?   ?   A . n 
A 1 64 ASP 64 221 ?   ?   ?   A . n 
A 1 65 ILE 65 222 ?   ?   ?   A . n 
A 1 66 ILE 66 223 ?   ?   ?   A . n 
A 1 67 LYS 67 224 ?   ?   ?   A . n 
A 1 68 GLU 68 225 ?   ?   ?   A . n 
A 1 69 ALA 69 226 ?   ?   ?   A . n 
A 1 70 LYS 70 227 ?   ?   ?   A . n 
A 1 71 GLY 71 228 ?   ?   ?   A . n 
A 1 72 LYS 72 229 ?   ?   ?   A . n 
A 1 73 ALA 73 230 ?   ?   ?   A . n 
A 1 74 ALA 74 231 ?   ?   ?   A . n 
A 1 75 GLU 75 232 ?   ?   ?   A . n 
A 1 76 MET 76 233 ?   ?   ?   A . n 
A 1 77 MET 77 234 ?   ?   ?   A . n 
A 1 78 GLU 78 235 ?   ?   ?   A . n 
A 1 79 GLU 79 236 ?   ?   ?   A . n 
A 1 80 GLU 80 237 ?   ?   ?   A . n 
B 1 1  SER 1  158 ?   ?   ?   B . n 
B 1 2  ILE 2  159 ?   ?   ?   B . n 
B 1 3  LEU 3  160 ?   ?   ?   B . n 
B 1 4  THR 4  161 ?   ?   ?   B . n 
B 1 5  PHE 5  162 ?   ?   ?   B . n 
B 1 6  GLU 6  163 ?   ?   ?   B . n 
B 1 7  GLU 7  164 ?   ?   ?   B . n 
B 1 8  ARG 8  165 ?   ?   ?   B . n 
B 1 9  ASP 9  166 ?   ?   ?   B . n 
B 1 10 THR 10 167 ?   ?   ?   B . n 
B 1 11 SER 11 168 ?   ?   ?   B . n 
B 1 12 SER 12 169 ?   ?   ?   B . n 
B 1 13 LEU 13 170 170 LEU LEU B . n 
B 1 14 SER 14 171 171 SER SER B . n 
B 1 15 ILE 15 172 172 ILE ILE B . n 
B 1 16 GLU 16 173 173 GLU GLU B . n 
B 1 17 ALA 17 174 174 ALA ALA B . n 
B 1 18 ARG 18 175 175 ARG ARG B . n 
B 1 19 LEU 19 176 176 LEU LEU B . n 
B 1 20 GLU 20 177 177 GLU GLU B . n 
B 1 21 SER 21 178 178 SER SER B . n 
B 1 22 ILE 22 179 179 ILE ILE B . n 
B 1 23 GLU 23 180 180 GLU GLU B . n 
B 1 24 GLU 24 181 181 GLU GLU B . n 
B 1 25 LYS 25 182 182 LYS LYS B . n 
B 1 26 LEU 26 183 183 LEU LEU B . n 
B 1 27 SER 27 184 184 SER SER B . n 
B 1 28 MET 28 185 185 MET MET B . n 
B 1 29 ILE 29 186 186 ILE ILE B . n 
B 1 30 LEU 30 187 187 LEU LEU B . n 
B 1 31 GLY 31 188 188 GLY GLY B . n 
B 1 32 LEU 32 189 189 LEU LEU B . n 
B 1 33 LEU 33 190 190 LEU LEU B . n 
B 1 34 ARG 34 191 191 ARG ARG B . n 
B 1 35 THR 35 192 192 THR THR B . n 
B 1 36 LEU 36 193 193 LEU LEU B . n 
B 1 37 ASN 37 194 194 ASN ASN B . n 
B 1 38 ILE 38 195 ?   ?   ?   B . n 
B 1 39 ALA 39 196 ?   ?   ?   B . n 
B 1 40 THR 40 197 ?   ?   ?   B . n 
B 1 41 ALA 41 198 ?   ?   ?   B . n 
B 1 42 GLY 42 199 ?   ?   ?   B . n 
B 1 43 PRO 43 200 ?   ?   ?   B . n 
B 1 44 THR 44 201 ?   ?   ?   B . n 
B 1 45 ALA 45 202 ?   ?   ?   B . n 
B 1 46 ALA 46 203 ?   ?   ?   B . n 
B 1 47 ARG 47 204 ?   ?   ?   B . n 
B 1 48 ASP 48 205 ?   ?   ?   B . n 
B 1 49 GLY 49 206 ?   ?   ?   B . n 
B 1 50 ILE 50 207 ?   ?   ?   B . n 
B 1 51 ARG 51 208 ?   ?   ?   B . n 
B 1 52 ASP 52 209 ?   ?   ?   B . n 
B 1 53 ALA 53 210 ?   ?   ?   B . n 
B 1 54 MET 54 211 ?   ?   ?   B . n 
B 1 55 ILE 55 212 ?   ?   ?   B . n 
B 1 56 GLY 56 213 ?   ?   ?   B . n 
B 1 57 VAL 57 214 ?   ?   ?   B . n 
B 1 58 ARG 58 215 ?   ?   ?   B . n 
B 1 59 GLU 59 216 ?   ?   ?   B . n 
B 1 60 GLU 60 217 ?   ?   ?   B . n 
B 1 61 LEU 61 218 ?   ?   ?   B . n 
B 1 62 ILE 62 219 ?   ?   ?   B . n 
B 1 63 ALA 63 220 ?   ?   ?   B . n 
B 1 64 ASP 64 221 ?   ?   ?   B . n 
B 1 65 ILE 65 222 ?   ?   ?   B . n 
B 1 66 ILE 66 223 ?   ?   ?   B . n 
B 1 67 LYS 67 224 ?   ?   ?   B . n 
B 1 68 GLU 68 225 ?   ?   ?   B . n 
B 1 69 ALA 69 226 ?   ?   ?   B . n 
B 1 70 LYS 70 227 ?   ?   ?   B . n 
B 1 71 GLY 71 228 ?   ?   ?   B . n 
B 1 72 LYS 72 229 ?   ?   ?   B . n 
B 1 73 ALA 73 230 ?   ?   ?   B . n 
B 1 74 ALA 74 231 ?   ?   ?   B . n 
B 1 75 GLU 75 232 ?   ?   ?   B . n 
B 1 76 MET 76 233 ?   ?   ?   B . n 
B 1 77 MET 77 234 ?   ?   ?   B . n 
B 1 78 GLU 78 235 ?   ?   ?   B . n 
B 1 79 GLU 79 236 ?   ?   ?   B . n 
B 1 80 GLU 80 237 ?   ?   ?   B . n 
C 1 1  SER 1  158 ?   ?   ?   C . n 
C 1 2  ILE 2  159 ?   ?   ?   C . n 
C 1 3  LEU 3  160 ?   ?   ?   C . n 
C 1 4  THR 4  161 ?   ?   ?   C . n 
C 1 5  PHE 5  162 ?   ?   ?   C . n 
C 1 6  GLU 6  163 ?   ?   ?   C . n 
C 1 7  GLU 7  164 ?   ?   ?   C . n 
C 1 8  ARG 8  165 ?   ?   ?   C . n 
C 1 9  ASP 9  166 ?   ?   ?   C . n 
C 1 10 THR 10 167 ?   ?   ?   C . n 
C 1 11 SER 11 168 ?   ?   ?   C . n 
C 1 12 SER 12 169 169 SER SER C . n 
C 1 13 LEU 13 170 170 LEU LEU C . n 
C 1 14 SER 14 171 171 SER SER C . n 
C 1 15 ILE 15 172 172 ILE ILE C . n 
C 1 16 GLU 16 173 173 GLU GLU C . n 
C 1 17 ALA 17 174 174 ALA ALA C . n 
C 1 18 ARG 18 175 175 ARG ARG C . n 
C 1 19 LEU 19 176 176 LEU LEU C . n 
C 1 20 GLU 20 177 177 GLU GLU C . n 
C 1 21 SER 21 178 178 SER SER C . n 
C 1 22 ILE 22 179 179 ILE ILE C . n 
C 1 23 GLU 23 180 180 GLU GLU C . n 
C 1 24 GLU 24 181 181 GLU GLU C . n 
C 1 25 LYS 25 182 182 LYS LYS C . n 
C 1 26 LEU 26 183 183 LEU LEU C . n 
C 1 27 SER 27 184 184 SER SER C . n 
C 1 28 MET 28 185 185 MET MET C . n 
C 1 29 ILE 29 186 186 ILE ILE C . n 
C 1 30 LEU 30 187 187 LEU LEU C . n 
C 1 31 GLY 31 188 188 GLY GLY C . n 
C 1 32 LEU 32 189 189 LEU LEU C . n 
C 1 33 LEU 33 190 190 LEU LEU C . n 
C 1 34 ARG 34 191 191 ARG ARG C . n 
C 1 35 THR 35 192 192 THR THR C . n 
C 1 36 LEU 36 193 193 LEU LEU C . n 
C 1 37 ASN 37 194 ?   ?   ?   C . n 
C 1 38 ILE 38 195 ?   ?   ?   C . n 
C 1 39 ALA 39 196 ?   ?   ?   C . n 
C 1 40 THR 40 197 ?   ?   ?   C . n 
C 1 41 ALA 41 198 ?   ?   ?   C . n 
C 1 42 GLY 42 199 ?   ?   ?   C . n 
C 1 43 PRO 43 200 ?   ?   ?   C . n 
C 1 44 THR 44 201 ?   ?   ?   C . n 
C 1 45 ALA 45 202 ?   ?   ?   C . n 
C 1 46 ALA 46 203 ?   ?   ?   C . n 
C 1 47 ARG 47 204 ?   ?   ?   C . n 
C 1 48 ASP 48 205 ?   ?   ?   C . n 
C 1 49 GLY 49 206 ?   ?   ?   C . n 
C 1 50 ILE 50 207 ?   ?   ?   C . n 
C 1 51 ARG 51 208 ?   ?   ?   C . n 
C 1 52 ASP 52 209 ?   ?   ?   C . n 
C 1 53 ALA 53 210 ?   ?   ?   C . n 
C 1 54 MET 54 211 ?   ?   ?   C . n 
C 1 55 ILE 55 212 ?   ?   ?   C . n 
C 1 56 GLY 56 213 ?   ?   ?   C . n 
C 1 57 VAL 57 214 ?   ?   ?   C . n 
C 1 58 ARG 58 215 ?   ?   ?   C . n 
C 1 59 GLU 59 216 ?   ?   ?   C . n 
C 1 60 GLU 60 217 ?   ?   ?   C . n 
C 1 61 LEU 61 218 ?   ?   ?   C . n 
C 1 62 ILE 62 219 ?   ?   ?   C . n 
C 1 63 ALA 63 220 ?   ?   ?   C . n 
C 1 64 ASP 64 221 ?   ?   ?   C . n 
C 1 65 ILE 65 222 ?   ?   ?   C . n 
C 1 66 ILE 66 223 ?   ?   ?   C . n 
C 1 67 LYS 67 224 ?   ?   ?   C . n 
C 1 68 GLU 68 225 ?   ?   ?   C . n 
C 1 69 ALA 69 226 ?   ?   ?   C . n 
C 1 70 LYS 70 227 ?   ?   ?   C . n 
C 1 71 GLY 71 228 ?   ?   ?   C . n 
C 1 72 LYS 72 229 ?   ?   ?   C . n 
C 1 73 ALA 73 230 ?   ?   ?   C . n 
C 1 74 ALA 74 231 ?   ?   ?   C . n 
C 1 75 GLU 75 232 ?   ?   ?   C . n 
C 1 76 MET 76 233 ?   ?   ?   C . n 
C 1 77 MET 77 234 ?   ?   ?   C . n 
C 1 78 GLU 78 235 ?   ?   ?   C . n 
C 1 79 GLU 79 236 ?   ?   ?   C . n 
C 1 80 GLU 80 237 ?   ?   ?   C . n 
D 1 1  SER 1  158 ?   ?   ?   D . n 
D 1 2  ILE 2  159 ?   ?   ?   D . n 
D 1 3  LEU 3  160 ?   ?   ?   D . n 
D 1 4  THR 4  161 ?   ?   ?   D . n 
D 1 5  PHE 5  162 ?   ?   ?   D . n 
D 1 6  GLU 6  163 ?   ?   ?   D . n 
D 1 7  GLU 7  164 ?   ?   ?   D . n 
D 1 8  ARG 8  165 ?   ?   ?   D . n 
D 1 9  ASP 9  166 ?   ?   ?   D . n 
D 1 10 THR 10 167 ?   ?   ?   D . n 
D 1 11 SER 11 168 ?   ?   ?   D . n 
D 1 12 SER 12 169 169 SER SER D . n 
D 1 13 LEU 13 170 170 LEU LEU D . n 
D 1 14 SER 14 171 171 SER SER D . n 
D 1 15 ILE 15 172 172 ILE ILE D . n 
D 1 16 GLU 16 173 173 GLU GLU D . n 
D 1 17 ALA 17 174 174 ALA ALA D . n 
D 1 18 ARG 18 175 175 ARG ARG D . n 
D 1 19 LEU 19 176 176 LEU LEU D . n 
D 1 20 GLU 20 177 177 GLU GLU D . n 
D 1 21 SER 21 178 178 SER SER D . n 
D 1 22 ILE 22 179 179 ILE ILE D . n 
D 1 23 GLU 23 180 180 GLU GLU D . n 
D 1 24 GLU 24 181 181 GLU GLU D . n 
D 1 25 LYS 25 182 182 LYS LYS D . n 
D 1 26 LEU 26 183 183 LEU LEU D . n 
D 1 27 SER 27 184 184 SER SER D . n 
D 1 28 MET 28 185 185 MET MET D . n 
D 1 29 ILE 29 186 186 ILE ILE D . n 
D 1 30 LEU 30 187 187 LEU LEU D . n 
D 1 31 GLY 31 188 188 GLY GLY D . n 
D 1 32 LEU 32 189 189 LEU LEU D . n 
D 1 33 LEU 33 190 190 LEU LEU D . n 
D 1 34 ARG 34 191 191 ARG ARG D . n 
D 1 35 THR 35 192 192 THR THR D . n 
D 1 36 LEU 36 193 193 LEU LEU D . n 
D 1 37 ASN 37 194 194 ASN ASN D . n 
D 1 38 ILE 38 195 ?   ?   ?   D . n 
D 1 39 ALA 39 196 ?   ?   ?   D . n 
D 1 40 THR 40 197 ?   ?   ?   D . n 
D 1 41 ALA 41 198 ?   ?   ?   D . n 
D 1 42 GLY 42 199 ?   ?   ?   D . n 
D 1 43 PRO 43 200 ?   ?   ?   D . n 
D 1 44 THR 44 201 ?   ?   ?   D . n 
D 1 45 ALA 45 202 ?   ?   ?   D . n 
D 1 46 ALA 46 203 ?   ?   ?   D . n 
D 1 47 ARG 47 204 ?   ?   ?   D . n 
D 1 48 ASP 48 205 ?   ?   ?   D . n 
D 1 49 GLY 49 206 ?   ?   ?   D . n 
D 1 50 ILE 50 207 ?   ?   ?   D . n 
D 1 51 ARG 51 208 ?   ?   ?   D . n 
D 1 52 ASP 52 209 ?   ?   ?   D . n 
D 1 53 ALA 53 210 ?   ?   ?   D . n 
D 1 54 MET 54 211 ?   ?   ?   D . n 
D 1 55 ILE 55 212 ?   ?   ?   D . n 
D 1 56 GLY 56 213 ?   ?   ?   D . n 
D 1 57 VAL 57 214 ?   ?   ?   D . n 
D 1 58 ARG 58 215 ?   ?   ?   D . n 
D 1 59 GLU 59 216 ?   ?   ?   D . n 
D 1 60 GLU 60 217 ?   ?   ?   D . n 
D 1 61 LEU 61 218 ?   ?   ?   D . n 
D 1 62 ILE 62 219 ?   ?   ?   D . n 
D 1 63 ALA 63 220 ?   ?   ?   D . n 
D 1 64 ASP 64 221 ?   ?   ?   D . n 
D 1 65 ILE 65 222 ?   ?   ?   D . n 
D 1 66 ILE 66 223 ?   ?   ?   D . n 
D 1 67 LYS 67 224 ?   ?   ?   D . n 
D 1 68 GLU 68 225 ?   ?   ?   D . n 
D 1 69 ALA 69 226 ?   ?   ?   D . n 
D 1 70 LYS 70 227 ?   ?   ?   D . n 
D 1 71 GLY 71 228 ?   ?   ?   D . n 
D 1 72 LYS 72 229 ?   ?   ?   D . n 
D 1 73 ALA 73 230 ?   ?   ?   D . n 
D 1 74 ALA 74 231 ?   ?   ?   D . n 
D 1 75 GLU 75 232 ?   ?   ?   D . n 
D 1 76 MET 76 233 ?   ?   ?   D . n 
D 1 77 MET 77 234 ?   ?   ?   D . n 
D 1 78 GLU 78 235 ?   ?   ?   D . n 
D 1 79 GLU 79 236 ?   ?   ?   D . n 
D 1 80 GLU 80 237 ?   ?   ?   D . n 
E 1 1  SER 1  158 ?   ?   ?   E . n 
E 1 2  ILE 2  159 ?   ?   ?   E . n 
E 1 3  LEU 3  160 ?   ?   ?   E . n 
E 1 4  THR 4  161 ?   ?   ?   E . n 
E 1 5  PHE 5  162 ?   ?   ?   E . n 
E 1 6  GLU 6  163 ?   ?   ?   E . n 
E 1 7  GLU 7  164 ?   ?   ?   E . n 
E 1 8  ARG 8  165 ?   ?   ?   E . n 
E 1 9  ASP 9  166 ?   ?   ?   E . n 
E 1 10 THR 10 167 ?   ?   ?   E . n 
E 1 11 SER 11 168 ?   ?   ?   E . n 
E 1 12 SER 12 169 ?   ?   ?   E . n 
E 1 13 LEU 13 170 170 LEU LEU E . n 
E 1 14 SER 14 171 171 SER SER E . n 
E 1 15 ILE 15 172 172 ILE ILE E . n 
E 1 16 GLU 16 173 173 GLU GLU E . n 
E 1 17 ALA 17 174 174 ALA ALA E . n 
E 1 18 ARG 18 175 175 ARG ARG E . n 
E 1 19 LEU 19 176 176 LEU LEU E . n 
E 1 20 GLU 20 177 177 GLU GLU E . n 
E 1 21 SER 21 178 178 SER SER E . n 
E 1 22 ILE 22 179 179 ILE ILE E . n 
E 1 23 GLU 23 180 180 GLU GLU E . n 
E 1 24 GLU 24 181 181 GLU GLU E . n 
E 1 25 LYS 25 182 182 LYS LYS E . n 
E 1 26 LEU 26 183 183 LEU LEU E . n 
E 1 27 SER 27 184 184 SER SER E . n 
E 1 28 MET 28 185 185 MET MET E . n 
E 1 29 ILE 29 186 186 ILE ILE E . n 
E 1 30 LEU 30 187 187 LEU LEU E . n 
E 1 31 GLY 31 188 188 GLY GLY E . n 
E 1 32 LEU 32 189 189 LEU LEU E . n 
E 1 33 LEU 33 190 190 LEU LEU E . n 
E 1 34 ARG 34 191 191 ARG ARG E . n 
E 1 35 THR 35 192 192 THR THR E . n 
E 1 36 LEU 36 193 193 LEU LEU E . n 
E 1 37 ASN 37 194 194 ASN ASN E . n 
E 1 38 ILE 38 195 ?   ?   ?   E . n 
E 1 39 ALA 39 196 ?   ?   ?   E . n 
E 1 40 THR 40 197 ?   ?   ?   E . n 
E 1 41 ALA 41 198 ?   ?   ?   E . n 
E 1 42 GLY 42 199 ?   ?   ?   E . n 
E 1 43 PRO 43 200 ?   ?   ?   E . n 
E 1 44 THR 44 201 ?   ?   ?   E . n 
E 1 45 ALA 45 202 ?   ?   ?   E . n 
E 1 46 ALA 46 203 ?   ?   ?   E . n 
E 1 47 ARG 47 204 ?   ?   ?   E . n 
E 1 48 ASP 48 205 ?   ?   ?   E . n 
E 1 49 GLY 49 206 ?   ?   ?   E . n 
E 1 50 ILE 50 207 ?   ?   ?   E . n 
E 1 51 ARG 51 208 ?   ?   ?   E . n 
E 1 52 ASP 52 209 ?   ?   ?   E . n 
E 1 53 ALA 53 210 ?   ?   ?   E . n 
E 1 54 MET 54 211 ?   ?   ?   E . n 
E 1 55 ILE 55 212 ?   ?   ?   E . n 
E 1 56 GLY 56 213 ?   ?   ?   E . n 
E 1 57 VAL 57 214 ?   ?   ?   E . n 
E 1 58 ARG 58 215 ?   ?   ?   E . n 
E 1 59 GLU 59 216 ?   ?   ?   E . n 
E 1 60 GLU 60 217 ?   ?   ?   E . n 
E 1 61 LEU 61 218 ?   ?   ?   E . n 
E 1 62 ILE 62 219 ?   ?   ?   E . n 
E 1 63 ALA 63 220 ?   ?   ?   E . n 
E 1 64 ASP 64 221 ?   ?   ?   E . n 
E 1 65 ILE 65 222 ?   ?   ?   E . n 
E 1 66 ILE 66 223 ?   ?   ?   E . n 
E 1 67 LYS 67 224 ?   ?   ?   E . n 
E 1 68 GLU 68 225 ?   ?   ?   E . n 
E 1 69 ALA 69 226 ?   ?   ?   E . n 
E 1 70 LYS 70 227 ?   ?   ?   E . n 
E 1 71 GLY 71 228 ?   ?   ?   E . n 
E 1 72 LYS 72 229 ?   ?   ?   E . n 
E 1 73 ALA 73 230 ?   ?   ?   E . n 
E 1 74 ALA 74 231 ?   ?   ?   E . n 
E 1 75 GLU 75 232 ?   ?   ?   E . n 
E 1 76 MET 76 233 ?   ?   ?   E . n 
E 1 77 MET 77 234 ?   ?   ?   E . n 
E 1 78 GLU 78 235 ?   ?   ?   E . n 
E 1 79 GLU 79 236 ?   ?   ?   E . n 
E 1 80 GLU 80 237 ?   ?   ?   E . n 
F 1 1  SER 1  158 ?   ?   ?   F . n 
F 1 2  ILE 2  159 ?   ?   ?   F . n 
F 1 3  LEU 3  160 ?   ?   ?   F . n 
F 1 4  THR 4  161 ?   ?   ?   F . n 
F 1 5  PHE 5  162 ?   ?   ?   F . n 
F 1 6  GLU 6  163 ?   ?   ?   F . n 
F 1 7  GLU 7  164 ?   ?   ?   F . n 
F 1 8  ARG 8  165 ?   ?   ?   F . n 
F 1 9  ASP 9  166 ?   ?   ?   F . n 
F 1 10 THR 10 167 ?   ?   ?   F . n 
F 1 11 SER 11 168 ?   ?   ?   F . n 
F 1 12 SER 12 169 ?   ?   ?   F . n 
F 1 13 LEU 13 170 170 LEU LEU F . n 
F 1 14 SER 14 171 171 SER SER F . n 
F 1 15 ILE 15 172 172 ILE ILE F . n 
F 1 16 GLU 16 173 173 GLU GLU F . n 
F 1 17 ALA 17 174 174 ALA ALA F . n 
F 1 18 ARG 18 175 175 ARG ARG F . n 
F 1 19 LEU 19 176 176 LEU LEU F . n 
F 1 20 GLU 20 177 177 GLU GLU F . n 
F 1 21 SER 21 178 178 SER SER F . n 
F 1 22 ILE 22 179 179 ILE ILE F . n 
F 1 23 GLU 23 180 180 GLU GLU F . n 
F 1 24 GLU 24 181 181 GLU GLU F . n 
F 1 25 LYS 25 182 182 LYS LYS F . n 
F 1 26 LEU 26 183 183 LEU LEU F . n 
F 1 27 SER 27 184 184 SER SER F . n 
F 1 28 MET 28 185 185 MET MET F . n 
F 1 29 ILE 29 186 186 ILE ILE F . n 
F 1 30 LEU 30 187 187 LEU LEU F . n 
F 1 31 GLY 31 188 188 GLY GLY F . n 
F 1 32 LEU 32 189 189 LEU LEU F . n 
F 1 33 LEU 33 190 190 LEU LEU F . n 
F 1 34 ARG 34 191 191 ARG ARG F . n 
F 1 35 THR 35 192 192 THR THR F . n 
F 1 36 LEU 36 193 193 LEU LEU F . n 
F 1 37 ASN 37 194 194 ASN ASN F . n 
F 1 38 ILE 38 195 ?   ?   ?   F . n 
F 1 39 ALA 39 196 ?   ?   ?   F . n 
F 1 40 THR 40 197 ?   ?   ?   F . n 
F 1 41 ALA 41 198 ?   ?   ?   F . n 
F 1 42 GLY 42 199 ?   ?   ?   F . n 
F 1 43 PRO 43 200 ?   ?   ?   F . n 
F 1 44 THR 44 201 ?   ?   ?   F . n 
F 1 45 ALA 45 202 ?   ?   ?   F . n 
F 1 46 ALA 46 203 ?   ?   ?   F . n 
F 1 47 ARG 47 204 ?   ?   ?   F . n 
F 1 48 ASP 48 205 ?   ?   ?   F . n 
F 1 49 GLY 49 206 ?   ?   ?   F . n 
F 1 50 ILE 50 207 ?   ?   ?   F . n 
F 1 51 ARG 51 208 ?   ?   ?   F . n 
F 1 52 ASP 52 209 ?   ?   ?   F . n 
F 1 53 ALA 53 210 ?   ?   ?   F . n 
F 1 54 MET 54 211 ?   ?   ?   F . n 
F 1 55 ILE 55 212 ?   ?   ?   F . n 
F 1 56 GLY 56 213 ?   ?   ?   F . n 
F 1 57 VAL 57 214 ?   ?   ?   F . n 
F 1 58 ARG 58 215 ?   ?   ?   F . n 
F 1 59 GLU 59 216 ?   ?   ?   F . n 
F 1 60 GLU 60 217 ?   ?   ?   F . n 
F 1 61 LEU 61 218 ?   ?   ?   F . n 
F 1 62 ILE 62 219 ?   ?   ?   F . n 
F 1 63 ALA 63 220 ?   ?   ?   F . n 
F 1 64 ASP 64 221 ?   ?   ?   F . n 
F 1 65 ILE 65 222 ?   ?   ?   F . n 
F 1 66 ILE 66 223 ?   ?   ?   F . n 
F 1 67 LYS 67 224 ?   ?   ?   F . n 
F 1 68 GLU 68 225 ?   ?   ?   F . n 
F 1 69 ALA 69 226 ?   ?   ?   F . n 
F 1 70 LYS 70 227 ?   ?   ?   F . n 
F 1 71 GLY 71 228 ?   ?   ?   F . n 
F 1 72 LYS 72 229 ?   ?   ?   F . n 
F 1 73 ALA 73 230 ?   ?   ?   F . n 
F 1 74 ALA 74 231 ?   ?   ?   F . n 
F 1 75 GLU 75 232 ?   ?   ?   F . n 
F 1 76 MET 76 233 ?   ?   ?   F . n 
F 1 77 MET 77 234 ?   ?   ?   F . n 
F 1 78 GLU 78 235 ?   ?   ?   F . n 
F 1 79 GLU 79 236 ?   ?   ?   F . n 
F 1 80 GLU 80 237 ?   ?   ?   F . n 
G 1 1  SER 1  158 ?   ?   ?   G . n 
G 1 2  ILE 2  159 ?   ?   ?   G . n 
G 1 3  LEU 3  160 ?   ?   ?   G . n 
G 1 4  THR 4  161 ?   ?   ?   G . n 
G 1 5  PHE 5  162 ?   ?   ?   G . n 
G 1 6  GLU 6  163 ?   ?   ?   G . n 
G 1 7  GLU 7  164 ?   ?   ?   G . n 
G 1 8  ARG 8  165 ?   ?   ?   G . n 
G 1 9  ASP 9  166 ?   ?   ?   G . n 
G 1 10 THR 10 167 ?   ?   ?   G . n 
G 1 11 SER 11 168 168 SER SER G . n 
G 1 12 SER 12 169 169 SER SER G . n 
G 1 13 LEU 13 170 170 LEU LEU G . n 
G 1 14 SER 14 171 171 SER SER G . n 
G 1 15 ILE 15 172 172 ILE ILE G . n 
G 1 16 GLU 16 173 173 GLU GLU G . n 
G 1 17 ALA 17 174 174 ALA ALA G . n 
G 1 18 ARG 18 175 175 ARG ARG G . n 
G 1 19 LEU 19 176 176 LEU LEU G . n 
G 1 20 GLU 20 177 177 GLU GLU G . n 
G 1 21 SER 21 178 178 SER SER G . n 
G 1 22 ILE 22 179 179 ILE ILE G . n 
G 1 23 GLU 23 180 180 GLU GLU G . n 
G 1 24 GLU 24 181 181 GLU GLU G . n 
G 1 25 LYS 25 182 182 LYS LYS G . n 
G 1 26 LEU 26 183 183 LEU LEU G . n 
G 1 27 SER 27 184 184 SER SER G . n 
G 1 28 MET 28 185 185 MET MET G . n 
G 1 29 ILE 29 186 186 ILE ILE G . n 
G 1 30 LEU 30 187 187 LEU LEU G . n 
G 1 31 GLY 31 188 188 GLY GLY G . n 
G 1 32 LEU 32 189 189 LEU LEU G . n 
G 1 33 LEU 33 190 190 LEU LEU G . n 
G 1 34 ARG 34 191 191 ARG ARG G . n 
G 1 35 THR 35 192 192 THR THR G . n 
G 1 36 LEU 36 193 193 LEU LEU G . n 
G 1 37 ASN 37 194 ?   ?   ?   G . n 
G 1 38 ILE 38 195 ?   ?   ?   G . n 
G 1 39 ALA 39 196 ?   ?   ?   G . n 
G 1 40 THR 40 197 ?   ?   ?   G . n 
G 1 41 ALA 41 198 ?   ?   ?   G . n 
G 1 42 GLY 42 199 ?   ?   ?   G . n 
G 1 43 PRO 43 200 ?   ?   ?   G . n 
G 1 44 THR 44 201 ?   ?   ?   G . n 
G 1 45 ALA 45 202 ?   ?   ?   G . n 
G 1 46 ALA 46 203 ?   ?   ?   G . n 
G 1 47 ARG 47 204 ?   ?   ?   G . n 
G 1 48 ASP 48 205 ?   ?   ?   G . n 
G 1 49 GLY 49 206 ?   ?   ?   G . n 
G 1 50 ILE 50 207 ?   ?   ?   G . n 
G 1 51 ARG 51 208 ?   ?   ?   G . n 
G 1 52 ASP 52 209 ?   ?   ?   G . n 
G 1 53 ALA 53 210 ?   ?   ?   G . n 
G 1 54 MET 54 211 ?   ?   ?   G . n 
G 1 55 ILE 55 212 ?   ?   ?   G . n 
G 1 56 GLY 56 213 ?   ?   ?   G . n 
G 1 57 VAL 57 214 ?   ?   ?   G . n 
G 1 58 ARG 58 215 ?   ?   ?   G . n 
G 1 59 GLU 59 216 ?   ?   ?   G . n 
G 1 60 GLU 60 217 ?   ?   ?   G . n 
G 1 61 LEU 61 218 ?   ?   ?   G . n 
G 1 62 ILE 62 219 ?   ?   ?   G . n 
G 1 63 ALA 63 220 ?   ?   ?   G . n 
G 1 64 ASP 64 221 ?   ?   ?   G . n 
G 1 65 ILE 65 222 ?   ?   ?   G . n 
G 1 66 ILE 66 223 ?   ?   ?   G . n 
G 1 67 LYS 67 224 ?   ?   ?   G . n 
G 1 68 GLU 68 225 ?   ?   ?   G . n 
G 1 69 ALA 69 226 ?   ?   ?   G . n 
G 1 70 LYS 70 227 ?   ?   ?   G . n 
G 1 71 GLY 71 228 ?   ?   ?   G . n 
G 1 72 LYS 72 229 ?   ?   ?   G . n 
G 1 73 ALA 73 230 ?   ?   ?   G . n 
G 1 74 ALA 74 231 ?   ?   ?   G . n 
G 1 75 GLU 75 232 ?   ?   ?   G . n 
G 1 76 MET 76 233 ?   ?   ?   G . n 
G 1 77 MET 77 234 ?   ?   ?   G . n 
G 1 78 GLU 78 235 ?   ?   ?   G . n 
G 1 79 GLU 79 236 ?   ?   ?   G . n 
G 1 80 GLU 80 237 ?   ?   ?   G . n 
H 1 1  SER 1  158 ?   ?   ?   H . n 
H 1 2  ILE 2  159 ?   ?   ?   H . n 
H 1 3  LEU 3  160 ?   ?   ?   H . n 
H 1 4  THR 4  161 ?   ?   ?   H . n 
H 1 5  PHE 5  162 ?   ?   ?   H . n 
H 1 6  GLU 6  163 ?   ?   ?   H . n 
H 1 7  GLU 7  164 ?   ?   ?   H . n 
H 1 8  ARG 8  165 ?   ?   ?   H . n 
H 1 9  ASP 9  166 ?   ?   ?   H . n 
H 1 10 THR 10 167 ?   ?   ?   H . n 
H 1 11 SER 11 168 ?   ?   ?   H . n 
H 1 12 SER 12 169 ?   ?   ?   H . n 
H 1 13 LEU 13 170 ?   ?   ?   H . n 
H 1 14 SER 14 171 171 SER SER H . n 
H 1 15 ILE 15 172 172 ILE ILE H . n 
H 1 16 GLU 16 173 173 GLU GLU H . n 
H 1 17 ALA 17 174 174 ALA ALA H . n 
H 1 18 ARG 18 175 175 ARG ARG H . n 
H 1 19 LEU 19 176 176 LEU LEU H . n 
H 1 20 GLU 20 177 177 GLU GLU H . n 
H 1 21 SER 21 178 178 SER SER H . n 
H 1 22 ILE 22 179 179 ILE ILE H . n 
H 1 23 GLU 23 180 180 GLU GLU H . n 
H 1 24 GLU 24 181 181 GLU GLU H . n 
H 1 25 LYS 25 182 182 LYS LYS H . n 
H 1 26 LEU 26 183 183 LEU LEU H . n 
H 1 27 SER 27 184 184 SER SER H . n 
H 1 28 MET 28 185 185 MET MET H . n 
H 1 29 ILE 29 186 186 ILE ILE H . n 
H 1 30 LEU 30 187 187 LEU LEU H . n 
H 1 31 GLY 31 188 188 GLY GLY H . n 
H 1 32 LEU 32 189 189 LEU LEU H . n 
H 1 33 LEU 33 190 190 LEU LEU H . n 
H 1 34 ARG 34 191 191 ARG ARG H . n 
H 1 35 THR 35 192 192 THR THR H . n 
H 1 36 LEU 36 193 193 LEU LEU H . n 
H 1 37 ASN 37 194 ?   ?   ?   H . n 
H 1 38 ILE 38 195 ?   ?   ?   H . n 
H 1 39 ALA 39 196 ?   ?   ?   H . n 
H 1 40 THR 40 197 ?   ?   ?   H . n 
H 1 41 ALA 41 198 ?   ?   ?   H . n 
H 1 42 GLY 42 199 ?   ?   ?   H . n 
H 1 43 PRO 43 200 ?   ?   ?   H . n 
H 1 44 THR 44 201 ?   ?   ?   H . n 
H 1 45 ALA 45 202 ?   ?   ?   H . n 
H 1 46 ALA 46 203 ?   ?   ?   H . n 
H 1 47 ARG 47 204 ?   ?   ?   H . n 
H 1 48 ASP 48 205 ?   ?   ?   H . n 
H 1 49 GLY 49 206 ?   ?   ?   H . n 
H 1 50 ILE 50 207 ?   ?   ?   H . n 
H 1 51 ARG 51 208 ?   ?   ?   H . n 
H 1 52 ASP 52 209 ?   ?   ?   H . n 
H 1 53 ALA 53 210 ?   ?   ?   H . n 
H 1 54 MET 54 211 ?   ?   ?   H . n 
H 1 55 ILE 55 212 ?   ?   ?   H . n 
H 1 56 GLY 56 213 ?   ?   ?   H . n 
H 1 57 VAL 57 214 ?   ?   ?   H . n 
H 1 58 ARG 58 215 ?   ?   ?   H . n 
H 1 59 GLU 59 216 ?   ?   ?   H . n 
H 1 60 GLU 60 217 ?   ?   ?   H . n 
H 1 61 LEU 61 218 ?   ?   ?   H . n 
H 1 62 ILE 62 219 ?   ?   ?   H . n 
H 1 63 ALA 63 220 ?   ?   ?   H . n 
H 1 64 ASP 64 221 ?   ?   ?   H . n 
H 1 65 ILE 65 222 ?   ?   ?   H . n 
H 1 66 ILE 66 223 ?   ?   ?   H . n 
H 1 67 LYS 67 224 ?   ?   ?   H . n 
H 1 68 GLU 68 225 ?   ?   ?   H . n 
H 1 69 ALA 69 226 ?   ?   ?   H . n 
H 1 70 LYS 70 227 ?   ?   ?   H . n 
H 1 71 GLY 71 228 ?   ?   ?   H . n 
H 1 72 LYS 72 229 ?   ?   ?   H . n 
H 1 73 ALA 73 230 ?   ?   ?   H . n 
H 1 74 ALA 74 231 ?   ?   ?   H . n 
H 1 75 GLU 75 232 ?   ?   ?   H . n 
H 1 76 MET 76 233 ?   ?   ?   H . n 
H 1 77 MET 77 234 ?   ?   ?   H . n 
H 1 78 GLU 78 235 ?   ?   ?   H . n 
H 1 79 GLU 79 236 ?   ?   ?   H . n 
H 1 80 GLU 80 237 ?   ?   ?   H . n 
# 
loop_
_software.name 
_software.classification 
_software.version 
_software.citation_id 
_software.pdbx_ordinal 
BUSTER refinement       2.11.2 ? 1 
xia2   'data reduction' .      ? 2 
xia2   'data scaling'   .      ? 3 
PHASER phasing          .      ? 4 
# 
_cell.entry_id           4BXT 
_cell.length_a           66.910 
_cell.length_b           48.520 
_cell.length_c           64.450 
_cell.angle_alpha        90.00 
_cell.angle_beta         90.00 
_cell.angle_gamma        90.00 
_cell.Z_PDB              32 
_cell.pdbx_unique_axis   ? 
# 
_symmetry.entry_id                         4BXT 
_symmetry.space_group_name_H-M             'P 21 21 21' 
_symmetry.pdbx_full_space_group_name_H-M   ? 
_symmetry.cell_setting                     ? 
_symmetry.Int_Tables_number                19 
# 
_exptl.entry_id          4BXT 
_exptl.method            'X-RAY DIFFRACTION' 
_exptl.crystals_number   1 
# 
_exptl_crystal.id                    1 
_exptl_crystal.density_meas          ? 
_exptl_crystal.density_Matthews      2.40 
_exptl_crystal.density_percent_sol   39.7 
_exptl_crystal.description           NONE 
# 
_exptl_crystal_grow.crystal_id      1 
_exptl_crystal_grow.method          ? 
_exptl_crystal_grow.temp            ? 
_exptl_crystal_grow.temp_details    ? 
_exptl_crystal_grow.pH              7.5 
_exptl_crystal_grow.pdbx_pH_range   ? 
_exptl_crystal_grow.pdbx_details    '25 % PEG 3350, 100 MM HEPES PH 7.5' 
# 
_diffrn.id                     1 
_diffrn.ambient_temp           100 
_diffrn.ambient_temp_details   ? 
_diffrn.crystal_id             1 
# 
_diffrn_detector.diffrn_id              1 
_diffrn_detector.detector               PIXEL 
_diffrn_detector.type                   'DECTRIS PILATUS 6M' 
_diffrn_detector.pdbx_collection_date   2013-05-22 
_diffrn_detector.details                ? 
# 
_diffrn_radiation.diffrn_id                        1 
_diffrn_radiation.wavelength_id                    1 
_diffrn_radiation.pdbx_monochromatic_or_laue_m_l   M 
_diffrn_radiation.monochromator                    'DOUBLE CRYSTAL MONOCHROMATOR' 
_diffrn_radiation.pdbx_diffrn_protocol             'SINGLE WAVELENGTH' 
_diffrn_radiation.pdbx_scattering_type             x-ray 
# 
_diffrn_radiation_wavelength.id           1 
_diffrn_radiation_wavelength.wavelength   0.92001 
_diffrn_radiation_wavelength.wt           1.0 
# 
_diffrn_source.diffrn_id                   1 
_diffrn_source.source                      SYNCHROTRON 
_diffrn_source.type                        'DIAMOND BEAMLINE I04' 
_diffrn_source.pdbx_synchrotron_site       Diamond 
_diffrn_source.pdbx_synchrotron_beamline   I04 
_diffrn_source.pdbx_wavelength             0.92001 
_diffrn_source.pdbx_wavelength_list        ? 
# 
_reflns.pdbx_diffrn_id               1 
_reflns.pdbx_ordinal                 1 
_reflns.entry_id                     4BXT 
_reflns.observed_criterion_sigma_I   1.5 
_reflns.observed_criterion_sigma_F   ? 
_reflns.d_resolution_low             66.91 
_reflns.d_resolution_high            3.13 
_reflns.number_obs                   3602 
_reflns.number_all                   ? 
_reflns.percent_possible_obs         90.3 
_reflns.pdbx_Rmerge_I_obs            0.35 
_reflns.pdbx_Rsym_value              ? 
_reflns.pdbx_netI_over_sigmaI        6.40 
_reflns.B_iso_Wilson_estimate        77.44 
_reflns.pdbx_redundancy              10.5 
# 
_reflns_shell.pdbx_diffrn_id         1 
_reflns_shell.pdbx_ordinal           1 
_reflns_shell.d_res_high             3.13 
_reflns_shell.d_res_low              3.21 
_reflns_shell.percent_possible_all   57.1 
_reflns_shell.Rmerge_I_obs           1.35 
_reflns_shell.pdbx_Rsym_value        ? 
_reflns_shell.meanI_over_sigI_obs    1.40 
_reflns_shell.pdbx_redundancy        6.1 
# 
_refine.pdbx_refine_id                           'X-RAY DIFFRACTION' 
_refine.entry_id                                 4BXT 
_refine.pdbx_diffrn_id                           1 
_refine.pdbx_TLS_residual_ADP_flag               ? 
_refine.ls_number_reflns_obs                     3577 
_refine.ls_number_reflns_all                     ? 
_refine.pdbx_ls_sigma_I                          ? 
_refine.pdbx_ls_sigma_F                          0.0 
_refine.pdbx_data_cutoff_high_absF               ? 
_refine.pdbx_data_cutoff_low_absF                ? 
_refine.pdbx_data_cutoff_high_rms_absF           ? 
_refine.ls_d_res_low                             46.42 
_refine.ls_d_res_high                            3.13 
_refine.ls_percent_reflns_obs                    89.56 
_refine.ls_R_factor_obs                          0.2360 
_refine.ls_R_factor_all                          ? 
_refine.ls_R_factor_R_work                       0.2353 
_refine.ls_R_factor_R_free                       0.2523 
_refine.ls_R_factor_R_free_error                 ? 
_refine.ls_R_factor_R_free_error_details         ? 
_refine.ls_percent_reflns_R_free                 4.28 
_refine.ls_number_reflns_R_free                  153 
_refine.ls_number_parameters                     ? 
_refine.ls_number_restraints                     ? 
_refine.occupancy_min                            ? 
_refine.occupancy_max                            ? 
_refine.correlation_coeff_Fo_to_Fc               0.8587 
_refine.correlation_coeff_Fo_to_Fc_free          0.7759 
_refine.B_iso_mean                               53.43 
_refine.aniso_B[1][1]                            24.8674 
_refine.aniso_B[2][2]                            -25.6698 
_refine.aniso_B[3][3]                            0.8024 
_refine.aniso_B[1][2]                            0.0000 
_refine.aniso_B[1][3]                            0.0000 
_refine.aniso_B[2][3]                            0.0000 
_refine.solvent_model_details                    ? 
_refine.solvent_model_param_ksol                 ? 
_refine.solvent_model_param_bsol                 ? 
_refine.pdbx_solvent_vdw_probe_radii             ? 
_refine.pdbx_solvent_ion_probe_radii             ? 
_refine.pdbx_solvent_shrinkage_radii             ? 
_refine.pdbx_ls_cross_valid_method               THROUGHOUT 
_refine.details                                  ? 
_refine.pdbx_starting_model                      'SAXS-FILTERED ROSETTA FOLD-AND-DOCK AB INITIO MODEL' 
_refine.pdbx_method_to_determine_struct          'MOLECULAR REPLACEMENT' 
_refine.pdbx_isotropic_thermal_model             ? 
_refine.pdbx_stereochemistry_target_values       ? 
_refine.pdbx_stereochem_target_val_spec_case     ? 
_refine.pdbx_R_Free_selection_details            RANDOM 
_refine.pdbx_overall_ESU_R                       ? 
_refine.pdbx_overall_ESU_R_Free                  ? 
_refine.overall_SU_ML                            ? 
_refine.pdbx_overall_phase_error                 ? 
_refine.overall_SU_B                             ? 
_refine.overall_SU_R_Cruickshank_DPI             ? 
_refine.pdbx_overall_SU_R_free_Cruickshank_DPI   ? 
_refine.pdbx_overall_SU_R_Blow_DPI               ? 
_refine.pdbx_overall_SU_R_free_Blow_DPI          0.542 
# 
_refine_analyze.pdbx_refine_id                  'X-RAY DIFFRACTION' 
_refine_analyze.entry_id                        4BXT 
_refine_analyze.Luzzati_coordinate_error_obs    0.706 
_refine_analyze.Luzzati_sigma_a_obs             ? 
_refine_analyze.Luzzati_d_res_low_obs           ? 
_refine_analyze.Luzzati_coordinate_error_free   ? 
_refine_analyze.Luzzati_sigma_a_free            ? 
_refine_analyze.Luzzati_d_res_low_free          ? 
_refine_analyze.number_disordered_residues      ? 
_refine_analyze.occupancy_sum_hydrogen          ? 
_refine_analyze.occupancy_sum_non_hydrogen      ? 
# 
_refine_hist.pdbx_refine_id                   'X-RAY DIFFRACTION' 
_refine_hist.cycle_id                         LAST 
_refine_hist.pdbx_number_atoms_protein        1560 
_refine_hist.pdbx_number_atoms_nucleic_acid   0 
_refine_hist.pdbx_number_atoms_ligand         0 
_refine_hist.number_atoms_solvent             0 
_refine_hist.number_atoms_total               1560 
_refine_hist.d_res_high                       3.13 
_refine_hist.d_res_low                        46.42 
# 
loop_
_refine_ls_restr.type 
_refine_ls_restr.dev_ideal 
_refine_ls_restr.dev_ideal_target 
_refine_ls_restr.weight 
_refine_ls_restr.number 
_refine_ls_restr.pdbx_refine_id 
_refine_ls_restr.pdbx_restraint_function 
t_bond_d                  0.010 ? 2.00  1552 'X-RAY DIFFRACTION' HARMONIC     
t_angle_deg               1.29  ? 2.00  2065 'X-RAY DIFFRACTION' HARMONIC     
t_dihedral_angle_d        ?     ? 2.00  625  'X-RAY DIFFRACTION' SINUSOIDAL   
t_incorr_chiral_ct        ?     ? ?     ?    'X-RAY DIFFRACTION' ?            
t_pseud_angle             ?     ? ?     ?    'X-RAY DIFFRACTION' ?            
t_trig_c_planes           ?     ? 2.00  36   'X-RAY DIFFRACTION' HARMONIC     
t_gen_planes              ?     ? 5.00  207  'X-RAY DIFFRACTION' HARMONIC     
t_it                      ?     ? 20.00 1552 'X-RAY DIFFRACTION' HARMONIC     
t_nbd                     ?     ? ?     ?    'X-RAY DIFFRACTION' ?            
t_omega_torsion           2.06  ? ?     ?    'X-RAY DIFFRACTION' ?            
t_other_torsion           26.79 ? ?     ?    'X-RAY DIFFRACTION' ?            
t_improper_torsion        ?     ? ?     ?    'X-RAY DIFFRACTION' ?            
t_chiral_improper_torsion ?     ? 5.00  223  'X-RAY DIFFRACTION' SEMIHARMONIC 
t_sum_occupancies         ?     ? ?     ?    'X-RAY DIFFRACTION' ?            
t_utility_distance        ?     ? ?     ?    'X-RAY DIFFRACTION' ?            
t_utility_angle           ?     ? ?     ?    'X-RAY DIFFRACTION' ?            
t_utility_torsion         ?     ? ?     ?    'X-RAY DIFFRACTION' ?            
t_ideal_dist_contact      ?     ? 4.00  1867 'X-RAY DIFFRACTION' SEMIHARMONIC 
# 
_refine_ls_shell.pdbx_refine_id                   'X-RAY DIFFRACTION' 
_refine_ls_shell.pdbx_total_number_of_bins_used   5 
_refine_ls_shell.d_res_high                       3.13 
_refine_ls_shell.d_res_low                        3.50 
_refine_ls_shell.number_reflns_R_work             695 
_refine_ls_shell.R_factor_R_work                  0.2500 
_refine_ls_shell.percent_reflns_obs               89.56 
_refine_ls_shell.R_factor_R_free                  0.2421 
_refine_ls_shell.R_factor_R_free_error            ? 
_refine_ls_shell.percent_reflns_R_free            4.01 
_refine_ls_shell.number_reflns_R_free             29 
_refine_ls_shell.number_reflns_all                724 
_refine_ls_shell.R_factor_all                     0.2497 
# 
_struct_ncs_oper.id             1 
_struct_ncs_oper.code           given 
_struct_ncs_oper.details        ? 
_struct_ncs_oper.matrix[1][1]   0.29823568 
_struct_ncs_oper.matrix[1][2]   -0.47180275 
_struct_ncs_oper.matrix[1][3]   0.82973315 
_struct_ncs_oper.matrix[2][1]   -0.86284693 
_struct_ncs_oper.matrix[2][2]   0.23841491 
_struct_ncs_oper.matrix[2][3]   0.44570535 
_struct_ncs_oper.matrix[3][1]   -0.40810554 
_struct_ncs_oper.matrix[3][2]   -0.84885846 
_struct_ncs_oper.matrix[3][3]   -0.33598959 
_struct_ncs_oper.vector[1]      0.68093 
_struct_ncs_oper.vector[2]      -13.95524 
_struct_ncs_oper.vector[3]      5.78553 
# 
_struct.entry_id                  4BXT 
_struct.title                     'Crystal structure of the human metapneumovirus phosphoprotein tetramerization domain' 
_struct.pdbx_model_details        ? 
_struct.pdbx_CASP_flag            ? 
_struct.pdbx_model_type_details   ? 
# 
_struct_keywords.entry_id        4BXT 
_struct_keywords.pdbx_keywords   'VIRAL PROTEIN' 
_struct_keywords.text            'VIRAL PROTEIN, TETRAMERIC PARALLEL COILED COIL' 
# 
loop_
_struct_asym.id 
_struct_asym.pdbx_blank_PDB_chainid_flag 
_struct_asym.pdbx_modified 
_struct_asym.entity_id 
_struct_asym.details 
A N N 1 ? 
B N N 1 ? 
C N N 1 ? 
D N N 1 ? 
E N N 1 ? 
F N N 1 ? 
G N N 1 ? 
H N N 1 ? 
# 
_struct_ref.id                         1 
_struct_ref.db_name                    UNP 
_struct_ref.db_code                    Q91KZ5_9MONO 
_struct_ref.entity_id                  1 
_struct_ref.pdbx_seq_one_letter_code   ? 
_struct_ref.pdbx_align_begin           ? 
_struct_ref.pdbx_db_accession          Q91KZ5 
_struct_ref.pdbx_db_isoform            ? 
# 
loop_
_struct_ref_seq.align_id 
_struct_ref_seq.ref_id 
_struct_ref_seq.pdbx_PDB_id_code 
_struct_ref_seq.pdbx_strand_id 
_struct_ref_seq.seq_align_beg 
_struct_ref_seq.pdbx_seq_align_beg_ins_code 
_struct_ref_seq.seq_align_end 
_struct_ref_seq.pdbx_seq_align_end_ins_code 
_struct_ref_seq.pdbx_db_accession 
_struct_ref_seq.db_align_beg 
_struct_ref_seq.pdbx_db_align_beg_ins_code 
_struct_ref_seq.db_align_end 
_struct_ref_seq.pdbx_db_align_end_ins_code 
_struct_ref_seq.pdbx_auth_seq_align_beg 
_struct_ref_seq.pdbx_auth_seq_align_end 
1 1 4BXT A 1 ? 80 ? Q91KZ5 158 ? 237 ? 158 237 
2 1 4BXT B 1 ? 80 ? Q91KZ5 158 ? 237 ? 158 237 
3 1 4BXT C 1 ? 80 ? Q91KZ5 158 ? 237 ? 158 237 
4 1 4BXT D 1 ? 80 ? Q91KZ5 158 ? 237 ? 158 237 
5 1 4BXT E 1 ? 80 ? Q91KZ5 158 ? 237 ? 158 237 
6 1 4BXT F 1 ? 80 ? Q91KZ5 158 ? 237 ? 158 237 
7 1 4BXT G 1 ? 80 ? Q91KZ5 158 ? 237 ? 158 237 
8 1 4BXT H 1 ? 80 ? Q91KZ5 158 ? 237 ? 158 237 
# 
loop_
_pdbx_struct_assembly.id 
_pdbx_struct_assembly.details 
_pdbx_struct_assembly.method_details 
_pdbx_struct_assembly.oligomeric_details 
_pdbx_struct_assembly.oligomeric_count 
1 author_and_software_defined_assembly PISA tetrameric 4 
2 author_and_software_defined_assembly PISA tetrameric 4 
# 
loop_
_pdbx_struct_assembly_prop.biol_id 
_pdbx_struct_assembly_prop.type 
_pdbx_struct_assembly_prop.value 
_pdbx_struct_assembly_prop.details 
1 'ABSA (A^2)' 4700  ? 
1 MORE         -48.8 ? 
1 'SSA (A^2)'  5820  ? 
2 'ABSA (A^2)' 4530  ? 
2 MORE         -46.4 ? 
2 'SSA (A^2)'  6010  ? 
# 
loop_
_pdbx_struct_assembly_gen.assembly_id 
_pdbx_struct_assembly_gen.oper_expression 
_pdbx_struct_assembly_gen.asym_id_list 
1 1 E,F,G,H 
2 1 A,B,C,D 
# 
_pdbx_struct_oper_list.id                   1 
_pdbx_struct_oper_list.type                 'identity operation' 
_pdbx_struct_oper_list.name                 1_555 
_pdbx_struct_oper_list.symmetry_operation   x,y,z 
_pdbx_struct_oper_list.matrix[1][1]         1.0000000000 
_pdbx_struct_oper_list.matrix[1][2]         0.0000000000 
_pdbx_struct_oper_list.matrix[1][3]         0.0000000000 
_pdbx_struct_oper_list.vector[1]            0.0000000000 
_pdbx_struct_oper_list.matrix[2][1]         0.0000000000 
_pdbx_struct_oper_list.matrix[2][2]         1.0000000000 
_pdbx_struct_oper_list.matrix[2][3]         0.0000000000 
_pdbx_struct_oper_list.vector[2]            0.0000000000 
_pdbx_struct_oper_list.matrix[3][1]         0.0000000000 
_pdbx_struct_oper_list.matrix[3][2]         0.0000000000 
_pdbx_struct_oper_list.matrix[3][3]         1.0000000000 
_pdbx_struct_oper_list.vector[3]            0.0000000000 
# 
_struct_biol.id   1 
# 
loop_
_struct_conf.conf_type_id 
_struct_conf.id 
_struct_conf.pdbx_PDB_helix_id 
_struct_conf.beg_label_comp_id 
_struct_conf.beg_label_asym_id 
_struct_conf.beg_label_seq_id 
_struct_conf.pdbx_beg_PDB_ins_code 
_struct_conf.end_label_comp_id 
_struct_conf.end_label_asym_id 
_struct_conf.end_label_seq_id 
_struct_conf.pdbx_end_PDB_ins_code 
_struct_conf.beg_auth_comp_id 
_struct_conf.beg_auth_asym_id 
_struct_conf.beg_auth_seq_id 
_struct_conf.end_auth_comp_id 
_struct_conf.end_auth_asym_id 
_struct_conf.end_auth_seq_id 
_struct_conf.pdbx_PDB_helix_class 
_struct_conf.details 
_struct_conf.pdbx_PDB_helix_length 
HELX_P HELX_P1 1 SER A 14 ? THR A 35 ? SER A 171 THR A 192 1 ? 22 
HELX_P HELX_P2 2 SER B 14 ? LEU B 36 ? SER B 171 LEU B 193 1 ? 23 
HELX_P HELX_P3 3 SER C 14 ? LEU C 36 ? SER C 171 LEU C 193 1 ? 23 
HELX_P HELX_P4 4 SER D 14 ? THR D 35 ? SER D 171 THR D 192 1 ? 22 
HELX_P HELX_P5 5 SER E 14 ? ASN E 37 ? SER E 171 ASN E 194 1 ? 24 
HELX_P HELX_P6 6 SER F 14 ? THR F 35 ? SER F 171 THR F 192 1 ? 22 
HELX_P HELX_P7 7 SER G 14 ? ARG G 34 ? SER G 171 ARG G 191 1 ? 21 
HELX_P HELX_P8 8 ILE H 15 ? LEU H 36 ? ILE H 172 LEU H 193 1 ? 22 
# 
_struct_conf_type.id          HELX_P 
_struct_conf_type.criteria    ? 
_struct_conf_type.reference   ? 
# 
loop_
_pdbx_validate_close_contact.id 
_pdbx_validate_close_contact.PDB_model_num 
_pdbx_validate_close_contact.auth_atom_id_1 
_pdbx_validate_close_contact.auth_asym_id_1 
_pdbx_validate_close_contact.auth_comp_id_1 
_pdbx_validate_close_contact.auth_seq_id_1 
_pdbx_validate_close_contact.PDB_ins_code_1 
_pdbx_validate_close_contact.label_alt_id_1 
_pdbx_validate_close_contact.auth_atom_id_2 
_pdbx_validate_close_contact.auth_asym_id_2 
_pdbx_validate_close_contact.auth_comp_id_2 
_pdbx_validate_close_contact.auth_seq_id_2 
_pdbx_validate_close_contact.PDB_ins_code_2 
_pdbx_validate_close_contact.label_alt_id_2 
_pdbx_validate_close_contact.dist 
1 1 OG  F SER 178 ? ? OE2 G GLU 180 ? ? 1.88 
2 1 NH1 B ARG 191 ? ? OE2 F GLU 181 ? ? 2.12 
# 
loop_
_pdbx_validate_symm_contact.id 
_pdbx_validate_symm_contact.PDB_model_num 
_pdbx_validate_symm_contact.auth_atom_id_1 
_pdbx_validate_symm_contact.auth_asym_id_1 
_pdbx_validate_symm_contact.auth_comp_id_1 
_pdbx_validate_symm_contact.auth_seq_id_1 
_pdbx_validate_symm_contact.PDB_ins_code_1 
_pdbx_validate_symm_contact.label_alt_id_1 
_pdbx_validate_symm_contact.site_symmetry_1 
_pdbx_validate_symm_contact.auth_atom_id_2 
_pdbx_validate_symm_contact.auth_asym_id_2 
_pdbx_validate_symm_contact.auth_comp_id_2 
_pdbx_validate_symm_contact.auth_seq_id_2 
_pdbx_validate_symm_contact.PDB_ins_code_2 
_pdbx_validate_symm_contact.label_alt_id_2 
_pdbx_validate_symm_contact.site_symmetry_2 
_pdbx_validate_symm_contact.dist 
1 1 NH2 C ARG 191 ? ? 1_555 OE1 H GLU 181 ? ? 4_455 1.84 
2 1 OE2 C GLU 173 ? ? 1_555 OE1 H GLU 173 ? ? 3_554 2.19 
# 
loop_
_pdbx_validate_torsion.id 
_pdbx_validate_torsion.PDB_model_num 
_pdbx_validate_torsion.auth_comp_id 
_pdbx_validate_torsion.auth_asym_id 
_pdbx_validate_torsion.auth_seq_id 
_pdbx_validate_torsion.PDB_ins_code 
_pdbx_validate_torsion.label_alt_id 
_pdbx_validate_torsion.phi 
_pdbx_validate_torsion.psi 
1 1 THR A 192 ? ? -102.98 62.44  
2 1 LEU C 170 ? ? 151.97  138.61 
3 1 SER E 171 ? ? 92.37   127.93 
4 1 SER G 171 ? ? 87.64   158.47 
5 1 ILE H 172 ? ? 24.91   -63.00 
# 
loop_
_pdbx_refine_tls.pdbx_refine_id 
_pdbx_refine_tls.id 
_pdbx_refine_tls.details 
_pdbx_refine_tls.method 
_pdbx_refine_tls.origin_x 
_pdbx_refine_tls.origin_y 
_pdbx_refine_tls.origin_z 
_pdbx_refine_tls.T[1][1] 
_pdbx_refine_tls.T[2][2] 
_pdbx_refine_tls.T[3][3] 
_pdbx_refine_tls.T[1][2] 
_pdbx_refine_tls.T[1][3] 
_pdbx_refine_tls.T[2][3] 
_pdbx_refine_tls.L[1][1] 
_pdbx_refine_tls.L[2][2] 
_pdbx_refine_tls.L[3][3] 
_pdbx_refine_tls.L[1][2] 
_pdbx_refine_tls.L[1][3] 
_pdbx_refine_tls.L[2][3] 
_pdbx_refine_tls.S[1][1] 
_pdbx_refine_tls.S[1][2] 
_pdbx_refine_tls.S[1][3] 
_pdbx_refine_tls.S[2][1] 
_pdbx_refine_tls.S[2][2] 
_pdbx_refine_tls.S[2][3] 
_pdbx_refine_tls.S[3][1] 
_pdbx_refine_tls.S[3][2] 
_pdbx_refine_tls.S[3][3] 
'X-RAY DIFFRACTION' 1 ? refined -1.4299 -4.4950  -8.8808 0.0000 0.0000 0.0000 0.0000 0.0000 0.0000 0.0000  0.0002 0.0000  0.0001  0.0000  0.0000  0.0000 0.0000 0.0000 0.0000 0.0000 0.0000 0.0000 0.0000 0.0000 
'X-RAY DIFFRACTION' 2 ? refined -0.2958 -5.1125  0.1451  0.0000 0.0000 0.0000 0.0000 0.0000 0.0000 -0.0002 0.0002 0.0000  0.0001  0.0000  0.0001  0.0000 0.0000 0.0000 0.0000 0.0000 0.0000 0.0000 0.0000 0.0000 
'X-RAY DIFFRACTION' 3 ? refined -1.1258 -16.1276 0.0974  0.0000 0.0000 0.0000 0.0000 0.0000 0.0000 0.0000  0.0001 0.0000  0.0000  0.0000  -0.0001 0.0000 0.0000 0.0000 0.0000 0.0000 0.0000 0.0000 0.0000 0.0000 
'X-RAY DIFFRACTION' 4 ? refined -0.9050 -14.5359 -9.2434 0.0000 0.0000 0.0000 0.0000 0.0000 0.0000 -0.0001 0.0005 0.0003  0.0000  -0.0001 0.0001  0.0000 0.0000 0.0000 0.0000 0.0000 0.0000 0.0000 0.0000 0.0000 
'X-RAY DIFFRACTION' 5 ? refined -5.0660 7.1226   5.0022  0.0000 0.0000 0.0000 0.0000 0.0000 0.0000 0.0002  0.0002 -0.0001 0.0000  -0.0001 0.0001  0.0000 0.0000 0.0000 0.0000 0.0000 0.0000 0.0000 0.0000 0.0000 
'X-RAY DIFFRACTION' 6 ? refined 3.4183  4.8555   1.6314  0.0000 0.0000 0.0000 0.0000 0.0000 0.0000 0.0000  0.0002 -0.0001 -0.0001 -0.0002 0.0003  0.0000 0.0000 0.0000 0.0000 0.0000 0.0000 0.0000 0.0000 0.0000 
'X-RAY DIFFRACTION' 7 ? refined 6.4197  14.0994  3.0113  0.0000 0.0000 0.0000 0.0000 0.0000 0.0000 0.0001  0.0001 0.0000  0.0001  0.0000  0.0000  0.0000 0.0000 0.0000 0.0000 0.0000 0.0000 0.0000 0.0000 0.0000 
'X-RAY DIFFRACTION' 8 ? refined -2.3005 15.6558  7.8383  0.0000 0.0000 0.0000 0.0000 0.0000 0.0000 -0.0001 0.0002 0.0000  0.0000  0.0000  0.0001  0.0000 0.0000 0.0000 0.0000 0.0000 0.0000 0.0000 0.0000 0.0000 
# 
loop_
_pdbx_refine_tls_group.pdbx_refine_id 
_pdbx_refine_tls_group.id 
_pdbx_refine_tls_group.refine_tls_id 
_pdbx_refine_tls_group.beg_auth_asym_id 
_pdbx_refine_tls_group.beg_auth_seq_id 
_pdbx_refine_tls_group.beg_label_asym_id 
_pdbx_refine_tls_group.beg_label_seq_id 
_pdbx_refine_tls_group.end_auth_asym_id 
_pdbx_refine_tls_group.end_auth_seq_id 
_pdbx_refine_tls_group.end_label_asym_id 
_pdbx_refine_tls_group.end_label_seq_id 
_pdbx_refine_tls_group.selection 
_pdbx_refine_tls_group.selection_details 
'X-RAY DIFFRACTION' 1 1 ? ? ? ? ? ? ? ? ? 'CHAIN A' 
'X-RAY DIFFRACTION' 2 2 ? ? ? ? ? ? ? ? ? 'CHAIN B' 
'X-RAY DIFFRACTION' 3 3 ? ? ? ? ? ? ? ? ? 'CHAIN C' 
'X-RAY DIFFRACTION' 4 4 ? ? ? ? ? ? ? ? ? 'CHAIN D' 
'X-RAY DIFFRACTION' 5 5 ? ? ? ? ? ? ? ? ? 'CHAIN E' 
'X-RAY DIFFRACTION' 6 6 ? ? ? ? ? ? ? ? ? 'CHAIN F' 
'X-RAY DIFFRACTION' 7 7 ? ? ? ? ? ? ? ? ? 'CHAIN G' 
'X-RAY DIFFRACTION' 8 8 ? ? ? ? ? ? ? ? ? 'CHAIN H' 
# 
loop_
_pdbx_unobs_or_zero_occ_residues.id 
_pdbx_unobs_or_zero_occ_residues.PDB_model_num 
_pdbx_unobs_or_zero_occ_residues.polymer_flag 
_pdbx_unobs_or_zero_occ_residues.occupancy_flag 
_pdbx_unobs_or_zero_occ_residues.auth_asym_id 
_pdbx_unobs_or_zero_occ_residues.auth_comp_id 
_pdbx_unobs_or_zero_occ_residues.auth_seq_id 
_pdbx_unobs_or_zero_occ_residues.PDB_ins_code 
_pdbx_unobs_or_zero_occ_residues.label_asym_id 
_pdbx_unobs_or_zero_occ_residues.label_comp_id 
_pdbx_unobs_or_zero_occ_residues.label_seq_id 
1   1 Y 1 A SER 158 ? A SER 1  
2   1 Y 1 A ILE 159 ? A ILE 2  
3   1 Y 1 A LEU 160 ? A LEU 3  
4   1 Y 1 A THR 161 ? A THR 4  
5   1 Y 1 A PHE 162 ? A PHE 5  
6   1 Y 1 A GLU 163 ? A GLU 6  
7   1 Y 1 A GLU 164 ? A GLU 7  
8   1 Y 1 A ARG 165 ? A ARG 8  
9   1 Y 1 A ASP 166 ? A ASP 9  
10  1 Y 1 A THR 167 ? A THR 10 
11  1 Y 1 A SER 168 ? A SER 11 
12  1 Y 1 A SER 169 ? A SER 12 
13  1 Y 1 A ASN 194 ? A ASN 37 
14  1 Y 1 A ILE 195 ? A ILE 38 
15  1 Y 1 A ALA 196 ? A ALA 39 
16  1 Y 1 A THR 197 ? A THR 40 
17  1 Y 1 A ALA 198 ? A ALA 41 
18  1 Y 1 A GLY 199 ? A GLY 42 
19  1 Y 1 A PRO 200 ? A PRO 43 
20  1 Y 1 A THR 201 ? A THR 44 
21  1 Y 1 A ALA 202 ? A ALA 45 
22  1 Y 1 A ALA 203 ? A ALA 46 
23  1 Y 1 A ARG 204 ? A ARG 47 
24  1 Y 1 A ASP 205 ? A ASP 48 
25  1 Y 1 A GLY 206 ? A GLY 49 
26  1 Y 1 A ILE 207 ? A ILE 50 
27  1 Y 1 A ARG 208 ? A ARG 51 
28  1 Y 1 A ASP 209 ? A ASP 52 
29  1 Y 1 A ALA 210 ? A ALA 53 
30  1 Y 1 A MET 211 ? A MET 54 
31  1 Y 1 A ILE 212 ? A ILE 55 
32  1 Y 1 A GLY 213 ? A GLY 56 
33  1 Y 1 A VAL 214 ? A VAL 57 
34  1 Y 1 A ARG 215 ? A ARG 58 
35  1 Y 1 A GLU 216 ? A GLU 59 
36  1 Y 1 A GLU 217 ? A GLU 60 
37  1 Y 1 A LEU 218 ? A LEU 61 
38  1 Y 1 A ILE 219 ? A ILE 62 
39  1 Y 1 A ALA 220 ? A ALA 63 
40  1 Y 1 A ASP 221 ? A ASP 64 
41  1 Y 1 A ILE 222 ? A ILE 65 
42  1 Y 1 A ILE 223 ? A ILE 66 
43  1 Y 1 A LYS 224 ? A LYS 67 
44  1 Y 1 A GLU 225 ? A GLU 68 
45  1 Y 1 A ALA 226 ? A ALA 69 
46  1 Y 1 A LYS 227 ? A LYS 70 
47  1 Y 1 A GLY 228 ? A GLY 71 
48  1 Y 1 A LYS 229 ? A LYS 72 
49  1 Y 1 A ALA 230 ? A ALA 73 
50  1 Y 1 A ALA 231 ? A ALA 74 
51  1 Y 1 A GLU 232 ? A GLU 75 
52  1 Y 1 A MET 233 ? A MET 76 
53  1 Y 1 A MET 234 ? A MET 77 
54  1 Y 1 A GLU 235 ? A GLU 78 
55  1 Y 1 A GLU 236 ? A GLU 79 
56  1 Y 1 A GLU 237 ? A GLU 80 
57  1 Y 1 B SER 158 ? B SER 1  
58  1 Y 1 B ILE 159 ? B ILE 2  
59  1 Y 1 B LEU 160 ? B LEU 3  
60  1 Y 1 B THR 161 ? B THR 4  
61  1 Y 1 B PHE 162 ? B PHE 5  
62  1 Y 1 B GLU 163 ? B GLU 6  
63  1 Y 1 B GLU 164 ? B GLU 7  
64  1 Y 1 B ARG 165 ? B ARG 8  
65  1 Y 1 B ASP 166 ? B ASP 9  
66  1 Y 1 B THR 167 ? B THR 10 
67  1 Y 1 B SER 168 ? B SER 11 
68  1 Y 1 B SER 169 ? B SER 12 
69  1 Y 1 B ILE 195 ? B ILE 38 
70  1 Y 1 B ALA 196 ? B ALA 39 
71  1 Y 1 B THR 197 ? B THR 40 
72  1 Y 1 B ALA 198 ? B ALA 41 
73  1 Y 1 B GLY 199 ? B GLY 42 
74  1 Y 1 B PRO 200 ? B PRO 43 
75  1 Y 1 B THR 201 ? B THR 44 
76  1 Y 1 B ALA 202 ? B ALA 45 
77  1 Y 1 B ALA 203 ? B ALA 46 
78  1 Y 1 B ARG 204 ? B ARG 47 
79  1 Y 1 B ASP 205 ? B ASP 48 
80  1 Y 1 B GLY 206 ? B GLY 49 
81  1 Y 1 B ILE 207 ? B ILE 50 
82  1 Y 1 B ARG 208 ? B ARG 51 
83  1 Y 1 B ASP 209 ? B ASP 52 
84  1 Y 1 B ALA 210 ? B ALA 53 
85  1 Y 1 B MET 211 ? B MET 54 
86  1 Y 1 B ILE 212 ? B ILE 55 
87  1 Y 1 B GLY 213 ? B GLY 56 
88  1 Y 1 B VAL 214 ? B VAL 57 
89  1 Y 1 B ARG 215 ? B ARG 58 
90  1 Y 1 B GLU 216 ? B GLU 59 
91  1 Y 1 B GLU 217 ? B GLU 60 
92  1 Y 1 B LEU 218 ? B LEU 61 
93  1 Y 1 B ILE 219 ? B ILE 62 
94  1 Y 1 B ALA 220 ? B ALA 63 
95  1 Y 1 B ASP 221 ? B ASP 64 
96  1 Y 1 B ILE 222 ? B ILE 65 
97  1 Y 1 B ILE 223 ? B ILE 66 
98  1 Y 1 B LYS 224 ? B LYS 67 
99  1 Y 1 B GLU 225 ? B GLU 68 
100 1 Y 1 B ALA 226 ? B ALA 69 
101 1 Y 1 B LYS 227 ? B LYS 70 
102 1 Y 1 B GLY 228 ? B GLY 71 
103 1 Y 1 B LYS 229 ? B LYS 72 
104 1 Y 1 B ALA 230 ? B ALA 73 
105 1 Y 1 B ALA 231 ? B ALA 74 
106 1 Y 1 B GLU 232 ? B GLU 75 
107 1 Y 1 B MET 233 ? B MET 76 
108 1 Y 1 B MET 234 ? B MET 77 
109 1 Y 1 B GLU 235 ? B GLU 78 
110 1 Y 1 B GLU 236 ? B GLU 79 
111 1 Y 1 B GLU 237 ? B GLU 80 
112 1 Y 1 C SER 158 ? C SER 1  
113 1 Y 1 C ILE 159 ? C ILE 2  
114 1 Y 1 C LEU 160 ? C LEU 3  
115 1 Y 1 C THR 161 ? C THR 4  
116 1 Y 1 C PHE 162 ? C PHE 5  
117 1 Y 1 C GLU 163 ? C GLU 6  
118 1 Y 1 C GLU 164 ? C GLU 7  
119 1 Y 1 C ARG 165 ? C ARG 8  
120 1 Y 1 C ASP 166 ? C ASP 9  
121 1 Y 1 C THR 167 ? C THR 10 
122 1 Y 1 C SER 168 ? C SER 11 
123 1 Y 1 C ASN 194 ? C ASN 37 
124 1 Y 1 C ILE 195 ? C ILE 38 
125 1 Y 1 C ALA 196 ? C ALA 39 
126 1 Y 1 C THR 197 ? C THR 40 
127 1 Y 1 C ALA 198 ? C ALA 41 
128 1 Y 1 C GLY 199 ? C GLY 42 
129 1 Y 1 C PRO 200 ? C PRO 43 
130 1 Y 1 C THR 201 ? C THR 44 
131 1 Y 1 C ALA 202 ? C ALA 45 
132 1 Y 1 C ALA 203 ? C ALA 46 
133 1 Y 1 C ARG 204 ? C ARG 47 
134 1 Y 1 C ASP 205 ? C ASP 48 
135 1 Y 1 C GLY 206 ? C GLY 49 
136 1 Y 1 C ILE 207 ? C ILE 50 
137 1 Y 1 C ARG 208 ? C ARG 51 
138 1 Y 1 C ASP 209 ? C ASP 52 
139 1 Y 1 C ALA 210 ? C ALA 53 
140 1 Y 1 C MET 211 ? C MET 54 
141 1 Y 1 C ILE 212 ? C ILE 55 
142 1 Y 1 C GLY 213 ? C GLY 56 
143 1 Y 1 C VAL 214 ? C VAL 57 
144 1 Y 1 C ARG 215 ? C ARG 58 
145 1 Y 1 C GLU 216 ? C GLU 59 
146 1 Y 1 C GLU 217 ? C GLU 60 
147 1 Y 1 C LEU 218 ? C LEU 61 
148 1 Y 1 C ILE 219 ? C ILE 62 
149 1 Y 1 C ALA 220 ? C ALA 63 
150 1 Y 1 C ASP 221 ? C ASP 64 
151 1 Y 1 C ILE 222 ? C ILE 65 
152 1 Y 1 C ILE 223 ? C ILE 66 
153 1 Y 1 C LYS 224 ? C LYS 67 
154 1 Y 1 C GLU 225 ? C GLU 68 
155 1 Y 1 C ALA 226 ? C ALA 69 
156 1 Y 1 C LYS 227 ? C LYS 70 
157 1 Y 1 C GLY 228 ? C GLY 71 
158 1 Y 1 C LYS 229 ? C LYS 72 
159 1 Y 1 C ALA 230 ? C ALA 73 
160 1 Y 1 C ALA 231 ? C ALA 74 
161 1 Y 1 C GLU 232 ? C GLU 75 
162 1 Y 1 C MET 233 ? C MET 76 
163 1 Y 1 C MET 234 ? C MET 77 
164 1 Y 1 C GLU 235 ? C GLU 78 
165 1 Y 1 C GLU 236 ? C GLU 79 
166 1 Y 1 C GLU 237 ? C GLU 80 
167 1 Y 1 D SER 158 ? D SER 1  
168 1 Y 1 D ILE 159 ? D ILE 2  
169 1 Y 1 D LEU 160 ? D LEU 3  
170 1 Y 1 D THR 161 ? D THR 4  
171 1 Y 1 D PHE 162 ? D PHE 5  
172 1 Y 1 D GLU 163 ? D GLU 6  
173 1 Y 1 D GLU 164 ? D GLU 7  
174 1 Y 1 D ARG 165 ? D ARG 8  
175 1 Y 1 D ASP 166 ? D ASP 9  
176 1 Y 1 D THR 167 ? D THR 10 
177 1 Y 1 D SER 168 ? D SER 11 
178 1 Y 1 D ILE 195 ? D ILE 38 
179 1 Y 1 D ALA 196 ? D ALA 39 
180 1 Y 1 D THR 197 ? D THR 40 
181 1 Y 1 D ALA 198 ? D ALA 41 
182 1 Y 1 D GLY 199 ? D GLY 42 
183 1 Y 1 D PRO 200 ? D PRO 43 
184 1 Y 1 D THR 201 ? D THR 44 
185 1 Y 1 D ALA 202 ? D ALA 45 
186 1 Y 1 D ALA 203 ? D ALA 46 
187 1 Y 1 D ARG 204 ? D ARG 47 
188 1 Y 1 D ASP 205 ? D ASP 48 
189 1 Y 1 D GLY 206 ? D GLY 49 
190 1 Y 1 D ILE 207 ? D ILE 50 
191 1 Y 1 D ARG 208 ? D ARG 51 
192 1 Y 1 D ASP 209 ? D ASP 52 
193 1 Y 1 D ALA 210 ? D ALA 53 
194 1 Y 1 D MET 211 ? D MET 54 
195 1 Y 1 D ILE 212 ? D ILE 55 
196 1 Y 1 D GLY 213 ? D GLY 56 
197 1 Y 1 D VAL 214 ? D VAL 57 
198 1 Y 1 D ARG 215 ? D ARG 58 
199 1 Y 1 D GLU 216 ? D GLU 59 
200 1 Y 1 D GLU 217 ? D GLU 60 
201 1 Y 1 D LEU 218 ? D LEU 61 
202 1 Y 1 D ILE 219 ? D ILE 62 
203 1 Y 1 D ALA 220 ? D ALA 63 
204 1 Y 1 D ASP 221 ? D ASP 64 
205 1 Y 1 D ILE 222 ? D ILE 65 
206 1 Y 1 D ILE 223 ? D ILE 66 
207 1 Y 1 D LYS 224 ? D LYS 67 
208 1 Y 1 D GLU 225 ? D GLU 68 
209 1 Y 1 D ALA 226 ? D ALA 69 
210 1 Y 1 D LYS 227 ? D LYS 70 
211 1 Y 1 D GLY 228 ? D GLY 71 
212 1 Y 1 D LYS 229 ? D LYS 72 
213 1 Y 1 D ALA 230 ? D ALA 73 
214 1 Y 1 D ALA 231 ? D ALA 74 
215 1 Y 1 D GLU 232 ? D GLU 75 
216 1 Y 1 D MET 233 ? D MET 76 
217 1 Y 1 D MET 234 ? D MET 77 
218 1 Y 1 D GLU 235 ? D GLU 78 
219 1 Y 1 D GLU 236 ? D GLU 79 
220 1 Y 1 D GLU 237 ? D GLU 80 
221 1 Y 1 E SER 158 ? E SER 1  
222 1 Y 1 E ILE 159 ? E ILE 2  
223 1 Y 1 E LEU 160 ? E LEU 3  
224 1 Y 1 E THR 161 ? E THR 4  
225 1 Y 1 E PHE 162 ? E PHE 5  
226 1 Y 1 E GLU 163 ? E GLU 6  
227 1 Y 1 E GLU 164 ? E GLU 7  
228 1 Y 1 E ARG 165 ? E ARG 8  
229 1 Y 1 E ASP 166 ? E ASP 9  
230 1 Y 1 E THR 167 ? E THR 10 
231 1 Y 1 E SER 168 ? E SER 11 
232 1 Y 1 E SER 169 ? E SER 12 
233 1 Y 1 E ILE 195 ? E ILE 38 
234 1 Y 1 E ALA 196 ? E ALA 39 
235 1 Y 1 E THR 197 ? E THR 40 
236 1 Y 1 E ALA 198 ? E ALA 41 
237 1 Y 1 E GLY 199 ? E GLY 42 
238 1 Y 1 E PRO 200 ? E PRO 43 
239 1 Y 1 E THR 201 ? E THR 44 
240 1 Y 1 E ALA 202 ? E ALA 45 
241 1 Y 1 E ALA 203 ? E ALA 46 
242 1 Y 1 E ARG 204 ? E ARG 47 
243 1 Y 1 E ASP 205 ? E ASP 48 
244 1 Y 1 E GLY 206 ? E GLY 49 
245 1 Y 1 E ILE 207 ? E ILE 50 
246 1 Y 1 E ARG 208 ? E ARG 51 
247 1 Y 1 E ASP 209 ? E ASP 52 
248 1 Y 1 E ALA 210 ? E ALA 53 
249 1 Y 1 E MET 211 ? E MET 54 
250 1 Y 1 E ILE 212 ? E ILE 55 
251 1 Y 1 E GLY 213 ? E GLY 56 
252 1 Y 1 E VAL 214 ? E VAL 57 
253 1 Y 1 E ARG 215 ? E ARG 58 
254 1 Y 1 E GLU 216 ? E GLU 59 
255 1 Y 1 E GLU 217 ? E GLU 60 
256 1 Y 1 E LEU 218 ? E LEU 61 
257 1 Y 1 E ILE 219 ? E ILE 62 
258 1 Y 1 E ALA 220 ? E ALA 63 
259 1 Y 1 E ASP 221 ? E ASP 64 
260 1 Y 1 E ILE 222 ? E ILE 65 
261 1 Y 1 E ILE 223 ? E ILE 66 
262 1 Y 1 E LYS 224 ? E LYS 67 
263 1 Y 1 E GLU 225 ? E GLU 68 
264 1 Y 1 E ALA 226 ? E ALA 69 
265 1 Y 1 E LYS 227 ? E LYS 70 
266 1 Y 1 E GLY 228 ? E GLY 71 
267 1 Y 1 E LYS 229 ? E LYS 72 
268 1 Y 1 E ALA 230 ? E ALA 73 
269 1 Y 1 E ALA 231 ? E ALA 74 
270 1 Y 1 E GLU 232 ? E GLU 75 
271 1 Y 1 E MET 233 ? E MET 76 
272 1 Y 1 E MET 234 ? E MET 77 
273 1 Y 1 E GLU 235 ? E GLU 78 
274 1 Y 1 E GLU 236 ? E GLU 79 
275 1 Y 1 E GLU 237 ? E GLU 80 
276 1 Y 1 F SER 158 ? F SER 1  
277 1 Y 1 F ILE 159 ? F ILE 2  
278 1 Y 1 F LEU 160 ? F LEU 3  
279 1 Y 1 F THR 161 ? F THR 4  
280 1 Y 1 F PHE 162 ? F PHE 5  
281 1 Y 1 F GLU 163 ? F GLU 6  
282 1 Y 1 F GLU 164 ? F GLU 7  
283 1 Y 1 F ARG 165 ? F ARG 8  
284 1 Y 1 F ASP 166 ? F ASP 9  
285 1 Y 1 F THR 167 ? F THR 10 
286 1 Y 1 F SER 168 ? F SER 11 
287 1 Y 1 F SER 169 ? F SER 12 
288 1 Y 1 F ILE 195 ? F ILE 38 
289 1 Y 1 F ALA 196 ? F ALA 39 
290 1 Y 1 F THR 197 ? F THR 40 
291 1 Y 1 F ALA 198 ? F ALA 41 
292 1 Y 1 F GLY 199 ? F GLY 42 
293 1 Y 1 F PRO 200 ? F PRO 43 
294 1 Y 1 F THR 201 ? F THR 44 
295 1 Y 1 F ALA 202 ? F ALA 45 
296 1 Y 1 F ALA 203 ? F ALA 46 
297 1 Y 1 F ARG 204 ? F ARG 47 
298 1 Y 1 F ASP 205 ? F ASP 48 
299 1 Y 1 F GLY 206 ? F GLY 49 
300 1 Y 1 F ILE 207 ? F ILE 50 
301 1 Y 1 F ARG 208 ? F ARG 51 
302 1 Y 1 F ASP 209 ? F ASP 52 
303 1 Y 1 F ALA 210 ? F ALA 53 
304 1 Y 1 F MET 211 ? F MET 54 
305 1 Y 1 F ILE 212 ? F ILE 55 
306 1 Y 1 F GLY 213 ? F GLY 56 
307 1 Y 1 F VAL 214 ? F VAL 57 
308 1 Y 1 F ARG 215 ? F ARG 58 
309 1 Y 1 F GLU 216 ? F GLU 59 
310 1 Y 1 F GLU 217 ? F GLU 60 
311 1 Y 1 F LEU 218 ? F LEU 61 
312 1 Y 1 F ILE 219 ? F ILE 62 
313 1 Y 1 F ALA 220 ? F ALA 63 
314 1 Y 1 F ASP 221 ? F ASP 64 
315 1 Y 1 F ILE 222 ? F ILE 65 
316 1 Y 1 F ILE 223 ? F ILE 66 
317 1 Y 1 F LYS 224 ? F LYS 67 
318 1 Y 1 F GLU 225 ? F GLU 68 
319 1 Y 1 F ALA 226 ? F ALA 69 
320 1 Y 1 F LYS 227 ? F LYS 70 
321 1 Y 1 F GLY 228 ? F GLY 71 
322 1 Y 1 F LYS 229 ? F LYS 72 
323 1 Y 1 F ALA 230 ? F ALA 73 
324 1 Y 1 F ALA 231 ? F ALA 74 
325 1 Y 1 F GLU 232 ? F GLU 75 
326 1 Y 1 F MET 233 ? F MET 76 
327 1 Y 1 F MET 234 ? F MET 77 
328 1 Y 1 F GLU 235 ? F GLU 78 
329 1 Y 1 F GLU 236 ? F GLU 79 
330 1 Y 1 F GLU 237 ? F GLU 80 
331 1 Y 1 G SER 158 ? G SER 1  
332 1 Y 1 G ILE 159 ? G ILE 2  
333 1 Y 1 G LEU 160 ? G LEU 3  
334 1 Y 1 G THR 161 ? G THR 4  
335 1 Y 1 G PHE 162 ? G PHE 5  
336 1 Y 1 G GLU 163 ? G GLU 6  
337 1 Y 1 G GLU 164 ? G GLU 7  
338 1 Y 1 G ARG 165 ? G ARG 8  
339 1 Y 1 G ASP 166 ? G ASP 9  
340 1 Y 1 G THR 167 ? G THR 10 
341 1 Y 1 G ASN 194 ? G ASN 37 
342 1 Y 1 G ILE 195 ? G ILE 38 
343 1 Y 1 G ALA 196 ? G ALA 39 
344 1 Y 1 G THR 197 ? G THR 40 
345 1 Y 1 G ALA 198 ? G ALA 41 
346 1 Y 1 G GLY 199 ? G GLY 42 
347 1 Y 1 G PRO 200 ? G PRO 43 
348 1 Y 1 G THR 201 ? G THR 44 
349 1 Y 1 G ALA 202 ? G ALA 45 
350 1 Y 1 G ALA 203 ? G ALA 46 
351 1 Y 1 G ARG 204 ? G ARG 47 
352 1 Y 1 G ASP 205 ? G ASP 48 
353 1 Y 1 G GLY 206 ? G GLY 49 
354 1 Y 1 G ILE 207 ? G ILE 50 
355 1 Y 1 G ARG 208 ? G ARG 51 
356 1 Y 1 G ASP 209 ? G ASP 52 
357 1 Y 1 G ALA 210 ? G ALA 53 
358 1 Y 1 G MET 211 ? G MET 54 
359 1 Y 1 G ILE 212 ? G ILE 55 
360 1 Y 1 G GLY 213 ? G GLY 56 
361 1 Y 1 G VAL 214 ? G VAL 57 
362 1 Y 1 G ARG 215 ? G ARG 58 
363 1 Y 1 G GLU 216 ? G GLU 59 
364 1 Y 1 G GLU 217 ? G GLU 60 
365 1 Y 1 G LEU 218 ? G LEU 61 
366 1 Y 1 G ILE 219 ? G ILE 62 
367 1 Y 1 G ALA 220 ? G ALA 63 
368 1 Y 1 G ASP 221 ? G ASP 64 
369 1 Y 1 G ILE 222 ? G ILE 65 
370 1 Y 1 G ILE 223 ? G ILE 66 
371 1 Y 1 G LYS 224 ? G LYS 67 
372 1 Y 1 G GLU 225 ? G GLU 68 
373 1 Y 1 G ALA 226 ? G ALA 69 
374 1 Y 1 G LYS 227 ? G LYS 70 
375 1 Y 1 G GLY 228 ? G GLY 71 
376 1 Y 1 G LYS 229 ? G LYS 72 
377 1 Y 1 G ALA 230 ? G ALA 73 
378 1 Y 1 G ALA 231 ? G ALA 74 
379 1 Y 1 G GLU 232 ? G GLU 75 
380 1 Y 1 G MET 233 ? G MET 76 
381 1 Y 1 G MET 234 ? G MET 77 
382 1 Y 1 G GLU 235 ? G GLU 78 
383 1 Y 1 G GLU 236 ? G GLU 79 
384 1 Y 1 G GLU 237 ? G GLU 80 
385 1 Y 1 H SER 158 ? H SER 1  
386 1 Y 1 H ILE 159 ? H ILE 2  
387 1 Y 1 H LEU 160 ? H LEU 3  
388 1 Y 1 H THR 161 ? H THR 4  
389 1 Y 1 H PHE 162 ? H PHE 5  
390 1 Y 1 H GLU 163 ? H GLU 6  
391 1 Y 1 H GLU 164 ? H GLU 7  
392 1 Y 1 H ARG 165 ? H ARG 8  
393 1 Y 1 H ASP 166 ? H ASP 9  
394 1 Y 1 H THR 167 ? H THR 10 
395 1 Y 1 H SER 168 ? H SER 11 
396 1 Y 1 H SER 169 ? H SER 12 
397 1 Y 1 H LEU 170 ? H LEU 13 
398 1 Y 1 H ASN 194 ? H ASN 37 
399 1 Y 1 H ILE 195 ? H ILE 38 
400 1 Y 1 H ALA 196 ? H ALA 39 
401 1 Y 1 H THR 197 ? H THR 40 
402 1 Y 1 H ALA 198 ? H ALA 41 
403 1 Y 1 H GLY 199 ? H GLY 42 
404 1 Y 1 H PRO 200 ? H PRO 43 
405 1 Y 1 H THR 201 ? H THR 44 
406 1 Y 1 H ALA 202 ? H ALA 45 
407 1 Y 1 H ALA 203 ? H ALA 46 
408 1 Y 1 H ARG 204 ? H ARG 47 
409 1 Y 1 H ASP 205 ? H ASP 48 
410 1 Y 1 H GLY 206 ? H GLY 49 
411 1 Y 1 H ILE 207 ? H ILE 50 
412 1 Y 1 H ARG 208 ? H ARG 51 
413 1 Y 1 H ASP 209 ? H ASP 52 
414 1 Y 1 H ALA 210 ? H ALA 53 
415 1 Y 1 H MET 211 ? H MET 54 
416 1 Y 1 H ILE 212 ? H ILE 55 
417 1 Y 1 H GLY 213 ? H GLY 56 
418 1 Y 1 H VAL 214 ? H VAL 57 
419 1 Y 1 H ARG 215 ? H ARG 58 
420 1 Y 1 H GLU 216 ? H GLU 59 
421 1 Y 1 H GLU 217 ? H GLU 60 
422 1 Y 1 H LEU 218 ? H LEU 61 
423 1 Y 1 H ILE 219 ? H ILE 62 
424 1 Y 1 H ALA 220 ? H ALA 63 
425 1 Y 1 H ASP 221 ? H ASP 64 
426 1 Y 1 H ILE 222 ? H ILE 65 
427 1 Y 1 H ILE 223 ? H ILE 66 
428 1 Y 1 H LYS 224 ? H LYS 67 
429 1 Y 1 H GLU 225 ? H GLU 68 
430 1 Y 1 H ALA 226 ? H ALA 69 
431 1 Y 1 H LYS 227 ? H LYS 70 
432 1 Y 1 H GLY 228 ? H GLY 71 
433 1 Y 1 H LYS 229 ? H LYS 72 
434 1 Y 1 H ALA 230 ? H ALA 73 
435 1 Y 1 H ALA 231 ? H ALA 74 
436 1 Y 1 H GLU 232 ? H GLU 75 
437 1 Y 1 H MET 233 ? H MET 76 
438 1 Y 1 H MET 234 ? H MET 77 
439 1 Y 1 H GLU 235 ? H GLU 78 
440 1 Y 1 H GLU 236 ? H GLU 79 
441 1 Y 1 H GLU 237 ? H GLU 80 
# 
loop_
_chem_comp_atom.comp_id 
_chem_comp_atom.atom_id 
_chem_comp_atom.type_symbol 
_chem_comp_atom.pdbx_aromatic_flag 
_chem_comp_atom.pdbx_stereo_config 
_chem_comp_atom.pdbx_ordinal 
ALA N    N N N 1   
ALA CA   C N S 2   
ALA C    C N N 3   
ALA O    O N N 4   
ALA CB   C N N 5   
ALA OXT  O N N 6   
ALA H    H N N 7   
ALA H2   H N N 8   
ALA HA   H N N 9   
ALA HB1  H N N 10  
ALA HB2  H N N 11  
ALA HB3  H N N 12  
ALA HXT  H N N 13  
ARG N    N N N 14  
ARG CA   C N S 15  
ARG C    C N N 16  
ARG O    O N N 17  
ARG CB   C N N 18  
ARG CG   C N N 19  
ARG CD   C N N 20  
ARG NE   N N N 21  
ARG CZ   C N N 22  
ARG NH1  N N N 23  
ARG NH2  N N N 24  
ARG OXT  O N N 25  
ARG H    H N N 26  
ARG H2   H N N 27  
ARG HA   H N N 28  
ARG HB2  H N N 29  
ARG HB3  H N N 30  
ARG HG2  H N N 31  
ARG HG3  H N N 32  
ARG HD2  H N N 33  
ARG HD3  H N N 34  
ARG HE   H N N 35  
ARG HH11 H N N 36  
ARG HH12 H N N 37  
ARG HH21 H N N 38  
ARG HH22 H N N 39  
ARG HXT  H N N 40  
ASN N    N N N 41  
ASN CA   C N S 42  
ASN C    C N N 43  
ASN O    O N N 44  
ASN CB   C N N 45  
ASN CG   C N N 46  
ASN OD1  O N N 47  
ASN ND2  N N N 48  
ASN OXT  O N N 49  
ASN H    H N N 50  
ASN H2   H N N 51  
ASN HA   H N N 52  
ASN HB2  H N N 53  
ASN HB3  H N N 54  
ASN HD21 H N N 55  
ASN HD22 H N N 56  
ASN HXT  H N N 57  
ASP N    N N N 58  
ASP CA   C N S 59  
ASP C    C N N 60  
ASP O    O N N 61  
ASP CB   C N N 62  
ASP CG   C N N 63  
ASP OD1  O N N 64  
ASP OD2  O N N 65  
ASP OXT  O N N 66  
ASP H    H N N 67  
ASP H2   H N N 68  
ASP HA   H N N 69  
ASP HB2  H N N 70  
ASP HB3  H N N 71  
ASP HD2  H N N 72  
ASP HXT  H N N 73  
GLU N    N N N 74  
GLU CA   C N S 75  
GLU C    C N N 76  
GLU O    O N N 77  
GLU CB   C N N 78  
GLU CG   C N N 79  
GLU CD   C N N 80  
GLU OE1  O N N 81  
GLU OE2  O N N 82  
GLU OXT  O N N 83  
GLU H    H N N 84  
GLU H2   H N N 85  
GLU HA   H N N 86  
GLU HB2  H N N 87  
GLU HB3  H N N 88  
GLU HG2  H N N 89  
GLU HG3  H N N 90  
GLU HE2  H N N 91  
GLU HXT  H N N 92  
GLY N    N N N 93  
GLY CA   C N N 94  
GLY C    C N N 95  
GLY O    O N N 96  
GLY OXT  O N N 97  
GLY H    H N N 98  
GLY H2   H N N 99  
GLY HA2  H N N 100 
GLY HA3  H N N 101 
GLY HXT  H N N 102 
ILE N    N N N 103 
ILE CA   C N S 104 
ILE C    C N N 105 
ILE O    O N N 106 
ILE CB   C N S 107 
ILE CG1  C N N 108 
ILE CG2  C N N 109 
ILE CD1  C N N 110 
ILE OXT  O N N 111 
ILE H    H N N 112 
ILE H2   H N N 113 
ILE HA   H N N 114 
ILE HB   H N N 115 
ILE HG12 H N N 116 
ILE HG13 H N N 117 
ILE HG21 H N N 118 
ILE HG22 H N N 119 
ILE HG23 H N N 120 
ILE HD11 H N N 121 
ILE HD12 H N N 122 
ILE HD13 H N N 123 
ILE HXT  H N N 124 
LEU N    N N N 125 
LEU CA   C N S 126 
LEU C    C N N 127 
LEU O    O N N 128 
LEU CB   C N N 129 
LEU CG   C N N 130 
LEU CD1  C N N 131 
LEU CD2  C N N 132 
LEU OXT  O N N 133 
LEU H    H N N 134 
LEU H2   H N N 135 
LEU HA   H N N 136 
LEU HB2  H N N 137 
LEU HB3  H N N 138 
LEU HG   H N N 139 
LEU HD11 H N N 140 
LEU HD12 H N N 141 
LEU HD13 H N N 142 
LEU HD21 H N N 143 
LEU HD22 H N N 144 
LEU HD23 H N N 145 
LEU HXT  H N N 146 
LYS N    N N N 147 
LYS CA   C N S 148 
LYS C    C N N 149 
LYS O    O N N 150 
LYS CB   C N N 151 
LYS CG   C N N 152 
LYS CD   C N N 153 
LYS CE   C N N 154 
LYS NZ   N N N 155 
LYS OXT  O N N 156 
LYS H    H N N 157 
LYS H2   H N N 158 
LYS HA   H N N 159 
LYS HB2  H N N 160 
LYS HB3  H N N 161 
LYS HG2  H N N 162 
LYS HG3  H N N 163 
LYS HD2  H N N 164 
LYS HD3  H N N 165 
LYS HE2  H N N 166 
LYS HE3  H N N 167 
LYS HZ1  H N N 168 
LYS HZ2  H N N 169 
LYS HZ3  H N N 170 
LYS HXT  H N N 171 
MET N    N N N 172 
MET CA   C N S 173 
MET C    C N N 174 
MET O    O N N 175 
MET CB   C N N 176 
MET CG   C N N 177 
MET SD   S N N 178 
MET CE   C N N 179 
MET OXT  O N N 180 
MET H    H N N 181 
MET H2   H N N 182 
MET HA   H N N 183 
MET HB2  H N N 184 
MET HB3  H N N 185 
MET HG2  H N N 186 
MET HG3  H N N 187 
MET HE1  H N N 188 
MET HE2  H N N 189 
MET HE3  H N N 190 
MET HXT  H N N 191 
PHE N    N N N 192 
PHE CA   C N S 193 
PHE C    C N N 194 
PHE O    O N N 195 
PHE CB   C N N 196 
PHE CG   C Y N 197 
PHE CD1  C Y N 198 
PHE CD2  C Y N 199 
PHE CE1  C Y N 200 
PHE CE2  C Y N 201 
PHE CZ   C Y N 202 
PHE OXT  O N N 203 
PHE H    H N N 204 
PHE H2   H N N 205 
PHE HA   H N N 206 
PHE HB2  H N N 207 
PHE HB3  H N N 208 
PHE HD1  H N N 209 
PHE HD2  H N N 210 
PHE HE1  H N N 211 
PHE HE2  H N N 212 
PHE HZ   H N N 213 
PHE HXT  H N N 214 
PRO N    N N N 215 
PRO CA   C N S 216 
PRO C    C N N 217 
PRO O    O N N 218 
PRO CB   C N N 219 
PRO CG   C N N 220 
PRO CD   C N N 221 
PRO OXT  O N N 222 
PRO H    H N N 223 
PRO HA   H N N 224 
PRO HB2  H N N 225 
PRO HB3  H N N 226 
PRO HG2  H N N 227 
PRO HG3  H N N 228 
PRO HD2  H N N 229 
PRO HD3  H N N 230 
PRO HXT  H N N 231 
SER N    N N N 232 
SER CA   C N S 233 
SER C    C N N 234 
SER O    O N N 235 
SER CB   C N N 236 
SER OG   O N N 237 
SER OXT  O N N 238 
SER H    H N N 239 
SER H2   H N N 240 
SER HA   H N N 241 
SER HB2  H N N 242 
SER HB3  H N N 243 
SER HG   H N N 244 
SER HXT  H N N 245 
THR N    N N N 246 
THR CA   C N S 247 
THR C    C N N 248 
THR O    O N N 249 
THR CB   C N R 250 
THR OG1  O N N 251 
THR CG2  C N N 252 
THR OXT  O N N 253 
THR H    H N N 254 
THR H2   H N N 255 
THR HA   H N N 256 
THR HB   H N N 257 
THR HG1  H N N 258 
THR HG21 H N N 259 
THR HG22 H N N 260 
THR HG23 H N N 261 
THR HXT  H N N 262 
VAL N    N N N 263 
VAL CA   C N S 264 
VAL C    C N N 265 
VAL O    O N N 266 
VAL CB   C N N 267 
VAL CG1  C N N 268 
VAL CG2  C N N 269 
VAL OXT  O N N 270 
VAL H    H N N 271 
VAL H2   H N N 272 
VAL HA   H N N 273 
VAL HB   H N N 274 
VAL HG11 H N N 275 
VAL HG12 H N N 276 
VAL HG13 H N N 277 
VAL HG21 H N N 278 
VAL HG22 H N N 279 
VAL HG23 H N N 280 
VAL HXT  H N N 281 
# 
loop_
_chem_comp_bond.comp_id 
_chem_comp_bond.atom_id_1 
_chem_comp_bond.atom_id_2 
_chem_comp_bond.value_order 
_chem_comp_bond.pdbx_aromatic_flag 
_chem_comp_bond.pdbx_stereo_config 
_chem_comp_bond.pdbx_ordinal 
ALA N   CA   sing N N 1   
ALA N   H    sing N N 2   
ALA N   H2   sing N N 3   
ALA CA  C    sing N N 4   
ALA CA  CB   sing N N 5   
ALA CA  HA   sing N N 6   
ALA C   O    doub N N 7   
ALA C   OXT  sing N N 8   
ALA CB  HB1  sing N N 9   
ALA CB  HB2  sing N N 10  
ALA CB  HB3  sing N N 11  
ALA OXT HXT  sing N N 12  
ARG N   CA   sing N N 13  
ARG N   H    sing N N 14  
ARG N   H2   sing N N 15  
ARG CA  C    sing N N 16  
ARG CA  CB   sing N N 17  
ARG CA  HA   sing N N 18  
ARG C   O    doub N N 19  
ARG C   OXT  sing N N 20  
ARG CB  CG   sing N N 21  
ARG CB  HB2  sing N N 22  
ARG CB  HB3  sing N N 23  
ARG CG  CD   sing N N 24  
ARG CG  HG2  sing N N 25  
ARG CG  HG3  sing N N 26  
ARG CD  NE   sing N N 27  
ARG CD  HD2  sing N N 28  
ARG CD  HD3  sing N N 29  
ARG NE  CZ   sing N N 30  
ARG NE  HE   sing N N 31  
ARG CZ  NH1  sing N N 32  
ARG CZ  NH2  doub N N 33  
ARG NH1 HH11 sing N N 34  
ARG NH1 HH12 sing N N 35  
ARG NH2 HH21 sing N N 36  
ARG NH2 HH22 sing N N 37  
ARG OXT HXT  sing N N 38  
ASN N   CA   sing N N 39  
ASN N   H    sing N N 40  
ASN N   H2   sing N N 41  
ASN CA  C    sing N N 42  
ASN CA  CB   sing N N 43  
ASN CA  HA   sing N N 44  
ASN C   O    doub N N 45  
ASN C   OXT  sing N N 46  
ASN CB  CG   sing N N 47  
ASN CB  HB2  sing N N 48  
ASN CB  HB3  sing N N 49  
ASN CG  OD1  doub N N 50  
ASN CG  ND2  sing N N 51  
ASN ND2 HD21 sing N N 52  
ASN ND2 HD22 sing N N 53  
ASN OXT HXT  sing N N 54  
ASP N   CA   sing N N 55  
ASP N   H    sing N N 56  
ASP N   H2   sing N N 57  
ASP CA  C    sing N N 58  
ASP CA  CB   sing N N 59  
ASP CA  HA   sing N N 60  
ASP C   O    doub N N 61  
ASP C   OXT  sing N N 62  
ASP CB  CG   sing N N 63  
ASP CB  HB2  sing N N 64  
ASP CB  HB3  sing N N 65  
ASP CG  OD1  doub N N 66  
ASP CG  OD2  sing N N 67  
ASP OD2 HD2  sing N N 68  
ASP OXT HXT  sing N N 69  
GLU N   CA   sing N N 70  
GLU N   H    sing N N 71  
GLU N   H2   sing N N 72  
GLU CA  C    sing N N 73  
GLU CA  CB   sing N N 74  
GLU CA  HA   sing N N 75  
GLU C   O    doub N N 76  
GLU C   OXT  sing N N 77  
GLU CB  CG   sing N N 78  
GLU CB  HB2  sing N N 79  
GLU CB  HB3  sing N N 80  
GLU CG  CD   sing N N 81  
GLU CG  HG2  sing N N 82  
GLU CG  HG3  sing N N 83  
GLU CD  OE1  doub N N 84  
GLU CD  OE2  sing N N 85  
GLU OE2 HE2  sing N N 86  
GLU OXT HXT  sing N N 87  
GLY N   CA   sing N N 88  
GLY N   H    sing N N 89  
GLY N   H2   sing N N 90  
GLY CA  C    sing N N 91  
GLY CA  HA2  sing N N 92  
GLY CA  HA3  sing N N 93  
GLY C   O    doub N N 94  
GLY C   OXT  sing N N 95  
GLY OXT HXT  sing N N 96  
ILE N   CA   sing N N 97  
ILE N   H    sing N N 98  
ILE N   H2   sing N N 99  
ILE CA  C    sing N N 100 
ILE CA  CB   sing N N 101 
ILE CA  HA   sing N N 102 
ILE C   O    doub N N 103 
ILE C   OXT  sing N N 104 
ILE CB  CG1  sing N N 105 
ILE CB  CG2  sing N N 106 
ILE CB  HB   sing N N 107 
ILE CG1 CD1  sing N N 108 
ILE CG1 HG12 sing N N 109 
ILE CG1 HG13 sing N N 110 
ILE CG2 HG21 sing N N 111 
ILE CG2 HG22 sing N N 112 
ILE CG2 HG23 sing N N 113 
ILE CD1 HD11 sing N N 114 
ILE CD1 HD12 sing N N 115 
ILE CD1 HD13 sing N N 116 
ILE OXT HXT  sing N N 117 
LEU N   CA   sing N N 118 
LEU N   H    sing N N 119 
LEU N   H2   sing N N 120 
LEU CA  C    sing N N 121 
LEU CA  CB   sing N N 122 
LEU CA  HA   sing N N 123 
LEU C   O    doub N N 124 
LEU C   OXT  sing N N 125 
LEU CB  CG   sing N N 126 
LEU CB  HB2  sing N N 127 
LEU CB  HB3  sing N N 128 
LEU CG  CD1  sing N N 129 
LEU CG  CD2  sing N N 130 
LEU CG  HG   sing N N 131 
LEU CD1 HD11 sing N N 132 
LEU CD1 HD12 sing N N 133 
LEU CD1 HD13 sing N N 134 
LEU CD2 HD21 sing N N 135 
LEU CD2 HD22 sing N N 136 
LEU CD2 HD23 sing N N 137 
LEU OXT HXT  sing N N 138 
LYS N   CA   sing N N 139 
LYS N   H    sing N N 140 
LYS N   H2   sing N N 141 
LYS CA  C    sing N N 142 
LYS CA  CB   sing N N 143 
LYS CA  HA   sing N N 144 
LYS C   O    doub N N 145 
LYS C   OXT  sing N N 146 
LYS CB  CG   sing N N 147 
LYS CB  HB2  sing N N 148 
LYS CB  HB3  sing N N 149 
LYS CG  CD   sing N N 150 
LYS CG  HG2  sing N N 151 
LYS CG  HG3  sing N N 152 
LYS CD  CE   sing N N 153 
LYS CD  HD2  sing N N 154 
LYS CD  HD3  sing N N 155 
LYS CE  NZ   sing N N 156 
LYS CE  HE2  sing N N 157 
LYS CE  HE3  sing N N 158 
LYS NZ  HZ1  sing N N 159 
LYS NZ  HZ2  sing N N 160 
LYS NZ  HZ3  sing N N 161 
LYS OXT HXT  sing N N 162 
MET N   CA   sing N N 163 
MET N   H    sing N N 164 
MET N   H2   sing N N 165 
MET CA  C    sing N N 166 
MET CA  CB   sing N N 167 
MET CA  HA   sing N N 168 
MET C   O    doub N N 169 
MET C   OXT  sing N N 170 
MET CB  CG   sing N N 171 
MET CB  HB2  sing N N 172 
MET CB  HB3  sing N N 173 
MET CG  SD   sing N N 174 
MET CG  HG2  sing N N 175 
MET CG  HG3  sing N N 176 
MET SD  CE   sing N N 177 
MET CE  HE1  sing N N 178 
MET CE  HE2  sing N N 179 
MET CE  HE3  sing N N 180 
MET OXT HXT  sing N N 181 
PHE N   CA   sing N N 182 
PHE N   H    sing N N 183 
PHE N   H2   sing N N 184 
PHE CA  C    sing N N 185 
PHE CA  CB   sing N N 186 
PHE CA  HA   sing N N 187 
PHE C   O    doub N N 188 
PHE C   OXT  sing N N 189 
PHE CB  CG   sing N N 190 
PHE CB  HB2  sing N N 191 
PHE CB  HB3  sing N N 192 
PHE CG  CD1  doub Y N 193 
PHE CG  CD2  sing Y N 194 
PHE CD1 CE1  sing Y N 195 
PHE CD1 HD1  sing N N 196 
PHE CD2 CE2  doub Y N 197 
PHE CD2 HD2  sing N N 198 
PHE CE1 CZ   doub Y N 199 
PHE CE1 HE1  sing N N 200 
PHE CE2 CZ   sing Y N 201 
PHE CE2 HE2  sing N N 202 
PHE CZ  HZ   sing N N 203 
PHE OXT HXT  sing N N 204 
PRO N   CA   sing N N 205 
PRO N   CD   sing N N 206 
PRO N   H    sing N N 207 
PRO CA  C    sing N N 208 
PRO CA  CB   sing N N 209 
PRO CA  HA   sing N N 210 
PRO C   O    doub N N 211 
PRO C   OXT  sing N N 212 
PRO CB  CG   sing N N 213 
PRO CB  HB2  sing N N 214 
PRO CB  HB3  sing N N 215 
PRO CG  CD   sing N N 216 
PRO CG  HG2  sing N N 217 
PRO CG  HG3  sing N N 218 
PRO CD  HD2  sing N N 219 
PRO CD  HD3  sing N N 220 
PRO OXT HXT  sing N N 221 
SER N   CA   sing N N 222 
SER N   H    sing N N 223 
SER N   H2   sing N N 224 
SER CA  C    sing N N 225 
SER CA  CB   sing N N 226 
SER CA  HA   sing N N 227 
SER C   O    doub N N 228 
SER C   OXT  sing N N 229 
SER CB  OG   sing N N 230 
SER CB  HB2  sing N N 231 
SER CB  HB3  sing N N 232 
SER OG  HG   sing N N 233 
SER OXT HXT  sing N N 234 
THR N   CA   sing N N 235 
THR N   H    sing N N 236 
THR N   H2   sing N N 237 
THR CA  C    sing N N 238 
THR CA  CB   sing N N 239 
THR CA  HA   sing N N 240 
THR C   O    doub N N 241 
THR C   OXT  sing N N 242 
THR CB  OG1  sing N N 243 
THR CB  CG2  sing N N 244 
THR CB  HB   sing N N 245 
THR OG1 HG1  sing N N 246 
THR CG2 HG21 sing N N 247 
THR CG2 HG22 sing N N 248 
THR CG2 HG23 sing N N 249 
THR OXT HXT  sing N N 250 
VAL N   CA   sing N N 251 
VAL N   H    sing N N 252 
VAL N   H2   sing N N 253 
VAL CA  C    sing N N 254 
VAL CA  CB   sing N N 255 
VAL CA  HA   sing N N 256 
VAL C   O    doub N N 257 
VAL C   OXT  sing N N 258 
VAL CB  CG1  sing N N 259 
VAL CB  CG2  sing N N 260 
VAL CB  HB   sing N N 261 
VAL CG1 HG11 sing N N 262 
VAL CG1 HG12 sing N N 263 
VAL CG1 HG13 sing N N 264 
VAL CG2 HG21 sing N N 265 
VAL CG2 HG22 sing N N 266 
VAL CG2 HG23 sing N N 267 
VAL OXT HXT  sing N N 268 
# 
_pdbx_initial_refinement_model.accession_code   ? 
_pdbx_initial_refinement_model.id               1 
_pdbx_initial_refinement_model.entity_id_list   ? 
_pdbx_initial_refinement_model.type             'in silico model' 
_pdbx_initial_refinement_model.source_name      ? 
_pdbx_initial_refinement_model.details          'SAXS-FILTERED ROSETTA FOLD-AND-DOCK AB INITIO MODEL' 
# 
_atom_sites.entry_id                    4BXT 
_atom_sites.fract_transf_matrix[1][1]   -0.00896458 
_atom_sites.fract_transf_matrix[1][2]   0.01189116 
_atom_sites.fract_transf_matrix[1][3]   -0.00126082 
_atom_sites.fract_transf_matrix[2][1]   -0.01206839 
_atom_sites.fract_transf_matrix[2][2]   -0.00751613 
_atom_sites.fract_transf_matrix[2][3]   0.01492092 
_atom_sites.fract_transf_matrix[3][1]   0.00846033 
_atom_sites.fract_transf_matrix[3][2]   0.00750449 
_atom_sites.fract_transf_matrix[3][3]   0.01062316 
_atom_sites.fract_transf_vector[1]      -0.146966 
_atom_sites.fract_transf_vector[2]      0.144988 
_atom_sites.fract_transf_vector[3]      -0.097902 
# 
loop_
_atom_type.symbol 
C 
N 
O 
S 
# 
loop_
_atom_site.group_PDB 
_atom_site.id 
_atom_site.type_symbol 
_atom_site.label_atom_id 
_atom_site.label_alt_id 
_atom_site.label_comp_id 
_atom_site.label_asym_id 
_atom_site.label_entity_id 
_atom_site.label_seq_id 
_atom_site.pdbx_PDB_ins_code 
_atom_site.Cartn_x 
_atom_site.Cartn_y 
_atom_site.Cartn_z 
_atom_site.occupancy 
_atom_site.B_iso_or_equiv 
_atom_site.pdbx_formal_charge 
_atom_site.auth_seq_id 
_atom_site.auth_comp_id 
_atom_site.auth_asym_id 
_atom_site.auth_atom_id 
_atom_site.pdbx_PDB_model_num 
ATOM 1    N N   . LEU A 1 13 ? -15.328 1.773   -0.093  1.00 43.51  ? 170 LEU A N   1 
ATOM 2    C CA  . LEU A 1 13 ? -14.741 1.441   -1.381  1.00 43.27  ? 170 LEU A CA  1 
ATOM 3    C C   . LEU A 1 13 ? -15.306 0.118   -1.917  1.00 46.82  ? 170 LEU A C   1 
ATOM 4    O O   . LEU A 1 13 ? -15.418 -0.851  -1.167  1.00 46.27  ? 170 LEU A O   1 
ATOM 5    C CB  . LEU A 1 13 ? -13.211 1.365   -1.259  1.00 43.35  ? 170 LEU A CB  1 
ATOM 6    C CG  . LEU A 1 13 ? -12.417 1.825   -2.473  1.00 48.07  ? 170 LEU A CG  1 
ATOM 7    C CD1 . LEU A 1 13 ? -11.308 2.766   -2.067  1.00 48.24  ? 170 LEU A CD1 1 
ATOM 8    C CD2 . LEU A 1 13 ? -11.798 0.656   -3.176  1.00 50.53  ? 170 LEU A CD2 1 
ATOM 9    N N   . SER A 1 14 ? -15.683 0.106   -3.204  1.00 43.24  ? 171 SER A N   1 
ATOM 10   C CA  . SER A 1 14 ? -16.248 -1.046  -3.891  1.00 42.91  ? 171 SER A CA  1 
ATOM 11   C C   . SER A 1 14 ? -15.232 -2.193  -3.986  1.00 46.32  ? 171 SER A C   1 
ATOM 12   O O   . SER A 1 14 ? -14.030 -1.934  -4.037  1.00 45.88  ? 171 SER A O   1 
ATOM 13   C CB  . SER A 1 14 ? -16.730 -0.668  -5.290  1.00 46.49  ? 171 SER A CB  1 
ATOM 14   O OG  . SER A 1 14 ? -16.444 0.668   -5.660  1.00 55.33  ? 171 SER A OG  1 
ATOM 15   N N   . ILE A 1 15 ? -15.724 -3.454  -4.015  1.00 42.50  ? 172 ILE A N   1 
ATOM 16   C CA  . ILE A 1 15 ? -14.913 -4.659  -4.143  1.00 42.16  ? 172 ILE A CA  1 
ATOM 17   C C   . ILE A 1 15 ? -14.105 -4.553  -5.438  1.00 45.70  ? 172 ILE A C   1 
ATOM 18   O O   . ILE A 1 15 ? -12.900 -4.815  -5.447  1.00 45.21  ? 172 ILE A O   1 
ATOM 19   C CB  . ILE A 1 15 ? -15.830 -5.921  -4.099  1.00 45.24  ? 172 ILE A CB  1 
ATOM 20   C CG1 . ILE A 1 15 ? -16.013 -6.391  -2.655  1.00 45.59  ? 172 ILE A CG1 1 
ATOM 21   C CG2 . ILE A 1 15 ? -15.352 -7.080  -4.988  1.00 45.98  ? 172 ILE A CG2 1 
ATOM 22   C CD1 . ILE A 1 15 ? -17.329 -6.800  -2.395  1.00 52.37  ? 172 ILE A CD1 1 
ATOM 23   N N   . GLU A 1 16 ? -14.778 -4.080  -6.504  1.00 42.04  ? 173 GLU A N   1 
ATOM 24   C CA  . GLU A 1 16 ? -14.247 -3.853  -7.846  1.00 41.75  ? 173 GLU A CA  1 
ATOM 25   C C   . GLU A 1 16 ? -13.069 -2.879  -7.815  1.00 45.20  ? 173 GLU A C   1 
ATOM 26   O O   . GLU A 1 16 ? -12.036 -3.168  -8.410  1.00 44.76  ? 173 GLU A O   1 
ATOM 27   C CB  . GLU A 1 16 ? -15.349 -3.345  -8.797  1.00 43.16  ? 173 GLU A CB  1 
ATOM 28   C CG  . GLU A 1 16 ? -16.561 -4.256  -8.919  1.00 53.96  ? 173 GLU A CG  1 
ATOM 29   C CD  . GLU A 1 16 ? -17.569 -4.196  -7.788  1.00 74.43  ? 173 GLU A CD  1 
ATOM 30   O OE1 . GLU A 1 16 ? -17.577 -3.208  -7.035  1.00 69.43  ? 173 GLU A OE1 1 
ATOM 31   O OE2 . GLU A 1 16 ? -18.362 -5.154  -7.658  1.00 67.78  ? 173 GLU A OE2 1 
ATOM 32   N N   . ALA A 1 17 ? -13.218 -1.750  -7.092  1.00 41.43  ? 174 ALA A N   1 
ATOM 33   C CA  . ALA A 1 17 ? -12.159 -0.754  -6.945  1.00 41.09  ? 174 ALA A CA  1 
ATOM 34   C C   . ALA A 1 17 ? -10.963 -1.291  -6.140  1.00 44.60  ? 174 ALA A C   1 
ATOM 35   O O   . ALA A 1 17 ? -9.820  -1.012  -6.504  1.00 44.26  ? 174 ALA A O   1 
ATOM 36   C CB  . ALA A 1 17 ? -12.700 0.528   -6.346  1.00 41.81  ? 174 ALA A CB  1 
ATOM 37   N N   . ARG A 1 18 ? -11.225 -2.119  -5.092  1.00 40.73  ? 175 ARG A N   1 
ATOM 38   C CA  . ARG A 1 18 ? -10.192 -2.767  -4.276  1.00 40.32  ? 175 ARG A CA  1 
ATOM 39   C C   . ARG A 1 18 ? -9.423  -3.698  -5.193  1.00 43.54  ? 175 ARG A C   1 
ATOM 40   O O   . ARG A 1 18 ? -8.196  -3.677  -5.208  1.00 43.16  ? 175 ARG A O   1 
ATOM 41   C CB  . ARG A 1 18 ? -10.814 -3.569  -3.127  1.00 40.78  ? 175 ARG A CB  1 
ATOM 42   C CG  . ARG A 1 18 ? -11.155 -2.749  -1.895  1.00 51.78  ? 175 ARG A CG  1 
ATOM 43   C CD  . ARG A 1 18 ? -9.973  -2.582  -0.966  1.00 62.06  ? 175 ARG A CD  1 
ATOM 44   N NE  . ARG A 1 18 ? -10.269 -1.591  0.063   1.00 71.49  ? 175 ARG A NE  1 
ATOM 45   C CZ  . ARG A 1 18 ? -9.519  -0.533  0.319   1.00 86.27  ? 175 ARG A CZ  1 
ATOM 46   N NH1 . ARG A 1 18 ? -8.393  -0.320  -0.358  1.00 74.22  ? 175 ARG A NH1 1 
ATOM 47   N NH2 . ARG A 1 18 ? -9.870  0.328   1.265   1.00 72.94  ? 175 ARG A NH2 1 
ATOM 48   N N   . LEU A 1 19 ? -10.172 -4.497  -5.982  1.00 39.52  ? 176 LEU A N   1 
ATOM 49   C CA  . LEU A 1 19 ? -9.663  -5.438  -6.973  1.00 39.05  ? 176 LEU A CA  1 
ATOM 50   C C   . LEU A 1 19 ? -8.861  -4.711  -8.044  1.00 42.34  ? 176 LEU A C   1 
ATOM 51   O O   . LEU A 1 19 ? -7.803  -5.200  -8.424  1.00 41.89  ? 176 LEU A O   1 
ATOM 52   C CB  . LEU A 1 19 ? -10.793 -6.257  -7.597  1.00 39.08  ? 176 LEU A CB  1 
ATOM 53   C CG  . LEU A 1 19 ? -11.220 -7.470  -6.778  1.00 43.80  ? 176 LEU A CG  1 
ATOM 54   C CD1 . LEU A 1 19 ? -12.630 -7.870  -7.096  1.00 43.99  ? 176 LEU A CD1 1 
ATOM 55   C CD2 . LEU A 1 19 ? -10.261 -8.632  -7.004  1.00 46.32  ? 176 LEU A CD2 1 
ATOM 56   N N   . GLU A 1 20 ? -9.357  -3.538  -8.506  1.00 38.51  ? 177 GLU A N   1 
ATOM 57   C CA  . GLU A 1 20 ? -8.715  -2.693  -9.513  1.00 38.13  ? 177 GLU A CA  1 
ATOM 58   C C   . GLU A 1 20 ? -7.337  -2.223  -9.064  1.00 41.28  ? 177 GLU A C   1 
ATOM 59   O O   . GLU A 1 20 ? -6.401  -2.200  -9.864  1.00 40.81  ? 177 GLU A O   1 
ATOM 60   C CB  . GLU A 1 20 ? -9.585  -1.470  -9.835  1.00 39.55  ? 177 GLU A CB  1 
ATOM 61   C CG  . GLU A 1 20 ? -10.652 -1.714  -10.881 1.00 50.56  ? 177 GLU A CG  1 
ATOM 62   C CD  . GLU A 1 20 ? -11.630 -0.570  -11.040 1.00 72.57  ? 177 GLU A CD  1 
ATOM 63   O OE1 . GLU A 1 20 ? -11.205 0.596   -10.944 1.00 66.37  ? 177 GLU A OE1 1 
ATOM 64   O OE2 . GLU A 1 20 ? -12.830 -0.840  -11.249 1.00 69.14  ? 177 GLU A OE2 1 
ATOM 65   N N   . SER A 1 21 ? -7.227  -1.815  -7.786  1.00 37.30  ? 178 SER A N   1 
ATOM 66   C CA  . SER A 1 21 ? -5.976  -1.375  -7.193  1.00 36.91  ? 178 SER A CA  1 
ATOM 67   C C   . SER A 1 21 ? -5.005  -2.551  -7.079  1.00 40.48  ? 178 SER A C   1 
ATOM 68   O O   . SER A 1 21 ? -3.849  -2.376  -7.445  1.00 40.10  ? 178 SER A O   1 
ATOM 69   C CB  . SER A 1 21 ? -6.217  -0.756  -5.823  1.00 40.32  ? 178 SER A CB  1 
ATOM 70   O OG  . SER A 1 21 ? -4.994  -0.416  -5.198  1.00 48.72  ? 178 SER A OG  1 
ATOM 71   N N   . ILE A 1 22 ? -5.484  -3.738  -6.612  1.00 36.73  ? 179 ILE A N   1 
ATOM 72   C CA  . ILE A 1 22 ? -4.701  -4.972  -6.447  1.00 36.42  ? 179 ILE A CA  1 
ATOM 73   C C   . ILE A 1 22 ? -4.011  -5.391  -7.758  1.00 40.02  ? 179 ILE A C   1 
ATOM 74   O O   . ILE A 1 22 ? -2.799  -5.610  -7.768  1.00 39.60  ? 179 ILE A O   1 
ATOM 75   C CB  . ILE A 1 22 ? -5.564  -6.133  -5.833  1.00 39.55  ? 179 ILE A CB  1 
ATOM 76   C CG1 . ILE A 1 22 ? -5.996  -5.788  -4.389  1.00 39.98  ? 179 ILE A CG1 1 
ATOM 77   C CG2 . ILE A 1 22 ? -4.829  -7.483  -5.880  1.00 40.32  ? 179 ILE A CG2 1 
ATOM 78   C CD1 . ILE A 1 22 ? -6.868  -6.809  -3.672  1.00 47.18  ? 179 ILE A CD1 1 
ATOM 79   N N   . GLU A 1 23 ? -4.778  -5.467  -8.863  1.00 36.37  ? 180 GLU A N   1 
ATOM 80   C CA  . GLU A 1 23 ? -4.294  -5.847  -10.198 1.00 36.05  ? 180 GLU A CA  1 
ATOM 81   C C   . GLU A 1 23 ? -3.195  -4.919  -10.689 1.00 39.72  ? 180 GLU A C   1 
ATOM 82   O O   . GLU A 1 23 ? -2.213  -5.381  -11.270 1.00 39.31  ? 180 GLU A O   1 
ATOM 83   C CB  . GLU A 1 23 ? -5.439  -5.885  -11.219 1.00 37.40  ? 180 GLU A CB  1 
ATOM 84   C CG  . GLU A 1 23 ? -6.638  -6.674  -10.739 1.00 47.64  ? 180 GLU A CG  1 
ATOM 85   C CD  . GLU A 1 23 ? -7.497  -7.251  -11.834 1.00 67.50  ? 180 GLU A CD  1 
ATOM 86   O OE1 . GLU A 1 23 ? -7.064  -8.232  -12.466 1.00 61.88  ? 180 GLU A OE1 1 
ATOM 87   O OE2 . GLU A 1 23 ? -8.608  -6.732  -12.051 1.00 60.80  ? 180 GLU A OE2 1 
ATOM 88   N N   . GLU A 1 24 ? -3.367  -3.612  -10.439 1.00 36.11  ? 181 GLU A N   1 
ATOM 89   C CA  . GLU A 1 24 ? -2.429  -2.581  -10.830 1.00 35.89  ? 181 GLU A CA  1 
ATOM 90   C C   . GLU A 1 24 ? -1.082  -2.809  -10.141 1.00 39.62  ? 181 GLU A C   1 
ATOM 91   O O   . GLU A 1 24 ? -0.027  -2.747  -10.790 1.00 39.19  ? 181 GLU A O   1 
ATOM 92   C CB  . GLU A 1 24 ? -2.997  -1.207  -10.460 1.00 37.30  ? 181 GLU A CB  1 
ATOM 93   C CG  . GLU A 1 24 ? -2.551  -0.081  -11.371 1.00 48.34  ? 181 GLU A CG  1 
ATOM 94   C CD  . GLU A 1 24 ? -2.224  1.270   -10.761 1.00 69.37  ? 181 GLU A CD  1 
ATOM 95   O OE1 . GLU A 1 24 ? -2.536  1.516   -9.584  1.00 64.67  ? 181 GLU A OE1 1 
ATOM 96   O OE2 . GLU A 1 24 ? -1.558  2.055   -11.466 1.00 63.09  ? 181 GLU A OE2 1 
ATOM 97   N N   . LYS A 1 25 ? -1.128  -3.098  -8.823  1.00 36.05  ? 182 LYS A N   1 
ATOM 98   C CA  . LYS A 1 25 ? 0.058   -3.351  -7.997  1.00 35.80  ? 182 LYS A CA  1 
ATOM 99   C C   . LYS A 1 25 ? 0.805   -4.590  -8.441  1.00 39.52  ? 182 LYS A C   1 
ATOM 100  O O   . LYS A 1 25 ? 2.028   -4.566  -8.490  1.00 39.05  ? 182 LYS A O   1 
ATOM 101  C CB  . LYS A 1 25 ? -0.312  -3.452  -6.513  1.00 38.26  ? 182 LYS A CB  1 
ATOM 102  C CG  . LYS A 1 25 ? -1.014  -2.208  -6.023  1.00 52.25  ? 182 LYS A CG  1 
ATOM 103  C CD  . LYS A 1 25 ? -1.002  -2.040  -4.538  1.00 61.99  ? 182 LYS A CD  1 
ATOM 104  C CE  . LYS A 1 25 ? -1.528  -0.671  -4.171  1.00 72.72  ? 182 LYS A CE  1 
ATOM 105  N NZ  . LYS A 1 25 ? -0.536  0.404   -4.451  1.00 82.03  ? 182 LYS A NZ  1 
ATOM 106  N N   . LEU A 1 26 ? 0.068   -5.667  -8.800  1.00 36.05  ? 183 LEU A N   1 
ATOM 107  C CA  . LEU A 1 26 ? 0.657   -6.929  -9.259  1.00 35.91  ? 183 LEU A CA  1 
ATOM 108  C C   . LEU A 1 26 ? 1.474   -6.722  -10.531 1.00 39.94  ? 183 LEU A C   1 
ATOM 109  O O   . LEU A 1 26 ? 2.556   -7.289  -10.656 1.00 39.49  ? 183 LEU A O   1 
ATOM 110  C CB  . LEU A 1 26 ? -0.417  -7.999  -9.485  1.00 35.94  ? 183 LEU A CB  1 
ATOM 111  C CG  . LEU A 1 26 ? -0.957  -8.721  -8.250  1.00 40.56  ? 183 LEU A CG  1 
ATOM 112  C CD1 . LEU A 1 26 ? -2.125  -9.591  -8.609  1.00 40.68  ? 183 LEU A CD1 1 
ATOM 113  C CD2 . LEU A 1 26 ? 0.124   -9.542  -7.555  1.00 42.95  ? 183 LEU A CD2 1 
ATOM 114  N N   . SER A 1 27 ? 0.939   -5.910  -11.469 1.00 36.67  ? 184 SER A N   1 
ATOM 115  C CA  . SER A 1 27 ? 1.568   -5.585  -12.744 1.00 36.57  ? 184 SER A CA  1 
ATOM 116  C C   . SER A 1 27 ? 2.876   -4.826  -12.512 1.00 40.63  ? 184 SER A C   1 
ATOM 117  O O   . SER A 1 27 ? 3.879   -5.094  -13.177 1.00 40.15  ? 184 SER A O   1 
ATOM 118  C CB  . SER A 1 27 ? 0.622   -4.774  -13.625 1.00 40.14  ? 184 SER A CB  1 
ATOM 119  O OG  . SER A 1 27 ? -0.669  -5.357  -13.689 1.00 48.97  ? 184 SER A OG  1 
ATOM 120  N N   . MET A 1 28 ? 2.856   -3.892  -11.545 1.00 37.41  ? 185 MET A N   1 
ATOM 121  C CA  . MET A 1 28 ? 4.000   -3.077  -11.141 1.00 37.36  ? 185 MET A CA  1 
ATOM 122  C C   . MET A 1 28 ? 5.108   -3.987  -10.593 1.00 41.38  ? 185 MET A C   1 
ATOM 123  O O   . MET A 1 28 ? 6.256   -3.835  -10.999 1.00 40.98  ? 185 MET A O   1 
ATOM 124  C CB  . MET A 1 28 ? 3.605   -2.055  -10.068 1.00 39.75  ? 185 MET A CB  1 
ATOM 125  C CG  . MET A 1 28 ? 2.743   -0.933  -10.557 1.00 43.48  ? 185 MET A CG  1 
ATOM 126  S SD  . MET A 1 28 ? 2.611   0.338   -9.305  1.00 47.72  ? 185 MET A SD  1 
ATOM 127  C CE  . MET A 1 28 ? 0.975   0.819   -9.577  1.00 44.42  ? 185 MET A CE  1 
ATOM 128  N N   . ILE A 1 29 ? 4.755   -4.913  -9.676  1.00 37.97  ? 186 ILE A N   1 
ATOM 129  C CA  . ILE A 1 29 ? 5.660   -5.883  -9.065  1.00 37.83  ? 186 ILE A CA  1 
ATOM 130  C C   . ILE A 1 29 ? 6.319   -6.746  -10.154 1.00 41.84  ? 186 ILE A C   1 
ATOM 131  O O   . ILE A 1 29 ? 7.538   -6.939  -10.125 1.00 41.34  ? 186 ILE A O   1 
ATOM 132  C CB  . ILE A 1 29 ? 4.927   -6.749  -7.996  1.00 40.96  ? 186 ILE A CB  1 
ATOM 133  C CG1 . ILE A 1 29 ? 4.411   -5.858  -6.847  1.00 41.38  ? 186 ILE A CG1 1 
ATOM 134  C CG2 . ILE A 1 29 ? 5.842   -7.833  -7.430  1.00 41.68  ? 186 ILE A CG2 1 
ATOM 135  C CD1 . ILE A 1 29 ? 3.516   -6.573  -5.831  1.00 48.49  ? 186 ILE A CD1 1 
ATOM 136  N N   . LEU A 1 30 ? 5.510   -7.243  -11.118 1.00 38.66  ? 187 LEU A N   1 
ATOM 137  C CA  . LEU A 1 30 ? 5.983   -8.038  -12.257 1.00 38.59  ? 187 LEU A CA  1 
ATOM 138  C C   . LEU A 1 30 ? 7.003   -7.278  -13.101 1.00 42.66  ? 187 LEU A C   1 
ATOM 139  O O   . LEU A 1 30 ? 8.035   -7.849  -13.445 1.00 42.13  ? 187 LEU A O   1 
ATOM 140  C CB  . LEU A 1 30 ? 4.830   -8.540  -13.135 1.00 38.65  ? 187 LEU A CB  1 
ATOM 141  C CG  . LEU A 1 30 ? 4.165   -9.878  -12.755 1.00 43.38  ? 187 LEU A CG  1 
ATOM 142  C CD1 . LEU A 1 30 ? 3.233   -10.334 -13.859 1.00 43.50  ? 187 LEU A CD1 1 
ATOM 143  C CD2 . LEU A 1 30 ? 5.171   -10.974 -12.507 1.00 45.93  ? 187 LEU A CD2 1 
ATOM 144  N N   . GLY A 1 31 ? 6.717   -5.999  -13.368 1.00 39.38  ? 188 GLY A N   1 
ATOM 145  C CA  . GLY A 1 31 ? 7.598   -5.077  -14.085 1.00 39.25  ? 188 GLY A CA  1 
ATOM 146  C C   . GLY A 1 31 ? 8.937   -4.902  -13.387 1.00 43.22  ? 188 GLY A C   1 
ATOM 147  O O   . GLY A 1 31 ? 9.985   -4.953  -14.035 1.00 42.81  ? 188 GLY A O   1 
ATOM 148  N N   . LEU A 1 32 ? 8.905   -4.697  -12.050 1.00 39.90  ? 189 LEU A N   1 
ATOM 149  C CA  . LEU A 1 32 ? 10.099  -4.567  -11.202 1.00 39.78  ? 189 LEU A CA  1 
ATOM 150  C C   . LEU A 1 32 ? 10.899  -5.887  -11.179 1.00 43.62  ? 189 LEU A C   1 
ATOM 151  O O   . LEU A 1 32 ? 12.127  -5.877  -11.307 1.00 43.10  ? 189 LEU A O   1 
ATOM 152  C CB  . LEU A 1 32 ? 9.693   -4.194  -9.775  1.00 39.89  ? 189 LEU A CB  1 
ATOM 153  C CG  . LEU A 1 32 ? 10.012  -2.812  -9.271  1.00 44.68  ? 189 LEU A CG  1 
ATOM 154  C CD1 . LEU A 1 32 ? 9.224   -2.542  -8.028  1.00 44.89  ? 189 LEU A CD1 1 
ATOM 155  C CD2 . LEU A 1 32 ? 11.496  -2.688  -8.919  1.00 47.09  ? 189 LEU A CD2 1 
ATOM 156  N N   . LEU A 1 33 ? 10.180  -7.019  -11.010 1.00 40.28  ? 190 LEU A N   1 
ATOM 157  C CA  . LEU A 1 33 ? 10.770  -8.355  -10.943 1.00 40.14  ? 190 LEU A CA  1 
ATOM 158  C C   . LEU A 1 33 ? 11.402  -8.769  -12.255 1.00 44.21  ? 190 LEU A C   1 
ATOM 159  O O   . LEU A 1 33 ? 12.405  -9.474  -12.242 1.00 43.78  ? 190 LEU A O   1 
ATOM 160  C CB  . LEU A 1 33 ? 9.770   -9.410  -10.480 1.00 40.16  ? 190 LEU A CB  1 
ATOM 161  C CG  . LEU A 1 33 ? 9.454   -9.447  -8.993  1.00 44.78  ? 190 LEU A CG  1 
ATOM 162  C CD1 . LEU A 1 33 ? 8.369   -10.418 -8.725  1.00 44.97  ? 190 LEU A CD1 1 
ATOM 163  C CD2 . LEU A 1 33 ? 10.704  -9.749  -8.148  1.00 47.02  ? 190 LEU A CD2 1 
ATOM 164  N N   . ARG A 1 34 ? 10.814  -8.316  -13.385 1.00 40.93  ? 191 ARG A N   1 
ATOM 165  C CA  . ARG A 1 34 ? 11.298  -8.583  -14.733 1.00 40.86  ? 191 ARG A CA  1 
ATOM 166  C C   . ARG A 1 34 ? 12.803  -8.312  -14.798 1.00 45.17  ? 191 ARG A C   1 
ATOM 167  O O   . ARG A 1 34 ? 13.553  -9.160  -15.280 1.00 44.93  ? 191 ARG A O   1 
ATOM 168  C CB  . ARG A 1 34 ? 10.550  -7.712  -15.759 1.00 41.11  ? 191 ARG A CB  1 
ATOM 169  C CG  . ARG A 1 34 ? 11.261  -7.557  -17.107 1.00 51.51  ? 191 ARG A CG  1 
ATOM 170  C CD  . ARG A 1 34 ? 10.463  -6.805  -18.158 1.00 62.17  ? 191 ARG A CD  1 
ATOM 171  N NE  . ARG A 1 34 ? 10.349  -5.369  -17.878 1.00 71.98  ? 191 ARG A NE  1 
ATOM 172  C CZ  . ARG A 1 34 ? 11.222  -4.453  -18.275 1.00 87.02  ? 191 ARG A CZ  1 
ATOM 173  N NH1 . ARG A 1 34 ? 12.300  -4.802  -18.969 1.00 74.04  ? 191 ARG A NH1 1 
ATOM 174  N NH2 . ARG A 1 34 ? 11.033  -3.173  -17.981 1.00 74.76  ? 191 ARG A NH2 1 
ATOM 175  N N   . THR A 1 35 ? 13.232  -7.170  -14.243 1.00 41.76  ? 192 THR A N   1 
ATOM 176  C CA  . THR A 1 35 ? 14.620  -6.731  -14.230 1.00 41.57  ? 192 THR A CA  1 
ATOM 177  C C   . THR A 1 35 ? 15.301  -6.944  -12.863 1.00 45.26  ? 192 THR A C   1 
ATOM 178  O O   . THR A 1 35 ? 15.700  -5.965  -12.228 1.00 44.85  ? 192 THR A O   1 
ATOM 179  C CB  . THR A 1 35 ? 14.708  -5.246  -14.646 1.00 50.05  ? 192 THR A CB  1 
ATOM 180  O OG1 . THR A 1 35 ? 14.119  -4.429  -13.645 1.00 49.70  ? 192 THR A OG1 1 
ATOM 181  C CG2 . THR A 1 35 ? 14.049  -4.982  -15.988 1.00 48.74  ? 192 THR A CG2 1 
ATOM 182  N N   . LEU A 1 36 ? 15.423  -8.197  -12.405 1.00 41.70  ? 193 LEU A N   1 
ATOM 183  C CA  . LEU A 1 36 ? 16.044  -8.546  -11.127 1.00 69.46  ? 193 LEU A CA  1 
ATOM 184  C C   . LEU A 1 36 ? 16.227  -10.070 -11.077 1.00 95.82  ? 193 LEU A C   1 
ATOM 185  O O   . LEU A 1 36 ? 15.307  -10.828 -11.378 1.00 56.55  ? 193 LEU A O   1 
ATOM 186  C CB  . LEU A 1 36 ? 15.217  -8.048  -9.923  1.00 69.49  ? 193 LEU A CB  1 
ATOM 187  C CG  . LEU A 1 36 ? 15.868  -7.083  -8.907  1.00 74.15  ? 193 LEU A CG  1 
ATOM 188  C CD1 . LEU A 1 36 ? 16.222  -5.743  -9.536  1.00 76.60  ? 193 LEU A CD1 1 
ATOM 189  C CD2 . LEU A 1 36 ? 14.912  -6.794  -7.762  1.00 74.30  ? 193 LEU A CD2 1 
ATOM 190  N N   . LEU B 1 13 ? -13.859 -12.404 9.409   1.00 49.25  ? 170 LEU B N   1 
ATOM 191  C CA  . LEU B 1 13 ? -13.473 -11.173 8.740   1.00 49.04  ? 170 LEU B CA  1 
ATOM 192  C C   . LEU B 1 13 ? -14.144 -11.092 7.359   1.00 52.76  ? 170 LEU B C   1 
ATOM 193  O O   . LEU B 1 13 ? -13.988 -12.006 6.554   1.00 52.29  ? 170 LEU B O   1 
ATOM 194  C CB  . LEU B 1 13 ? -11.939 -11.093 8.622   1.00 49.12  ? 170 LEU B CB  1 
ATOM 195  C CG  . LEU B 1 13 ? -11.264 -9.721  8.777   1.00 53.82  ? 170 LEU B CG  1 
ATOM 196  C CD1 . LEU B 1 13 ? -11.712 -9.013  10.054  1.00 56.29  ? 170 LEU B CD1 1 
ATOM 197  C CD2 . LEU B 1 13 ? -9.750  -9.859  8.801   1.00 53.97  ? 170 LEU B CD2 1 
ATOM 198  N N   . SER B 1 14 ? -14.908 -10.012 7.111   1.00 49.21  ? 171 SER B N   1 
ATOM 199  C CA  . SER B 1 14 ? -15.618 -9.778  5.863   1.00 48.93  ? 171 SER B CA  1 
ATOM 200  C C   . SER B 1 14 ? -14.618 -9.732  4.698   1.00 52.49  ? 171 SER B C   1 
ATOM 201  O O   . SER B 1 14 ? -13.518 -9.228  4.891   1.00 52.07  ? 171 SER B O   1 
ATOM 202  C CB  . SER B 1 14 ? -16.433 -8.488  5.925   1.00 52.59  ? 171 SER B CB  1 
ATOM 203  O OG  . SER B 1 14 ? -16.032 -7.592  6.947   1.00 61.63  ? 171 SER B OG  1 
ATOM 204  N N   . ILE B 1 15 ? -15.004 -10.248 3.510   1.00 48.78  ? 172 ILE B N   1 
ATOM 205  C CA  . ILE B 1 15 ? -14.177 -10.315 2.306   1.00 48.47  ? 172 ILE B CA  1 
ATOM 206  C C   . ILE B 1 15 ? -13.529 -8.964  1.977   1.00 52.00  ? 172 ILE B C   1 
ATOM 207  O O   . ILE B 1 15 ? -12.341 -8.921  1.637   1.00 51.54  ? 172 ILE B O   1 
ATOM 208  C CB  . ILE B 1 15 ? -14.884 -10.982 1.082   1.00 51.59  ? 172 ILE B CB  1 
ATOM 209  C CG1 . ILE B 1 15 ? -14.572 -10.251 -0.257  1.00 52.01  ? 172 ILE B CG1 1 
ATOM 210  C CG2 . ILE B 1 15 ? -16.390 -11.225 1.328   1.00 52.34  ? 172 ILE B CG2 1 
ATOM 211  C CD1 . ILE B 1 15 ? -15.654 -10.183 -1.329  1.00 59.44  ? 172 ILE B CD1 1 
ATOM 212  N N   . GLU B 1 16 ? -14.301 -7.865  2.131   1.00 48.33  ? 173 GLU B N   1 
ATOM 213  C CA  . GLU B 1 16 ? -13.847 -6.494  1.887   1.00 48.03  ? 173 GLU B CA  1 
ATOM 214  C C   . GLU B 1 16 ? -12.681 -6.187  2.809   1.00 51.47  ? 173 GLU B C   1 
ATOM 215  O O   . GLU B 1 16 ? -11.708 -5.574  2.372   1.00 51.01  ? 173 GLU B O   1 
ATOM 216  C CB  . GLU B 1 16 ? -14.974 -5.474  2.115   1.00 49.42  ? 173 GLU B CB  1 
ATOM 217  C CG  . GLU B 1 16 ? -16.271 -5.819  1.404   1.00 59.91  ? 173 GLU B CG  1 
ATOM 218  C CD  . GLU B 1 16 ? -17.449 -6.079  2.326   1.00 79.61  ? 173 GLU B CD  1 
ATOM 219  O OE1 . GLU B 1 16 ? -17.241 -6.276  3.533   1.00 73.04  ? 173 GLU B OE1 1 
ATOM 220  O OE2 . GLU B 1 16 ? -18.596 -6.031  1.830   1.00 73.69  ? 173 GLU B OE2 1 
ATOM 221  N N   . ALA B 1 17 ? -12.772 -6.638  4.083   1.00 47.75  ? 174 ALA B N   1 
ATOM 222  C CA  . ALA B 1 17 ? -11.703 -6.471  5.066   1.00 47.43  ? 174 ALA B CA  1 
ATOM 223  C C   . ALA B 1 17 ? -10.451 -7.248  4.630   1.00 50.94  ? 174 ALA B C   1 
ATOM 224  O O   . ALA B 1 17 ? -9.352  -6.719  4.757   1.00 50.55  ? 174 ALA B O   1 
ATOM 225  C CB  . ALA B 1 17 ? -12.162 -6.911  6.450   1.00 48.16  ? 174 ALA B CB  1 
ATOM 226  N N   . ARG B 1 18 ? -10.620 -8.478  4.075   1.00 47.16  ? 175 ARG B N   1 
ATOM 227  C CA  . ARG B 1 18 ? -9.501  -9.287  3.567   1.00 46.77  ? 175 ARG B CA  1 
ATOM 228  C C   . ARG B 1 18 ? -8.858  -8.624  2.353   1.00 50.27  ? 175 ARG B C   1 
ATOM 229  O O   . ARG B 1 18 ? -7.634  -8.529  2.300   1.00 49.87  ? 175 ARG B O   1 
ATOM 230  C CB  . ARG B 1 18 ? -9.893  -10.737 3.226   1.00 47.03  ? 175 ARG B CB  1 
ATOM 231  C CG  . ARG B 1 18 ? -11.234 -11.209 3.759   1.00 57.26  ? 175 ARG B CG  1 
ATOM 232  C CD  . ARG B 1 18 ? -11.109 -12.273 4.826   1.00 67.18  ? 175 ARG B CD  1 
ATOM 233  N NE  . ARG B 1 18 ? -10.481 -13.499 4.321   1.00 75.90  ? 175 ARG B NE  1 
ATOM 234  C CZ  . ARG B 1 18 ? -11.144 -14.545 3.847   1.00 90.14  ? 175 ARG B CZ  1 
ATOM 235  N NH1 . ARG B 1 18 ? -12.470 -14.546 3.820   1.00 78.08  ? 175 ARG B NH1 1 
ATOM 236  N NH2 . ARG B 1 18 ? -10.490 -15.607 3.399   1.00 76.42  ? 175 ARG B NH2 1 
ATOM 237  N N   . LEU B 1 19 ? -9.688  -8.153  1.384   1.00 46.47  ? 176 LEU B N   1 
ATOM 238  C CA  . LEU B 1 19 ? -9.246  -7.462  0.164   1.00 46.11  ? 176 LEU B CA  1 
ATOM 239  C C   . LEU B 1 19 ? -8.452  -6.189  0.493   1.00 49.49  ? 176 LEU B C   1 
ATOM 240  O O   . LEU B 1 19 ? -7.429  -5.915  -0.140  1.00 49.11  ? 176 LEU B O   1 
ATOM 241  C CB  . LEU B 1 19 ? -10.433 -7.126  -0.740  1.00 46.17  ? 176 LEU B CB  1 
ATOM 242  C CG  . LEU B 1 19 ? -10.978 -8.229  -1.642  1.00 50.89  ? 176 LEU B CG  1 
ATOM 243  C CD1 . LEU B 1 19 ? -12.217 -7.765  -2.350  1.00 51.07  ? 176 LEU B CD1 1 
ATOM 244  C CD2 . LEU B 1 19 ? -9.951  -8.654  -2.678  1.00 53.38  ? 176 LEU B CD2 1 
ATOM 245  N N   . GLU B 1 20 ? -8.934  -5.436  1.496   1.00 45.59  ? 177 GLU B N   1 
ATOM 246  C CA  . GLU B 1 20 ? -8.340  -4.203  1.986   1.00 45.18  ? 177 GLU B CA  1 
ATOM 247  C C   . GLU B 1 20 ? -6.921  -4.478  2.483   1.00 48.40  ? 177 GLU B C   1 
ATOM 248  O O   . GLU B 1 20 ? -6.000  -3.738  2.146   1.00 47.89  ? 177 GLU B O   1 
ATOM 249  C CB  . GLU B 1 20 ? -9.211  -3.630  3.118   1.00 46.58  ? 177 GLU B CB  1 
ATOM 250  C CG  . GLU B 1 20 ? -8.661  -2.383  3.781   1.00 57.24  ? 177 GLU B CG  1 
ATOM 251  C CD  . GLU B 1 20 ? -9.624  -1.631  4.678   1.00 78.64  ? 177 GLU B CD  1 
ATOM 252  O OE1 . GLU B 1 20 ? -10.695 -2.175  5.001   1.00 72.35  ? 177 GLU B OE1 1 
ATOM 253  O OE2 . GLU B 1 20 ? -9.310  -0.480  5.037   1.00 74.83  ? 177 GLU B OE2 1 
ATOM 254  N N   . SER B 1 21 ? -6.756  -5.558  3.271   1.00 44.57  ? 178 SER B N   1 
ATOM 255  C CA  . SER B 1 21 ? -5.484  -5.996  3.827   1.00 44.23  ? 178 SER B CA  1 
ATOM 256  C C   . SER B 1 21 ? -4.530  -6.405  2.716   1.00 47.60  ? 178 SER B C   1 
ATOM 257  O O   . SER B 1 21 ? -3.373  -6.022  2.776   1.00 47.09  ? 178 SER B O   1 
ATOM 258  C CB  . SER B 1 21 ? -5.693  -7.161  4.800   1.00 47.80  ? 178 SER B CB  1 
ATOM 259  O OG  . SER B 1 21 ? -5.229  -8.408  4.310   1.00 56.57  ? 178 SER B OG  1 
ATOM 260  N N   . ILE B 1 22 ? -5.024  -7.173  1.708   1.00 43.83  ? 179 ILE B N   1 
ATOM 261  C CA  . ILE B 1 22 ? -4.253  -7.672  0.562   1.00 43.43  ? 179 ILE B CA  1 
ATOM 262  C C   . ILE B 1 22 ? -3.602  -6.508  -0.176  1.00 47.04  ? 179 ILE B C   1 
ATOM 263  O O   . ILE B 1 22 ? -2.391  -6.531  -0.396  1.00 46.62  ? 179 ILE B O   1 
ATOM 264  C CB  . ILE B 1 22 ? -5.101  -8.579  -0.398  1.00 46.46  ? 179 ILE B CB  1 
ATOM 265  C CG1 . ILE B 1 22 ? -5.504  -9.900  0.297   1.00 46.86  ? 179 ILE B CG1 1 
ATOM 266  C CG2 . ILE B 1 22 ? -4.357  -8.879  -1.718  1.00 47.14  ? 179 ILE B CG2 1 
ATOM 267  C CD1 . ILE B 1 22 ? -6.336  -10.876 -0.543  1.00 54.12  ? 179 ILE B CD1 1 
ATOM 268  N N   . GLU B 1 23 ? -4.395  -5.472  -0.484  1.00 43.41  ? 180 GLU B N   1 
ATOM 269  C CA  . GLU B 1 23 ? -3.952  -4.283  -1.210  1.00 43.14  ? 180 GLU B CA  1 
ATOM 270  C C   . GLU B 1 23 ? -2.831  -3.541  -0.466  1.00 46.75  ? 180 GLU B C   1 
ATOM 271  O O   . GLU B 1 23 ? -1.863  -3.081  -1.078  1.00 46.27  ? 180 GLU B O   1 
ATOM 272  C CB  . GLU B 1 23 ? -5.151  -3.361  -1.491  1.00 44.52  ? 180 GLU B CB  1 
ATOM 273  C CG  . GLU B 1 23 ? -4.880  -2.256  -2.498  1.00 55.16  ? 180 GLU B CG  1 
ATOM 274  C CD  . GLU B 1 23 ? -5.316  -0.872  -2.062  1.00 75.35  ? 180 GLU B CD  1 
ATOM 275  O OE1 . GLU B 1 23 ? -6.411  -0.769  -1.479  1.00 68.88  ? 180 GLU B OE1 1 
ATOM 276  O OE2 . GLU B 1 23 ? -4.595  0.108   -2.329  1.00 69.47  ? 180 GLU B OE2 1 
ATOM 277  N N   . GLU B 1 24 ? -2.970  -3.450  0.862   1.00 43.22  ? 181 GLU B N   1 
ATOM 278  C CA  . GLU B 1 24 ? -2.004  -2.803  1.742   1.00 42.93  ? 181 GLU B CA  1 
ATOM 279  C C   . GLU B 1 24 ? -0.645  -3.538  1.717   1.00 46.36  ? 181 GLU B C   1 
ATOM 280  O O   . GLU B 1 24 ? 0.407   -2.900  1.661   1.00 45.92  ? 181 GLU B O   1 
ATOM 281  C CB  . GLU B 1 24 ? -2.568  -2.735  3.172   1.00 44.33  ? 181 GLU B CB  1 
ATOM 282  C CG  . GLU B 1 24 ? -1.686  -1.942  4.115   1.00 55.09  ? 181 GLU B CG  1 
ATOM 283  C CD  . GLU B 1 24 ? -1.878  -2.307  5.568   1.00 75.43  ? 181 GLU B CD  1 
ATOM 284  O OE1 . GLU B 1 24 ? -3.001  -2.108  6.047   1.00 69.46  ? 181 GLU B OE1 1 
ATOM 285  O OE2 . GLU B 1 24 ? -0.950  -2.854  6.202   1.00 69.27  ? 181 GLU B OE2 1 
ATOM 286  N N   . LYS B 1 25 ? -0.694  -4.890  1.734   1.00 42.61  ? 182 LYS B N   1 
ATOM 287  C CA  . LYS B 1 25 ? 0.471   -5.778  1.718   1.00 42.25  ? 182 LYS B CA  1 
ATOM 288  C C   . LYS B 1 25 ? 1.212   -5.673  0.401   1.00 45.87  ? 182 LYS B C   1 
ATOM 289  O O   . LYS B 1 25 ? 2.443   -5.650  0.406   1.00 45.42  ? 182 LYS B O   1 
ATOM 290  C CB  . LYS B 1 25 ? 0.104   -7.228  2.039   1.00 44.70  ? 182 LYS B CB  1 
ATOM 291  C CG  . LYS B 1 25 ? -0.722  -7.362  3.326   1.00 58.88  ? 182 LYS B CG  1 
ATOM 292  C CD  . LYS B 1 25 ? -0.461  -8.594  4.105   1.00 68.91  ? 182 LYS B CD  1 
ATOM 293  C CE  . LYS B 1 25 ? -0.831  -8.366  5.556   1.00 80.10  ? 182 LYS B CE  1 
ATOM 294  N NZ  . LYS B 1 25 ? -0.097  -9.270  6.475   1.00 89.31  ? 182 LYS B NZ  1 
ATOM 295  N N   . LEU B 1 26 ? 0.464   -5.578  -0.727  1.00 42.22  ? 183 LEU B N   1 
ATOM 296  C CA  . LEU B 1 26 ? 1.038   -5.436  -2.064  1.00 41.92  ? 183 LEU B CA  1 
ATOM 297  C C   . LEU B 1 26 ? 1.842   -4.149  -2.212  1.00 45.56  ? 183 LEU B C   1 
ATOM 298  O O   . LEU B 1 26 ? 2.889   -4.174  -2.858  1.00 45.08  ? 183 LEU B O   1 
ATOM 299  C CB  . LEU B 1 26 ? -0.013  -5.528  -3.168  1.00 41.99  ? 183 LEU B CB  1 
ATOM 300  C CG  . LEU B 1 26 ? -0.544  -6.896  -3.541  1.00 46.69  ? 183 LEU B CG  1 
ATOM 301  C CD1 . LEU B 1 26 ? -1.645  -6.764  -4.519  1.00 46.88  ? 183 LEU B CD1 1 
ATOM 302  C CD2 . LEU B 1 26 ? 0.514   -7.757  -4.126  1.00 49.17  ? 183 LEU B CD2 1 
ATOM 303  N N   . SER B 1 27 ? 1.335   -3.026  -1.640  1.00 42.06  ? 184 SER B N   1 
ATOM 304  C CA  . SER B 1 27 ? 2.002   -1.725  -1.613  1.00 41.85  ? 184 SER B CA  1 
ATOM 305  C C   . SER B 1 27 ? 3.323   -1.803  -0.849  1.00 45.74  ? 184 SER B C   1 
ATOM 306  O O   . SER B 1 27 ? 4.322   -1.228  -1.282  1.00 45.22  ? 184 SER B O   1 
ATOM 307  C CB  . SER B 1 27 ? 1.092   -0.670  -1.003  1.00 45.37  ? 184 SER B CB  1 
ATOM 308  O OG  . SER B 1 27 ? 0.670   0.237   -1.999  1.00 54.10  ? 184 SER B OG  1 
ATOM 309  N N   . MET B 1 28 ? 3.320   -2.538  0.291   1.00 42.48  ? 185 MET B N   1 
ATOM 310  C CA  . MET B 1 28 ? 4.487   -2.770  1.147   1.00 42.37  ? 185 MET B CA  1 
ATOM 311  C C   . MET B 1 28 ? 5.537   -3.486  0.316   1.00 45.76  ? 185 MET B C   1 
ATOM 312  O O   . MET B 1 28 ? 6.667   -3.021  0.292   1.00 45.24  ? 185 MET B O   1 
ATOM 313  C CB  . MET B 1 28 ? 4.121   -3.636  2.351   1.00 44.86  ? 185 MET B CB  1 
ATOM 314  C CG  . MET B 1 28 ? 3.409   -2.921  3.478   1.00 48.73  ? 185 MET B CG  1 
ATOM 315  S SD  . MET B 1 28 ? 3.537   -3.932  4.995   1.00 53.06  ? 185 MET B SD  1 
ATOM 316  C CE  . MET B 1 28 ? 5.391   -4.035  5.191   1.00 49.73  ? 185 MET B CE  1 
ATOM 317  N N   . ILE B 1 29 ? 5.151   -4.596  -0.367  1.00 42.04  ? 186 ILE B N   1 
ATOM 318  C CA  . ILE B 1 29 ? 6.011   -5.435  -1.204  1.00 41.71  ? 186 ILE B CA  1 
ATOM 319  C C   . ILE B 1 29 ? 6.669   -4.590  -2.295  1.00 45.48  ? 186 ILE B C   1 
ATOM 320  O O   . ILE B 1 29 ? 7.885   -4.653  -2.460  1.00 45.04  ? 186 ILE B O   1 
ATOM 321  C CB  . ILE B 1 29 ? 5.250   -6.677  -1.771  1.00 44.75  ? 186 ILE B CB  1 
ATOM 322  C CG1 . ILE B 1 29 ? 4.788   -7.586  -0.599  1.00 45.06  ? 186 ILE B CG1 1 
ATOM 323  C CG2 . ILE B 1 29 ? 6.083   -7.456  -2.813  1.00 45.50  ? 186 ILE B CG2 1 
ATOM 324  C CD1 . ILE B 1 29 ? 3.874   -8.721  -0.924  1.00 51.90  ? 186 ILE B CD1 1 
ATOM 325  N N   . LEU B 1 30 ? 5.872   -3.745  -2.972  1.00 42.04  ? 187 LEU B N   1 
ATOM 326  C CA  . LEU B 1 30 ? 6.330   -2.832  -4.011  1.00 41.86  ? 187 LEU B CA  1 
ATOM 327  C C   . LEU B 1 30 ? 7.386   -1.867  -3.468  1.00 45.99  ? 187 LEU B C   1 
ATOM 328  O O   . LEU B 1 30 ? 8.461   -1.714  -4.067  1.00 45.57  ? 187 LEU B O   1 
ATOM 329  C CB  . LEU B 1 30 ? 5.160   -2.046  -4.614  1.00 41.86  ? 187 LEU B CB  1 
ATOM 330  C CG  . LEU B 1 30 ? 4.791   -2.349  -6.046  1.00 46.49  ? 187 LEU B CG  1 
ATOM 331  C CD1 . LEU B 1 30 ? 3.520   -1.652  -6.442  1.00 46.61  ? 187 LEU B CD1 1 
ATOM 332  C CD2 . LEU B 1 30 ? 5.886   -1.910  -6.982  1.00 48.94  ? 187 LEU B CD2 1 
ATOM 333  N N   . GLY B 1 31 ? 7.082   -1.263  -2.317  1.00 42.74  ? 188 GLY B N   1 
ATOM 334  C CA  . GLY B 1 31 ? 7.970   -0.322  -1.650  1.00 42.64  ? 188 GLY B CA  1 
ATOM 335  C C   . GLY B 1 31 ? 9.290   -0.952  -1.253  1.00 46.73  ? 188 GLY B C   1 
ATOM 336  O O   . GLY B 1 31 ? 10.353  -0.356  -1.449  1.00 46.24  ? 188 GLY B O   1 
ATOM 337  N N   . LEU B 1 32 ? 9.215   -2.176  -0.689  1.00 43.57  ? 189 LEU B N   1 
ATOM 338  C CA  . LEU B 1 32 ? 10.349  -2.996  -0.247  1.00 43.51  ? 189 LEU B CA  1 
ATOM 339  C C   . LEU B 1 32 ? 11.183  -3.433  -1.418  1.00 47.77  ? 189 LEU B C   1 
ATOM 340  O O   . LEU B 1 32 ? 12.395  -3.424  -1.298  1.00 47.40  ? 189 LEU B O   1 
ATOM 341  C CB  . LEU B 1 32 ? 9.870   -4.232  0.549   1.00 43.57  ? 189 LEU B CB  1 
ATOM 342  C CG  . LEU B 1 32 ? 9.505   -3.976  2.036   1.00 48.30  ? 189 LEU B CG  1 
ATOM 343  C CD1 . LEU B 1 32 ? 8.015   -3.613  2.248   1.00 48.49  ? 189 LEU B CD1 1 
ATOM 344  C CD2 . LEU B 1 32 ? 9.517   -5.262  2.817   1.00 50.81  ? 189 LEU B CD2 1 
ATOM 345  N N   . LEU B 1 33 ? 10.545  -3.808  -2.550  1.00 44.57  ? 190 LEU B N   1 
ATOM 346  C CA  . LEU B 1 33 ? 11.236  -4.248  -3.757  1.00 44.50  ? 190 LEU B CA  1 
ATOM 347  C C   . LEU B 1 33 ? 12.075  -3.137  -4.362  1.00 48.74  ? 190 LEU B C   1 
ATOM 348  O O   . LEU B 1 33 ? 13.135  -3.411  -4.917  1.00 48.32  ? 190 LEU B O   1 
ATOM 349  C CB  . LEU B 1 33 ? 10.282  -4.859  -4.773  1.00 44.55  ? 190 LEU B CB  1 
ATOM 350  C CG  . LEU B 1 33 ? 9.841   -6.308  -4.541  1.00 49.24  ? 190 LEU B CG  1 
ATOM 351  C CD1 . LEU B 1 33 ? 8.864   -6.718  -5.605  1.00 49.37  ? 190 LEU B CD1 1 
ATOM 352  C CD2 . LEU B 1 33 ? 11.047  -7.278  -4.492  1.00 51.73  ? 190 LEU B CD2 1 
ATOM 353  N N   . ARG B 1 34 ? 11.644  -1.870  -4.173  1.00 45.60  ? 191 ARG B N   1 
ATOM 354  C CA  . ARG B 1 34 ? 12.365  -0.677  -4.627  1.00 45.53  ? 191 ARG B CA  1 
ATOM 355  C C   . ARG B 1 34 ? 13.716  -0.523  -3.887  1.00 49.99  ? 191 ARG B C   1 
ATOM 356  O O   . ARG B 1 34 ? 14.642  0.047   -4.453  1.00 49.52  ? 191 ARG B O   1 
ATOM 357  C CB  . ARG B 1 34 ? 11.534  0.585   -4.445  1.00 45.40  ? 191 ARG B CB  1 
ATOM 358  C CG  . ARG B 1 34 ? 11.046  1.179   -5.751  1.00 54.36  ? 191 ARG B CG  1 
ATOM 359  C CD  . ARG B 1 34 ? 9.555   1.009   -5.906  1.00 62.29  ? 191 ARG B CD  1 
ATOM 360  N NE  . ARG B 1 34 ? 9.156   1.175   -7.300  1.00 69.81  ? 191 ARG B NE  1 
ATOM 361  C CZ  . ARG B 1 34 ? 7.929   1.460   -7.696  1.00 83.64  ? 191 ARG B CZ  1 
ATOM 362  N NH1 . ARG B 1 34 ? 6.950   1.628   -6.806  1.00 71.04  ? 191 ARG B NH1 1 
ATOM 363  N NH2 . ARG B 1 34 ? 7.647   1.592   -8.991  1.00 70.15  ? 191 ARG B NH2 1 
ATOM 364  N N   . THR B 1 35 ? 13.806  -0.990  -2.632  1.00 47.03  ? 192 THR B N   1 
ATOM 365  C CA  . THR B 1 35 ? 15.010  -0.859  -1.819  1.00 47.06  ? 192 THR B CA  1 
ATOM 366  C C   . THR B 1 35 ? 16.205  -1.686  -2.318  1.00 51.35  ? 192 THR B C   1 
ATOM 367  O O   . THR B 1 35 ? 17.357  -1.303  -2.085  1.00 51.01  ? 192 THR B O   1 
ATOM 368  C CB  . THR B 1 35 ? 14.734  -1.094  -0.322  1.00 55.48  ? 192 THR B CB  1 
ATOM 369  O OG1 . THR B 1 35 ? 14.033  -2.305  -0.147  1.00 55.55  ? 192 THR B OG1 1 
ATOM 370  C CG2 . THR B 1 35 ? 13.967  0.061   0.304   1.00 53.95  ? 192 THR B CG2 1 
ATOM 371  N N   . LEU B 1 36 ? 15.942  -2.811  -3.002  1.00 48.15  ? 193 LEU B N   1 
ATOM 372  C CA  . LEU B 1 36 ? 16.990  -3.654  -3.578  1.00 48.08  ? 193 LEU B CA  1 
ATOM 373  C C   . LEU B 1 36 ? 17.361  -3.158  -5.005  1.00 52.27  ? 193 LEU B C   1 
ATOM 374  O O   . LEU B 1 36 ? 18.015  -3.879  -5.774  1.00 51.86  ? 193 LEU B O   1 
ATOM 375  C CB  . LEU B 1 36 ? 16.626  -5.164  -3.571  1.00 48.11  ? 193 LEU B CB  1 
ATOM 376  C CG  . LEU B 1 36 ? 15.346  -5.637  -2.842  1.00 52.79  ? 193 LEU B CG  1 
ATOM 377  C CD1 . LEU B 1 36 ? 14.943  -7.031  -3.304  1.00 52.93  ? 193 LEU B CD1 1 
ATOM 378  C CD2 . LEU B 1 36 ? 15.520  -5.638  -1.322  1.00 55.17  ? 193 LEU B CD2 1 
ATOM 379  N N   . ASN B 1 37 ? 16.977  -1.899  -5.322  1.00 48.96  ? 194 ASN B N   1 
ATOM 380  C CA  . ASN B 1 37 ? 17.227  -1.208  -6.594  1.00 81.58  ? 194 ASN B CA  1 
ATOM 381  C C   . ASN B 1 37 ? 18.715  -0.917  -6.806  1.00 111.28 ? 194 ASN B C   1 
ATOM 382  O O   . ASN B 1 37 ? 19.087  0.168   -7.242  1.00 72.55  ? 194 ASN B O   1 
ATOM 383  C CB  . ASN B 1 37 ? 16.434  0.109   -6.669  1.00 82.56  ? 194 ASN B CB  1 
ATOM 384  C CG  . ASN B 1 37 ? 15.140  0.057   -7.467  1.00 106.31 ? 194 ASN B CG  1 
ATOM 385  O OD1 . ASN B 1 37 ? 14.907  -0.843  -8.268  1.00 101.21 ? 194 ASN B OD1 1 
ATOM 386  N ND2 . ASN B 1 37 ? 14.287  1.051   -7.256  1.00 98.05  ? 194 ASN B ND2 1 
ATOM 387  N N   . SER C 1 12 ? -13.851 -23.420 -11.131 1.00 61.05  ? 169 SER C N   1 
ATOM 388  C CA  . SER C 1 12 ? -14.643 -23.884 -10.002 1.00 60.82  ? 169 SER C CA  1 
ATOM 389  C C   . SER C 1 12 ? -13.795 -23.903 -8.733  1.00 64.35  ? 169 SER C C   1 
ATOM 390  O O   . SER C 1 12 ? -12.659 -24.385 -8.762  1.00 63.95  ? 169 SER C O   1 
ATOM 391  C CB  . SER C 1 12 ? -15.217 -25.271 -10.279 1.00 64.47  ? 169 SER C CB  1 
ATOM 392  O OG  . SER C 1 12 ? -14.204 -26.185 -10.669 1.00 73.34  ? 169 SER C OG  1 
ATOM 393  N N   . LEU C 1 13 ? -14.364 -23.378 -7.621  1.00 60.54  ? 170 LEU C N   1 
ATOM 394  C CA  . LEU C 1 13 ? -13.763 -23.260 -6.289  1.00 60.15  ? 170 LEU C CA  1 
ATOM 395  C C   . LEU C 1 13 ? -14.393 -22.064 -5.578  1.00 63.46  ? 170 LEU C C   1 
ATOM 396  O O   . LEU C 1 13 ? -14.568 -21.016 -6.193  1.00 63.04  ? 170 LEU C O   1 
ATOM 397  C CB  . LEU C 1 13 ? -12.233 -23.047 -6.393  1.00 60.21  ? 170 LEU C CB  1 
ATOM 398  C CG  . LEU C 1 13 ? -11.390 -22.956 -5.123  1.00 64.96  ? 170 LEU C CG  1 
ATOM 399  C CD1 . LEU C 1 13 ? -11.322 -24.305 -4.397  1.00 65.17  ? 170 LEU C CD1 1 
ATOM 400  C CD2 . LEU C 1 13 ? -9.964  -22.530 -5.470  1.00 67.46  ? 170 LEU C CD2 1 
ATOM 401  N N   . SER C 1 14 ? -14.696 -22.216 -4.277  1.00 59.57  ? 171 SER C N   1 
ATOM 402  C CA  . SER C 1 14 ? -15.283 -21.174 -3.444  1.00 59.15  ? 171 SER C CA  1 
ATOM 403  C C   . SER C 1 14 ? -14.337 -19.963 -3.405  1.00 62.38  ? 171 SER C C   1 
ATOM 404  O O   . SER C 1 14 ? -13.121 -20.149 -3.402  1.00 61.98  ? 171 SER C O   1 
ATOM 405  C CB  . SER C 1 14 ? -15.512 -21.687 -2.024  1.00 62.74  ? 171 SER C CB  1 
ATOM 406  O OG  . SER C 1 14 ? -15.353 -23.088 -1.885  1.00 71.54  ? 171 SER C OG  1 
ATOM 407  N N   . ILE C 1 15 ? -14.899 -18.735 -3.387  1.00 58.39  ? 172 ILE C N   1 
ATOM 408  C CA  . ILE C 1 15 ? -14.141 -17.491 -3.320  1.00 57.93  ? 172 ILE C CA  1 
ATOM 409  C C   . ILE C 1 15 ? -13.330 -17.461 -2.035  1.00 60.98  ? 172 ILE C C   1 
ATOM 410  O O   . ILE C 1 15 ? -12.160 -17.078 -2.062  1.00 60.55  ? 172 ILE C O   1 
ATOM 411  C CB  . ILE C 1 15 ? -15.071 -16.261 -3.456  1.00 61.05  ? 172 ILE C CB  1 
ATOM 412  C CG1 . ILE C 1 15 ? -15.025 -15.745 -4.888  1.00 61.47  ? 172 ILE C CG1 1 
ATOM 413  C CG2 . ILE C 1 15 ? -14.761 -15.132 -2.437  1.00 61.75  ? 172 ILE C CG2 1 
ATOM 414  C CD1 . ILE C 1 15 ? -15.968 -14.811 -5.134  1.00 68.69  ? 172 ILE C CD1 1 
ATOM 415  N N   . GLU C 1 16 ? -13.955 -17.908 -0.926  1.00 56.84  ? 173 GLU C N   1 
ATOM 416  C CA  . GLU C 1 16 ? -13.346 -18.010 0.392   1.00 56.27  ? 173 GLU C CA  1 
ATOM 417  C C   . GLU C 1 16 ? -12.148 -18.953 0.306   1.00 59.13  ? 173 GLU C C   1 
ATOM 418  O O   . GLU C 1 16 ? -11.087 -18.627 0.839   1.00 58.67  ? 173 GLU C O   1 
ATOM 419  C CB  . GLU C 1 16 ? -14.348 -18.495 1.465   1.00 57.65  ? 173 GLU C CB  1 
ATOM 420  C CG  . GLU C 1 16 ? -15.651 -19.081 0.937   1.00 68.39  ? 173 GLU C CG  1 
ATOM 421  C CD  . GLU C 1 16 ? -16.813 -18.105 0.882   1.00 88.46  ? 173 GLU C CD  1 
ATOM 422  O OE1 . GLU C 1 16 ? -16.890 -17.209 1.743   1.00 82.49  ? 173 GLU C OE1 1 
ATOM 423  O OE2 . GLU C 1 16 ? -17.665 -18.252 -0.022  1.00 81.88  ? 173 GLU C OE2 1 
ATOM 424  N N   . ALA C 1 17 ? -12.307 -20.094 -0.410  1.00 54.95  ? 174 ALA C N   1 
ATOM 425  C CA  . ALA C 1 17 ? -11.235 -21.063 -0.644  1.00 54.42  ? 174 ALA C CA  1 
ATOM 426  C C   . ALA C 1 17 ? -10.106 -20.428 -1.501  1.00 57.35  ? 174 ALA C C   1 
ATOM 427  O O   . ALA C 1 17 ? -8.922  -20.668 -1.241  1.00 56.90  ? 174 ALA C O   1 
ATOM 428  C CB  . ALA C 1 17 ? -11.784 -22.306 -1.315  1.00 55.16  ? 174 ALA C CB  1 
ATOM 429  N N   . ARG C 1 18 ? -10.491 -19.566 -2.477  1.00 53.25  ? 175 ARG C N   1 
ATOM 430  C CA  . ARG C 1 18 ? -9.555  -18.838 -3.345  1.00 52.74  ? 175 ARG C CA  1 
ATOM 431  C C   . ARG C 1 18 ? -8.788  -17.820 -2.499  1.00 56.04  ? 175 ARG C C   1 
ATOM 432  O O   . ARG C 1 18 ? -7.576  -17.699 -2.640  1.00 55.61  ? 175 ARG C O   1 
ATOM 433  C CB  . ARG C 1 18 ? -10.282 -18.146 -4.505  1.00 52.70  ? 175 ARG C CB  1 
ATOM 434  C CG  . ARG C 1 18 ? -9.378  -17.707 -5.653  1.00 61.85  ? 175 ARG C CG  1 
ATOM 435  C CD  . ARG C 1 18 ? -9.875  -18.257 -6.968  1.00 70.22  ? 175 ARG C CD  1 
ATOM 436  N NE  . ARG C 1 18 ? -9.003  -19.316 -7.479  1.00 77.23  ? 175 ARG C NE  1 
ATOM 437  C CZ  . ARG C 1 18 ? -9.358  -20.191 -8.409  1.00 89.98  ? 175 ARG C CZ  1 
ATOM 438  N NH1 . ARG C 1 18 ? -10.575 -20.159 -8.938  1.00 76.71  ? 175 ARG C NH1 1 
ATOM 439  N NH2 . ARG C 1 18 ? -8.502  -21.113 -8.823  1.00 76.00  ? 175 ARG C NH2 1 
ATOM 440  N N   . LEU C 1 19 ? -9.506  -17.109 -1.596  1.00 52.11  ? 176 LEU C N   1 
ATOM 441  C CA  . LEU C 1 19 ? -8.956  -16.110 -0.673  1.00 51.69  ? 176 LEU C CA  1 
ATOM 442  C C   . LEU C 1 19 ? -7.961  -16.720 0.293   1.00 55.17  ? 176 LEU C C   1 
ATOM 443  O O   . LEU C 1 19 ? -6.916  -16.119 0.503   1.00 54.76  ? 176 LEU C O   1 
ATOM 444  C CB  . LEU C 1 19 ? -10.052 -15.356 0.101   1.00 51.73  ? 176 LEU C CB  1 
ATOM 445  C CG  . LEU C 1 19 ? -10.842 -14.295 -0.645  1.00 56.40  ? 176 LEU C CG  1 
ATOM 446  C CD1 . LEU C 1 19 ? -11.983 -13.813 0.198   1.00 56.58  ? 176 LEU C CD1 1 
ATOM 447  C CD2 . LEU C 1 19 ? -9.947  -13.118 -1.052  1.00 58.85  ? 176 LEU C CD2 1 
ATOM 448  N N   . GLU C 1 20 ? -8.285  -17.895 0.881   1.00 51.40  ? 177 GLU C N   1 
ATOM 449  C CA  . GLU C 1 20 ? -7.429  -18.614 1.827   1.00 51.04  ? 177 GLU C CA  1 
ATOM 450  C C   . GLU C 1 20 ? -6.070  -18.943 1.220   1.00 54.10  ? 177 GLU C C   1 
ATOM 451  O O   . GLU C 1 20 ? -5.053  -18.757 1.880   1.00 53.58  ? 177 GLU C O   1 
ATOM 452  C CB  . GLU C 1 20 ? -8.123  -19.891 2.325   1.00 52.47  ? 177 GLU C CB  1 
ATOM 453  C CG  . GLU C 1 20 ? -8.810  -19.722 3.668   1.00 63.56  ? 177 GLU C CG  1 
ATOM 454  C CD  . GLU C 1 20 ? -10.254 -20.174 3.696   1.00 85.52  ? 177 GLU C CD  1 
ATOM 455  O OE1 . GLU C 1 20 ? -10.511 -21.354 3.384   1.00 80.65  ? 177 GLU C OE1 1 
ATOM 456  O OE2 . GLU C 1 20 ? -11.135 -19.348 4.021   1.00 79.48  ? 177 GLU C OE2 1 
ATOM 457  N N   . SER C 1 21 ? -6.062  -19.438 -0.027  1.00 50.15  ? 178 SER C N   1 
ATOM 458  C CA  . SER C 1 21 ? -4.850  -19.786 -0.763  1.00 49.71  ? 178 SER C CA  1 
ATOM 459  C C   . SER C 1 21 ? -3.984  -18.531 -1.077  1.00 52.89  ? 178 SER C C   1 
ATOM 460  O O   . SER C 1 21 ? -2.751  -18.576 -0.958  1.00 52.41  ? 178 SER C O   1 
ATOM 461  C CB  . SER C 1 21 ? -5.230  -20.520 -2.044  1.00 53.22  ? 178 SER C CB  1 
ATOM 462  O OG  . SER C 1 21 ? -5.070  -19.709 -3.191  1.00 62.04  ? 178 SER C OG  1 
ATOM 463  N N   . ILE C 1 22 ? -4.661  -17.426 -1.489  1.00 48.94  ? 179 ILE C N   1 
ATOM 464  C CA  . ILE C 1 22 ? -4.063  -16.124 -1.806  1.00 48.54  ? 179 ILE C CA  1 
ATOM 465  C C   . ILE C 1 22 ? -3.290  -15.609 -0.577  1.00 51.90  ? 179 ILE C C   1 
ATOM 466  O O   . ILE C 1 22 ? -2.126  -15.219 -0.703  1.00 51.38  ? 179 ILE C O   1 
ATOM 467  C CB  . ILE C 1 22 ? -5.103  -15.084 -2.341  1.00 51.66  ? 179 ILE C CB  1 
ATOM 468  C CG1 . ILE C 1 22 ? -5.685  -15.529 -3.705  1.00 52.09  ? 179 ILE C CG1 1 
ATOM 469  C CG2 . ILE C 1 22 ? -4.511  -13.667 -2.448  1.00 52.41  ? 179 ILE C CG2 1 
ATOM 470  C CD1 . ILE C 1 22 ? -6.798  -14.628 -4.307  1.00 59.45  ? 179 ILE C CD1 1 
ATOM 471  N N   . GLU C 1 23 ? -3.919  -15.698 0.618   1.00 48.21  ? 180 GLU C N   1 
ATOM 472  C CA  . GLU C 1 23 ? -3.346  -15.269 1.901   1.00 47.91  ? 180 GLU C CA  1 
ATOM 473  C C   . GLU C 1 23 ? -2.052  -16.011 2.187   1.00 51.51  ? 180 GLU C C   1 
ATOM 474  O O   . GLU C 1 23 ? -1.086  -15.399 2.657   1.00 51.04  ? 180 GLU C O   1 
ATOM 475  C CB  . GLU C 1 23 ? -4.319  -15.477 3.080   1.00 49.25  ? 180 GLU C CB  1 
ATOM 476  C CG  . GLU C 1 23 ? -5.780  -15.489 2.694   1.00 59.10  ? 180 GLU C CG  1 
ATOM 477  C CD  . GLU C 1 23 ? -6.735  -14.562 3.406   1.00 77.52  ? 180 GLU C CD  1 
ATOM 478  O OE1 . GLU C 1 23 ? -6.513  -13.337 3.381   1.00 70.70  ? 180 GLU C OE1 1 
ATOM 479  O OE2 . GLU C 1 23 ? -7.751  -15.065 3.915   1.00 70.96  ? 180 GLU C OE2 1 
ATOM 480  N N   . GLU C 1 24 ? -2.047  -17.335 1.910   1.00 47.91  ? 181 GLU C N   1 
ATOM 481  C CA  . GLU C 1 24 ? -0.896  -18.213 2.079   1.00 47.63  ? 181 GLU C CA  1 
ATOM 482  C C   . GLU C 1 24 ? 0.285   -17.756 1.251   1.00 50.81  ? 181 GLU C C   1 
ATOM 483  O O   . GLU C 1 24 ? 1.393   -17.755 1.774   1.00 50.38  ? 181 GLU C O   1 
ATOM 484  C CB  . GLU C 1 24 ? -1.215  -19.683 1.781   1.00 49.08  ? 181 GLU C CB  1 
ATOM 485  C CG  . GLU C 1 24 ? -0.216  -20.581 2.492   1.00 60.36  ? 181 GLU C CG  1 
ATOM 486  C CD  . GLU C 1 24 ? -0.786  -21.928 2.841   1.00 83.07  ? 181 GLU C CD  1 
ATOM 487  O OE1 . GLU C 1 24 ? -1.290  -22.589 1.913   1.00 78.82  ? 181 GLU C OE1 1 
ATOM 488  O OE2 . GLU C 1 24 ? -0.798  -22.300 4.037   1.00 77.90  ? 181 GLU C OE2 1 
ATOM 489  N N   . LYS C 1 25 ? 0.050   -17.348 -0.018  1.00 46.77  ? 182 LYS C N   1 
ATOM 490  C CA  . LYS C 1 25 ? 1.066   -16.830 -0.938  1.00 46.30  ? 182 LYS C CA  1 
ATOM 491  C C   . LYS C 1 25 ? 1.693   -15.520 -0.425  1.00 49.53  ? 182 LYS C C   1 
ATOM 492  O O   . LYS C 1 25 ? 2.907   -15.347 -0.498  1.00 49.14  ? 182 LYS C O   1 
ATOM 493  C CB  . LYS C 1 25 ? 0.470   -16.616 -2.321  1.00 48.72  ? 182 LYS C CB  1 
ATOM 494  C CG  . LYS C 1 25 ? 0.442   -17.872 -3.151  1.00 61.33  ? 182 LYS C CG  1 
ATOM 495  C CD  . LYS C 1 25 ? -0.781  -17.919 -4.040  1.00 69.98  ? 182 LYS C CD  1 
ATOM 496  C CE  . LYS C 1 25 ? -0.802  -19.164 -4.880  1.00 78.99  ? 182 LYS C CE  1 
ATOM 497  N NZ  . LYS C 1 25 ? -1.012  -20.386 -4.062  1.00 87.41  ? 182 LYS C NZ  1 
ATOM 498  N N   . LEU C 1 26 ? 0.856   -14.616 0.110   1.00 45.58  ? 183 LEU C N   1 
ATOM 499  C CA  . LEU C 1 26 ? 1.275   -13.322 0.649   1.00 45.20  ? 183 LEU C CA  1 
ATOM 500  C C   . LEU C 1 26 ? 2.267   -13.514 1.803   1.00 48.74  ? 183 LEU C C   1 
ATOM 501  O O   . LEU C 1 26 ? 3.254   -12.785 1.866   1.00 48.32  ? 183 LEU C O   1 
ATOM 502  C CB  . LEU C 1 26 ? 0.071   -12.498 1.154   1.00 45.24  ? 183 LEU C CB  1 
ATOM 503  C CG  . LEU C 1 26 ? -0.882  -11.780 0.179   1.00 49.95  ? 183 LEU C CG  1 
ATOM 504  C CD1 . LEU C 1 26 ? -0.216  -10.672 -0.611  1.00 50.11  ? 183 LEU C CD1 1 
ATOM 505  C CD2 . LEU C 1 26 ? -1.585  -12.698 -0.721  1.00 52.47  ? 183 LEU C CD2 1 
ATOM 506  N N   . SER C 1 27 ? 1.972   -14.466 2.727   1.00 45.03  ? 184 SER C N   1 
ATOM 507  C CA  . SER C 1 27 ? 2.801   -14.810 3.882   1.00 44.69  ? 184 SER C CA  1 
ATOM 508  C C   . SER C 1 27 ? 4.151   -15.334 3.416   1.00 48.12  ? 184 SER C C   1 
ATOM 509  O O   . SER C 1 27 ? 5.172   -15.001 4.015   1.00 47.65  ? 184 SER C O   1 
ATOM 510  C CB  . SER C 1 27 ? 2.133   -15.876 4.744   1.00 48.30  ? 184 SER C CB  1 
ATOM 511  O OG  . SER C 1 27 ? 0.768   -15.597 4.988   1.00 57.23  ? 184 SER C OG  1 
ATOM 512  N N   . MET C 1 28 ? 4.156   -16.183 2.359   1.00 44.41  ? 185 MET C N   1 
ATOM 513  C CA  . MET C 1 28 ? 5.366   -16.770 1.774   1.00 44.13  ? 185 MET C CA  1 
ATOM 514  C C   . MET C 1 28 ? 6.267   -15.661 1.253   1.00 47.88  ? 185 MET C C   1 
ATOM 515  O O   . MET C 1 28 ? 7.452   -15.631 1.589   1.00 47.45  ? 185 MET C O   1 
ATOM 516  C CB  . MET C 1 28 ? 5.002   -17.727 0.627   1.00 46.45  ? 185 MET C CB  1 
ATOM 517  C CG  . MET C 1 28 ? 4.379   -19.016 1.105   1.00 50.07  ? 185 MET C CG  1 
ATOM 518  S SD  . MET C 1 28 ? 4.744   -20.501 0.143   1.00 54.22  ? 185 MET C SD  1 
ATOM 519  C CE  . MET C 1 28 ? 3.151   -20.812 -0.588  1.00 50.90  ? 185 MET C CE  1 
ATOM 520  N N   . ILE C 1 29 ? 5.683   -14.750 0.444   1.00 44.38  ? 186 ILE C N   1 
ATOM 521  C CA  . ILE C 1 29 ? 6.365   -13.591 -0.119  1.00 44.15  ? 186 ILE C CA  1 
ATOM 522  C C   . ILE C 1 29 ? 6.940   -12.707 0.998   1.00 48.07  ? 186 ILE C C   1 
ATOM 523  O O   . ILE C 1 29 ? 8.131   -12.368 0.968   1.00 47.63  ? 186 ILE C O   1 
ATOM 524  C CB  . ILE C 1 29 ? 5.471   -12.761 -1.081  1.00 47.24  ? 186 ILE C CB  1 
ATOM 525  C CG1 . ILE C 1 29 ? 4.919   -13.653 -2.209  1.00 47.69  ? 186 ILE C CG1 1 
ATOM 526  C CG2 . ILE C 1 29 ? 6.326   -11.654 -1.748  1.00 47.93  ? 186 ILE C CG2 1 
ATOM 527  C CD1 . ILE C 1 29 ? 3.815   -12.954 -3.064  1.00 55.16  ? 186 ILE C CD1 1 
ATOM 528  N N   . LEU C 1 30 ? 6.088   -12.378 2.001   1.00 44.71  ? 187 LEU C N   1 
ATOM 529  C CA  . LEU C 1 30 ? 6.433   -11.543 3.150   1.00 44.56  ? 187 LEU C CA  1 
ATOM 530  C C   . LEU C 1 30 ? 7.531   -12.159 4.024   1.00 48.52  ? 187 LEU C C   1 
ATOM 531  O O   . LEU C 1 30 ? 8.370   -11.426 4.544   1.00 48.08  ? 187 LEU C O   1 
ATOM 532  C CB  . LEU C 1 30 ? 5.194   -11.229 3.991   1.00 44.62  ? 187 LEU C CB  1 
ATOM 533  C CG  . LEU C 1 30 ? 4.367   -10.003 3.574   1.00 49.31  ? 187 LEU C CG  1 
ATOM 534  C CD1 . LEU C 1 30 ? 3.289   -9.699  4.597   1.00 49.48  ? 187 LEU C CD1 1 
ATOM 535  C CD2 . LEU C 1 30 ? 5.245   -8.768  3.402   1.00 51.68  ? 187 LEU C CD2 1 
ATOM 536  N N   . GLY C 1 31 ? 7.480   -13.477 4.202   1.00 45.17  ? 188 GLY C N   1 
ATOM 537  C CA  . GLY C 1 31 ? 8.462   -14.240 4.956   1.00 45.05  ? 188 GLY C CA  1 
ATOM 538  C C   . GLY C 1 31 ? 9.791   -14.273 4.236   1.00 49.07  ? 188 GLY C C   1 
ATOM 539  O O   . GLY C 1 31 ? 10.849  -14.087 4.844   1.00 48.62  ? 188 GLY C O   1 
ATOM 540  N N   . LEU C 1 32 ? 9.721   -14.508 2.923   1.00 45.80  ? 189 LEU C N   1 
ATOM 541  C CA  . LEU C 1 32 ? 10.880  -14.535 2.042   1.00 45.68  ? 189 LEU C CA  1 
ATOM 542  C C   . LEU C 1 32 ? 11.551  -13.159 2.024   1.00 49.61  ? 189 LEU C C   1 
ATOM 543  O O   . LEU C 1 32 ? 12.754  -13.093 2.242   1.00 49.12  ? 189 LEU C O   1 
ATOM 544  C CB  . LEU C 1 32 ? 10.474  -14.995 0.635   1.00 45.74  ? 189 LEU C CB  1 
ATOM 545  C CG  . LEU C 1 32 ? 11.607  -15.482 -0.267  1.00 50.47  ? 189 LEU C CG  1 
ATOM 546  C CD1 . LEU C 1 32 ? 11.100  -16.411 -1.334  1.00 50.62  ? 189 LEU C CD1 1 
ATOM 547  C CD2 . LEU C 1 32 ? 12.255  -14.331 -0.973  1.00 52.96  ? 189 LEU C CD2 1 
ATOM 548  N N   . LEU C 1 33 ? 10.766  -12.066 1.819   1.00 46.31  ? 190 LEU C N   1 
ATOM 549  C CA  . LEU C 1 33 ? 11.241  -10.676 1.779   1.00 46.19  ? 190 LEU C CA  1 
ATOM 550  C C   . LEU C 1 33 ? 12.003  -10.240 3.030   1.00 50.31  ? 190 LEU C C   1 
ATOM 551  O O   . LEU C 1 33 ? 12.975  -9.499  2.898   1.00 50.00  ? 190 LEU C O   1 
ATOM 552  C CB  . LEU C 1 33 ? 10.115  -9.694  1.430   1.00 46.23  ? 190 LEU C CB  1 
ATOM 553  C CG  . LEU C 1 33 ? 9.782   -9.580  -0.056  1.00 50.89  ? 190 LEU C CG  1 
ATOM 554  C CD1 . LEU C 1 33 ? 8.480   -8.885  -0.261  1.00 51.07  ? 190 LEU C CD1 1 
ATOM 555  C CD2 . LEU C 1 33 ? 10.806  -8.742  -0.763  1.00 53.27  ? 190 LEU C CD2 1 
ATOM 556  N N   . ARG C 1 34 ? 11.585  -10.708 4.228   1.00 46.89  ? 191 ARG C N   1 
ATOM 557  C CA  . ARG C 1 34 ? 12.238  -10.404 5.510   1.00 46.69  ? 191 ARG C CA  1 
ATOM 558  C C   . ARG C 1 34 ? 13.699  -10.869 5.544   1.00 50.28  ? 191 ARG C C   1 
ATOM 559  O O   . ARG C 1 34 ? 14.537  -10.211 6.165   1.00 49.83  ? 191 ARG C O   1 
ATOM 560  C CB  . ARG C 1 34 ? 11.488  -11.057 6.668   1.00 47.20  ? 191 ARG C CB  1 
ATOM 561  C CG  . ARG C 1 34 ? 10.259  -10.304 7.102   1.00 58.31  ? 191 ARG C CG  1 
ATOM 562  C CD  . ARG C 1 34 ? 9.593   -11.057 8.229   1.00 68.75  ? 191 ARG C CD  1 
ATOM 563  N NE  . ARG C 1 34 ? 8.190   -11.286 7.944   1.00 77.69  ? 191 ARG C NE  1 
ATOM 564  C CZ  . ARG C 1 34 ? 7.206   -10.516 8.372   1.00 92.42  ? 191 ARG C CZ  1 
ATOM 565  N NH1 . ARG C 1 34 ? 7.471   -9.445  9.160   1.00 79.80  ? 191 ARG C NH1 1 
ATOM 566  N NH2 . ARG C 1 34 ? 5.939   -10.779 8.059   1.00 79.76  ? 191 ARG C NH2 1 
ATOM 567  N N   . THR C 1 35 ? 13.994  -12.007 4.872   1.00 46.62  ? 192 THR C N   1 
ATOM 568  C CA  . THR C 1 35 ? 15.324  -12.618 4.740   1.00 46.29  ? 192 THR C CA  1 
ATOM 569  C C   . THR C 1 35 ? 16.289  -11.663 4.005   1.00 49.69  ? 192 THR C C   1 
ATOM 570  O O   . THR C 1 35 ? 17.467  -11.581 4.349   1.00 49.25  ? 192 THR C O   1 
ATOM 571  C CB  . THR C 1 35 ? 15.186  -13.990 4.029   1.00 54.41  ? 192 THR C CB  1 
ATOM 572  O OG1 . THR C 1 35 ? 14.381  -14.856 4.819   1.00 54.27  ? 192 THR C OG1 1 
ATOM 573  C CG2 . THR C 1 35 ? 16.534  -14.657 3.730   1.00 52.93  ? 192 THR C CG2 1 
ATOM 574  N N   . LEU C 1 36 ? 15.758  -10.931 3.003   1.00 45.88  ? 193 LEU C N   1 
ATOM 575  C CA  . LEU C 1 36 ? 16.500  -9.983  2.175   1.00 71.63  ? 193 LEU C CA  1 
ATOM 576  C C   . LEU C 1 36 ? 16.788  -8.676  2.915   1.00 98.53  ? 193 LEU C C   1 
ATOM 577  O O   . LEU C 1 36 ? 17.910  -8.454  3.363   1.00 59.25  ? 193 LEU C O   1 
ATOM 578  C CB  . LEU C 1 36 ? 15.751  -9.699  0.855   1.00 71.63  ? 193 LEU C CB  1 
ATOM 579  C CG  . LEU C 1 36 ? 15.592  -10.887 -0.105  1.00 76.28  ? 193 LEU C CG  1 
ATOM 580  C CD1 . LEU C 1 36 ? 14.391  -11.715 0.261   1.00 76.43  ? 193 LEU C CD1 1 
ATOM 581  C CD2 . LEU C 1 36 ? 15.319  -10.406 -1.520  1.00 78.72  ? 193 LEU C CD2 1 
ATOM 582  N N   . SER D 1 12 ? -16.641 -5.749  -14.692 1.00 52.16  ? 169 SER D N   1 
ATOM 583  C CA  . SER D 1 12 ? -16.425 -6.277  -16.036 1.00 51.92  ? 169 SER D CA  1 
ATOM 584  C C   . SER D 1 12 ? -16.373 -7.807  -16.031 1.00 55.53  ? 169 SER D C   1 
ATOM 585  O O   . SER D 1 12 ? -17.170 -8.452  -16.715 1.00 55.15  ? 169 SER D O   1 
ATOM 586  C CB  . SER D 1 12 ? -15.147 -5.696  -16.644 1.00 55.47  ? 169 SER D CB  1 
ATOM 587  O OG  . SER D 1 12 ? -14.041 -5.807  -15.764 1.00 64.14  ? 169 SER D OG  1 
ATOM 588  N N   . LEU D 1 13 ? -15.443 -8.376  -15.250 1.00 51.73  ? 170 LEU D N   1 
ATOM 589  C CA  . LEU D 1 13 ? -15.257 -9.810  -15.132 1.00 51.31  ? 170 LEU D CA  1 
ATOM 590  C C   . LEU D 1 13 ? -15.645 -10.292 -13.748 1.00 54.40  ? 170 LEU D C   1 
ATOM 591  O O   . LEU D 1 13 ? -15.460 -9.565  -12.778 1.00 53.99  ? 170 LEU D O   1 
ATOM 592  C CB  . LEU D 1 13 ? -13.801 -10.187 -15.425 1.00 51.39  ? 170 LEU D CB  1 
ATOM 593  C CG  . LEU D 1 13 ? -13.554 -10.760 -16.805 1.00 56.15  ? 170 LEU D CG  1 
ATOM 594  C CD1 . LEU D 1 13 ? -12.139 -10.487 -17.258 1.00 56.30  ? 170 LEU D CD1 1 
ATOM 595  C CD2 . LEU D 1 13 ? -13.838 -12.236 -16.826 1.00 58.71  ? 170 LEU D CD2 1 
ATOM 596  N N   . SER D 1 14 ? -16.141 -11.537 -13.667 1.00 50.38  ? 171 SER D N   1 
ATOM 597  C CA  . SER D 1 14 ? -16.540 -12.156 -12.427 1.00 49.96  ? 171 SER D CA  1 
ATOM 598  C C   . SER D 1 14 ? -15.354 -12.138 -11.458 1.00 53.24  ? 171 SER D C   1 
ATOM 599  O O   . SER D 1 14 ? -14.221 -12.353 -11.880 1.00 52.83  ? 171 SER D O   1 
ATOM 600  C CB  . SER D 1 14 ? -17.059 -13.568 -12.666 1.00 53.59  ? 171 SER D CB  1 
ATOM 601  O OG  . SER D 1 14 ? -16.095 -14.440 -13.228 1.00 62.41  ? 171 SER D OG  1 
ATOM 602  N N   . ILE D 1 15 ? -15.609 -11.782 -10.185 1.00 49.36  ? 172 ILE D N   1 
ATOM 603  C CA  . ILE D 1 15 ? -14.580 -11.648 -9.163  1.00 48.93  ? 172 ILE D CA  1 
ATOM 604  C C   . ILE D 1 15 ? -13.766 -12.933 -8.997  1.00 52.19  ? 172 ILE D C   1 
ATOM 605  O O   . ILE D 1 15 ? -12.551 -12.848 -8.842  1.00 51.69  ? 172 ILE D O   1 
ATOM 606  C CB  . ILE D 1 15 ? -15.103 -11.054 -7.829  1.00 52.08  ? 172 ILE D CB  1 
ATOM 607  C CG1 . ILE D 1 15 ? -15.946 -12.071 -7.048  1.00 52.54  ? 172 ILE D CG1 1 
ATOM 608  C CG2 . ILE D 1 15 ? -15.881 -9.747  -8.087  1.00 52.85  ? 172 ILE D CG2 1 
ATOM 609  C CD1 . ILE D 1 15 ? -16.570 -11.576 -5.746  1.00 60.00  ? 172 ILE D CD1 1 
ATOM 610  N N   . GLU D 1 16 ? -14.425 -14.107 -9.133  1.00 48.34  ? 173 GLU D N   1 
ATOM 611  C CA  . GLU D 1 16 ? -13.813 -15.438 -9.085  1.00 47.96  ? 173 GLU D CA  1 
ATOM 612  C C   . GLU D 1 16 ? -12.792 -15.506 -10.216 1.00 51.50  ? 173 GLU D C   1 
ATOM 613  O O   . GLU D 1 16 ? -11.664 -15.937 -9.985  1.00 51.04  ? 173 GLU D O   1 
ATOM 614  C CB  . GLU D 1 16 ? -14.866 -16.569 -9.256  1.00 49.28  ? 173 GLU D CB  1 
ATOM 615  C CG  . GLU D 1 16 ? -16.142 -16.416 -8.452  1.00 59.45  ? 173 GLU D CG  1 
ATOM 616  C CD  . GLU D 1 16 ? -17.183 -15.472 -9.017  1.00 79.10  ? 173 GLU D CD  1 
ATOM 617  O OE1 . GLU D 1 16 ? -16.984 -14.957 -10.122 1.00 73.03  ? 173 GLU D OE1 1 
ATOM 618  O OE2 . GLU D 1 16 ? -18.204 -15.236 -8.336  1.00 72.87  ? 173 GLU D OE2 1 
ATOM 619  N N   . ALA D 1 17 ? -13.176 -15.013 -11.422 1.00 47.89  ? 174 ALA D N   1 
ATOM 620  C CA  . ALA D 1 17 ? -12.276 -14.943 -12.575 1.00 47.66  ? 174 ALA D CA  1 
ATOM 621  C C   . ALA D 1 17 ? -11.141 -13.979 -12.277 1.00 51.25  ? 174 ALA D C   1 
ATOM 622  O O   . ALA D 1 17 ? -9.996  -14.295 -12.585 1.00 50.85  ? 174 ALA D O   1 
ATOM 623  C CB  . ALA D 1 17 ? -13.024 -14.486 -13.817 1.00 48.41  ? 174 ALA D CB  1 
ATOM 624  N N   . ARG D 1 18 ? -11.450 -12.810 -11.672 1.00 47.54  ? 175 ARG D N   1 
ATOM 625  C CA  . ARG D 1 18 ? -10.429 -11.824 -11.294 1.00 47.20  ? 175 ARG D CA  1 
ATOM 626  C C   . ARG D 1 18 ? -9.503  -12.366 -10.213 1.00 50.66  ? 175 ARG D C   1 
ATOM 627  O O   . ARG D 1 18 ? -8.293  -12.259 -10.360 1.00 50.09  ? 175 ARG D O   1 
ATOM 628  C CB  . ARG D 1 18 ? -11.041 -10.471 -10.910 1.00 47.58  ? 175 ARG D CB  1 
ATOM 629  C CG  . ARG D 1 18 ? -11.599 -9.717  -12.110 1.00 58.22  ? 175 ARG D CG  1 
ATOM 630  C CD  . ARG D 1 18 ? -11.446 -8.229  -11.961 1.00 68.68  ? 175 ARG D CD  1 
ATOM 631  N NE  . ARG D 1 18 ? -12.663 -7.602  -11.449 1.00 77.59  ? 175 ARG D NE  1 
ATOM 632  C CZ  . ARG D 1 18 ? -12.755 -6.335  -11.098 1.00 91.78  ? 175 ARG D CZ  1 
ATOM 633  N NH1 . ARG D 1 18 ? -11.701 -5.528  -11.177 1.00 78.89  ? 175 ARG D NH1 1 
ATOM 634  N NH2 . ARG D 1 18 ? -13.903 -5.837  -10.654 1.00 78.75  ? 175 ARG D NH2 1 
ATOM 635  N N   . LEU D 1 19 ? -10.080 -13.006 -9.164  1.00 47.13  ? 176 LEU D N   1 
ATOM 636  C CA  . LEU D 1 19 ? -9.358  -13.616 -8.041  1.00 46.93  ? 176 LEU D CA  1 
ATOM 637  C C   . LEU D 1 19 ? -8.440  -14.719 -8.503  1.00 50.79  ? 176 LEU D C   1 
ATOM 638  O O   . LEU D 1 19 ? -7.307  -14.768 -8.035  1.00 50.36  ? 176 LEU D O   1 
ATOM 639  C CB  . LEU D 1 19 ? -10.293 -14.150 -6.945  1.00 46.94  ? 176 LEU D CB  1 
ATOM 640  C CG  . LEU D 1 19 ? -11.007 -13.149 -6.054  1.00 51.53  ? 176 LEU D CG  1 
ATOM 641  C CD1 . LEU D 1 19 ? -11.823 -13.869 -5.023  1.00 51.65  ? 176 LEU D CD1 1 
ATOM 642  C CD2 . LEU D 1 19 ? -10.019 -12.225 -5.351  1.00 53.95  ? 176 LEU D CD2 1 
ATOM 643  N N   . GLU D 1 20 ? -8.929  -15.616 -9.388  1.00 47.34  ? 177 GLU D N   1 
ATOM 644  C CA  . GLU D 1 20 ? -8.160  -16.730 -9.938  1.00 47.15  ? 177 GLU D CA  1 
ATOM 645  C C   . GLU D 1 20 ? -6.920  -16.229 -10.688 1.00 50.82  ? 177 GLU D C   1 
ATOM 646  O O   . GLU D 1 20 ? -5.840  -16.793 -10.507 1.00 50.31  ? 177 GLU D O   1 
ATOM 647  C CB  . GLU D 1 20 ? -9.054  -17.629 -10.823 1.00 48.56  ? 177 GLU D CB  1 
ATOM 648  C CG  . GLU D 1 20 ? -8.606  -17.824 -12.257 1.00 59.30  ? 177 GLU D CG  1 
ATOM 649  C CD  . GLU D 1 20 ? -9.152  -19.064 -12.921 1.00 80.32  ? 177 GLU D CD  1 
ATOM 650  O OE1 . GLU D 1 20 ? -10.273 -19.000 -13.456 1.00 75.22  ? 177 GLU D OE1 1 
ATOM 651  O OE2 . GLU D 1 20 ? -8.458  -20.100 -12.905 1.00 74.20  ? 177 GLU D OE2 1 
ATOM 652  N N   . SER D 1 21 ? -7.078  -15.153 -11.508 1.00 47.26  ? 178 SER D N   1 
ATOM 653  C CA  . SER D 1 21 ? -5.995  -14.509 -12.265 1.00 47.01  ? 178 SER D CA  1 
ATOM 654  C C   . SER D 1 21 ? -4.950  -13.884 -11.325 1.00 50.59  ? 178 SER D C   1 
ATOM 655  O O   . SER D 1 21 ? -3.754  -13.965 -11.610 1.00 50.11  ? 178 SER D O   1 
ATOM 656  C CB  . SER D 1 21 ? -6.541  -13.468 -13.235 1.00 50.65  ? 178 SER D CB  1 
ATOM 657  O OG  . SER D 1 21 ? -6.138  -12.158 -12.875 1.00 59.80  ? 178 SER D OG  1 
ATOM 658  N N   . ILE D 1 22 ? -5.403  -13.311 -10.188 1.00 47.03  ? 179 ILE D N   1 
ATOM 659  C CA  . ILE D 1 22 ? -4.495  -12.735 -9.191  1.00 46.75  ? 179 ILE D CA  1 
ATOM 660  C C   . ILE D 1 22 ? -3.639  -13.827 -8.545  1.00 50.22  ? 179 ILE D C   1 
ATOM 661  O O   . ILE D 1 22 ? -2.435  -13.634 -8.358  1.00 49.78  ? 179 ILE D O   1 
ATOM 662  C CB  . ILE D 1 22 ? -5.151  -11.795 -8.129  1.00 49.89  ? 179 ILE D CB  1 
ATOM 663  C CG1 . ILE D 1 22 ? -5.293  -12.461 -6.755  1.00 50.32  ? 179 ILE D CG1 1 
ATOM 664  C CG2 . ILE D 1 22 ? -6.452  -11.157 -8.605  1.00 50.60  ? 179 ILE D CG2 1 
ATOM 665  C CD1 . ILE D 1 22 ? -5.015  -11.555 -5.611  1.00 57.87  ? 179 ILE D CD1 1 
ATOM 666  N N   . GLU D 1 23 ? -4.276  -14.979 -8.242  1.00 46.42  ? 180 GLU D N   1 
ATOM 667  C CA  . GLU D 1 23 ? -3.649  -16.154 -7.657  1.00 46.03  ? 180 GLU D CA  1 
ATOM 668  C C   . GLU D 1 23 ? -2.533  -16.666 -8.565  1.00 49.37  ? 180 GLU D C   1 
ATOM 669  O O   . GLU D 1 23 ? -1.480  -17.047 -8.063  1.00 48.91  ? 180 GLU D O   1 
ATOM 670  C CB  . GLU D 1 23 ? -4.684  -17.238 -7.416  1.00 47.40  ? 180 GLU D CB  1 
ATOM 671  C CG  . GLU D 1 23 ? -4.409  -18.044 -6.168  1.00 57.69  ? 180 GLU D CG  1 
ATOM 672  C CD  . GLU D 1 23 ? -5.144  -19.365 -6.096  1.00 77.72  ? 180 GLU D CD  1 
ATOM 673  O OE1 . GLU D 1 23 ? -6.211  -19.488 -6.728  1.00 72.47  ? 180 GLU D OE1 1 
ATOM 674  O OE2 . GLU D 1 23 ? -4.646  -20.283 -5.419  1.00 71.26  ? 180 GLU D OE2 1 
ATOM 675  N N   . GLU D 1 24 ? -2.758  -16.638 -9.899  1.00 45.54  ? 181 GLU D N   1 
ATOM 676  C CA  . GLU D 1 24 ? -1.800  -17.032 -10.926 1.00 45.18  ? 181 GLU D CA  1 
ATOM 677  C C   . GLU D 1 24 ? -0.590  -16.094 -10.869 1.00 48.43  ? 181 GLU D C   1 
ATOM 678  O O   . GLU D 1 24 ? 0.543   -16.573 -10.898 1.00 48.05  ? 181 GLU D O   1 
ATOM 679  C CB  . GLU D 1 24 ? -2.472  -16.978 -12.308 1.00 46.60  ? 181 GLU D CB  1 
ATOM 680  C CG  . GLU D 1 24 ? -1.806  -17.762 -13.431 1.00 57.54  ? 181 GLU D CG  1 
ATOM 681  C CD  . GLU D 1 24 ? -2.331  -17.451 -14.822 1.00 78.62  ? 181 GLU D CD  1 
ATOM 682  O OE1 . GLU D 1 24 ? -2.437  -16.256 -15.171 1.00 72.70  ? 181 GLU D OE1 1 
ATOM 683  O OE2 . GLU D 1 24 ? -2.615  -18.405 -15.571 1.00 73.13  ? 181 GLU D OE2 1 
ATOM 684  N N   . LYS D 1 25 ? -0.830  -14.758 -10.761 1.00 44.44  ? 182 LYS D N   1 
ATOM 685  C CA  . LYS D 1 25 ? 0.219   -13.723 -10.666 1.00 44.04  ? 182 LYS D CA  1 
ATOM 686  C C   . LYS D 1 25 ? 1.069   -13.877 -9.410  1.00 47.70  ? 182 LYS D C   1 
ATOM 687  O O   . LYS D 1 25 ? 2.287   -13.754 -9.486  1.00 47.25  ? 182 LYS D O   1 
ATOM 688  C CB  . LYS D 1 25 ? -0.374  -12.322 -10.754 1.00 46.40  ? 182 LYS D CB  1 
ATOM 689  C CG  . LYS D 1 25 ? -1.046  -12.062 -12.084 1.00 59.30  ? 182 LYS D CG  1 
ATOM 690  C CD  . LYS D 1 25 ? -1.069  -10.601 -12.391 1.00 68.73  ? 182 LYS D CD  1 
ATOM 691  C CE  . LYS D 1 25 ? -1.957  -10.321 -13.558 1.00 79.16  ? 182 LYS D CE  1 
ATOM 692  N NZ  . LYS D 1 25 ? -2.577  -8.974  -13.440 1.00 88.11  ? 182 LYS D NZ  1 
ATOM 693  N N   . LEU D 1 26 ? 0.430   -14.182 -8.267  1.00 44.08  ? 183 LEU D N   1 
ATOM 694  C CA  . LEU D 1 26 ? 1.124   -14.353 -6.995  1.00 43.83  ? 183 LEU D CA  1 
ATOM 695  C C   . LEU D 1 26 ? 2.096   -15.530 -7.027  1.00 47.78  ? 183 LEU D C   1 
ATOM 696  O O   . LEU D 1 26 ? 3.199   -15.434 -6.489  1.00 47.32  ? 183 LEU D O   1 
ATOM 697  C CB  . LEU D 1 26 ? 0.134   -14.509 -5.842  1.00 43.82  ? 183 LEU D CB  1 
ATOM 698  C CG  . LEU D 1 26 ? -0.467  -13.225 -5.277  1.00 48.45  ? 183 LEU D CG  1 
ATOM 699  C CD1 . LEU D 1 26 ? -1.585  -13.535 -4.347  1.00 48.60  ? 183 LEU D CD1 1 
ATOM 700  C CD2 . LEU D 1 26 ? 0.576   -12.386 -4.574  1.00 50.86  ? 183 LEU D CD2 1 
ATOM 701  N N   . SER D 1 27 ? 1.681   -16.630 -7.676  1.00 44.46  ? 184 SER D N   1 
ATOM 702  C CA  . SER D 1 27 ? 2.478   -17.842 -7.848  1.00 44.36  ? 184 SER D CA  1 
ATOM 703  C C   . SER D 1 27 ? 3.708   -17.550 -8.730  1.00 48.33  ? 184 SER D C   1 
ATOM 704  O O   . SER D 1 27 ? 4.797   -18.018 -8.422  1.00 47.82  ? 184 SER D O   1 
ATOM 705  C CB  . SER D 1 27 ? 1.632   -18.949 -8.472  1.00 47.96  ? 184 SER D CB  1 
ATOM 706  O OG  . SER D 1 27 ? 0.382   -19.126 -7.828  1.00 56.86  ? 184 SER D OG  1 
ATOM 707  N N   . MET D 1 28 ? 3.521   -16.738 -9.797  1.00 45.02  ? 185 MET D N   1 
ATOM 708  C CA  . MET D 1 28 ? 4.561   -16.296 -10.729 1.00 44.92  ? 185 MET D CA  1 
ATOM 709  C C   . MET D 1 28 ? 5.606   -15.516 -9.930  1.00 49.13  ? 185 MET D C   1 
ATOM 710  O O   . MET D 1 28 ? 6.792   -15.806 -10.060 1.00 48.71  ? 185 MET D O   1 
ATOM 711  C CB  . MET D 1 28 ? 3.995   -15.384 -11.815 1.00 47.23  ? 185 MET D CB  1 
ATOM 712  C CG  . MET D 1 28 ? 3.154   -16.076 -12.850 1.00 50.85  ? 185 MET D CG  1 
ATOM 713  S SD  . MET D 1 28 ? 2.581   -14.845 -14.055 1.00 55.00  ? 185 MET D SD  1 
ATOM 714  C CE  . MET D 1 28 ? 1.099   -15.600 -14.603 1.00 51.70  ? 185 MET D CE  1 
ATOM 715  N N   . ILE D 1 29 ? 5.159   -14.551 -9.091  1.00 45.95  ? 186 ILE D N   1 
ATOM 716  C CA  . ILE D 1 29 ? 5.996   -13.699 -8.251  1.00 45.91  ? 186 ILE D CA  1 
ATOM 717  C C   . ILE D 1 29 ? 6.839   -14.554 -7.313  1.00 50.09  ? 186 ILE D C   1 
ATOM 718  O O   . ILE D 1 29 ? 8.054   -14.361 -7.230  1.00 49.63  ? 186 ILE D O   1 
ATOM 719  C CB  . ILE D 1 29 ? 5.150   -12.617 -7.502  1.00 49.06  ? 186 ILE D CB  1 
ATOM 720  C CG1 . ILE D 1 29 ? 4.465   -11.666 -8.536  1.00 49.51  ? 186 ILE D CG1 1 
ATOM 721  C CG2 . ILE D 1 29 ? 5.967   -11.873 -6.401  1.00 49.81  ? 186 ILE D CG2 1 
ATOM 722  C CD1 . ILE D 1 29 ? 3.523   -10.680 -8.020  1.00 56.77  ? 186 ILE D CD1 1 
ATOM 723  N N   . LEU D 1 30 ? 6.197   -15.550 -6.667  1.00 46.92  ? 187 LEU D N   1 
ATOM 724  C CA  . LEU D 1 30 ? 6.859   -16.486 -5.763  1.00 46.88  ? 187 LEU D CA  1 
ATOM 725  C C   . LEU D 1 30 ? 7.939   -17.283 -6.482  1.00 51.00  ? 187 LEU D C   1 
ATOM 726  O O   . LEU D 1 30 ? 9.040   -17.413 -5.956  1.00 50.50  ? 187 LEU D O   1 
ATOM 727  C CB  . LEU D 1 30 ? 5.857   -17.423 -5.089  1.00 46.94  ? 187 LEU D CB  1 
ATOM 728  C CG  . LEU D 1 30 ? 5.542   -17.157 -3.620  1.00 51.64  ? 187 LEU D CG  1 
ATOM 729  C CD1 . LEU D 1 30 ? 4.652   -18.246 -3.083  1.00 51.82  ? 187 LEU D CD1 1 
ATOM 730  C CD2 . LEU D 1 30 ? 6.829   -17.046 -2.751  1.00 54.07  ? 187 LEU D CD2 1 
ATOM 731  N N   . GLY D 1 31 ? 7.617   -17.772 -7.682  1.00 47.87  ? 188 GLY D N   1 
ATOM 732  C CA  . GLY D 1 31 ? 8.525   -18.535 -8.528  1.00 47.85  ? 188 GLY D CA  1 
ATOM 733  C C   . GLY D 1 31 ? 9.744   -17.717 -8.901  1.00 52.01  ? 188 GLY D C   1 
ATOM 734  O O   . GLY D 1 31 ? 10.863  -18.223 -8.817  1.00 51.57  ? 188 GLY D O   1 
ATOM 735  N N   . LEU D 1 32 ? 9.534   -16.444 -9.304  1.00 48.75  ? 189 LEU D N   1 
ATOM 736  C CA  . LEU D 1 32 ? 10.590  -15.495 -9.652  1.00 48.62  ? 189 LEU D CA  1 
ATOM 737  C C   . LEU D 1 32 ? 11.460  -15.157 -8.441  1.00 52.43  ? 189 LEU D C   1 
ATOM 738  O O   . LEU D 1 32 ? 12.681  -15.100 -8.554  1.00 52.06  ? 189 LEU D O   1 
ATOM 739  C CB  . LEU D 1 32 ? 9.994   -14.205 -10.229 1.00 48.73  ? 189 LEU D CB  1 
ATOM 740  C CG  . LEU D 1 32 ? 9.921   -14.098 -11.741 1.00 53.56  ? 189 LEU D CG  1 
ATOM 741  C CD1 . LEU D 1 32 ? 8.863   -13.101 -12.121 1.00 53.73  ? 189 LEU D CD1 1 
ATOM 742  C CD2 . LEU D 1 32 ? 11.270  -13.691 -12.334 1.00 56.22  ? 189 LEU D CD2 1 
ATOM 743  N N   . LEU D 1 33 ? 10.814  -14.893 -7.283  1.00 48.83  ? 190 LEU D N   1 
ATOM 744  C CA  . LEU D 1 33 ? 11.494  -14.572 -6.019  1.00 48.53  ? 190 LEU D CA  1 
ATOM 745  C C   . LEU D 1 33 ? 12.289  -15.754 -5.467  1.00 52.07  ? 190 LEU D C   1 
ATOM 746  O O   . LEU D 1 33 ? 13.366  -15.546 -4.920  1.00 51.70  ? 190 LEU D O   1 
ATOM 747  C CB  . LEU D 1 33 ? 10.521  -14.078 -4.960  1.00 48.58  ? 190 LEU D CB  1 
ATOM 748  C CG  . LEU D 1 33 ? 9.992   -12.665 -5.091  1.00 53.34  ? 190 LEU D CG  1 
ATOM 749  C CD1 . LEU D 1 33 ? 8.960   -12.400 -4.035  1.00 53.53  ? 190 LEU D CD1 1 
ATOM 750  C CD2 . LEU D 1 33 ? 11.128  -11.646 -4.988  1.00 55.91  ? 190 LEU D CD2 1 
ATOM 751  N N   . ARG D 1 34 ? 11.716  -16.983 -5.574  1.00 48.24  ? 191 ARG D N   1 
ATOM 752  C CA  . ARG D 1 34 ? 12.250  -18.253 -5.079  1.00 47.82  ? 191 ARG D CA  1 
ATOM 753  C C   . ARG D 1 34 ? 13.598  -18.526 -5.713  1.00 50.61  ? 191 ARG D C   1 
ATOM 754  O O   . ARG D 1 34 ? 14.448  -19.157 -5.088  1.00 50.14  ? 191 ARG D O   1 
ATOM 755  C CB  . ARG D 1 34 ? 11.308  -19.394 -5.437  1.00 48.62  ? 191 ARG D CB  1 
ATOM 756  C CG  . ARG D 1 34 ? 10.577  -19.941 -4.247  1.00 60.74  ? 191 ARG D CG  1 
ATOM 757  C CD  . ARG D 1 34 ? 9.464   -20.852 -4.675  1.00 73.06  ? 191 ARG D CD  1 
ATOM 758  N NE  . ARG D 1 34 ? 8.664   -21.263 -3.532  1.00 83.32  ? 191 ARG D NE  1 
ATOM 759  C CZ  . ARG D 1 34 ? 8.495   -22.518 -3.168  1.00 98.34  ? 191 ARG D CZ  1 
ATOM 760  N NH1 . ARG D 1 34 ? 9.058   -23.504 -3.864  1.00 86.08  ? 191 ARG D NH1 1 
ATOM 761  N NH2 . ARG D 1 34 ? 7.748   -22.821 -2.110  1.00 85.34  ? 191 ARG D NH2 1 
ATOM 762  N N   . THR D 1 35 ? 13.762  -18.102 -6.971  1.00 46.27  ? 192 THR D N   1 
ATOM 763  C CA  . THR D 1 35 ? 14.997  -18.258 -7.714  1.00 45.59  ? 192 THR D CA  1 
ATOM 764  C C   . THR D 1 35 ? 15.975  -17.148 -7.289  1.00 47.92  ? 192 THR D C   1 
ATOM 765  O O   . THR D 1 35 ? 16.953  -16.871 -8.003  1.00 47.46  ? 192 THR D O   1 
ATOM 766  C CB  . THR D 1 35 ? 14.736  -18.245 -9.231  1.00 53.84  ? 192 THR D CB  1 
ATOM 767  O OG1 . THR D 1 35 ? 14.215  -16.975 -9.608  1.00 53.38  ? 192 THR D OG1 1 
ATOM 768  C CG2 . THR D 1 35 ? 13.770  -19.355 -9.657  1.00 52.42  ? 192 THR D CG2 1 
ATOM 769  N N   . LEU D 1 36 ? 15.744  -16.545 -6.101  1.00 43.21  ? 193 LEU D N   1 
ATOM 770  C CA  . LEU D 1 36 ? 16.521  -15.418 -5.583  1.00 42.43  ? 193 LEU D CA  1 
ATOM 771  C C   . LEU D 1 36 ? 16.580  -14.421 -6.761  1.00 44.68  ? 193 LEU D C   1 
ATOM 772  O O   . LEU D 1 36 ? 17.669  -13.973 -7.141  1.00 44.25  ? 193 LEU D O   1 
ATOM 773  C CB  . LEU D 1 36 ? 17.978  -15.778 -5.164  1.00 42.51  ? 193 LEU D CB  1 
ATOM 774  C CG  . LEU D 1 36 ? 18.432  -17.132 -4.516  1.00 47.29  ? 193 LEU D CG  1 
ATOM 775  C CD1 . LEU D 1 36 ? 18.300  -17.150 -3.007  1.00 47.51  ? 193 LEU D CD1 1 
ATOM 776  C CD2 . LEU D 1 36 ? 17.903  -18.393 -5.191  1.00 49.65  ? 193 LEU D CD2 1 
ATOM 777  N N   . ASN D 1 37 ? 15.426  -14.212 -7.416  1.00 39.97  ? 194 ASN D N   1 
ATOM 778  C CA  . ASN D 1 37 ? 15.216  -13.416 -8.628  1.00 47.25  ? 194 ASN D CA  1 
ATOM 779  C C   . ASN D 1 37 ? 15.628  -14.084 -9.946  1.00 68.57  ? 194 ASN D C   1 
ATOM 780  O O   . ASN D 1 37 ? 15.870  -15.307 -10.013 1.00 29.24  ? 194 ASN D O   1 
ATOM 781  C CB  . ASN D 1 37 ? 15.759  -11.977 -8.554  1.00 45.72  ? 194 ASN D CB  1 
ATOM 782  C CG  . ASN D 1 37 ? 16.182  -11.461 -7.199  1.00 58.31  ? 194 ASN D CG  1 
ATOM 783  O OD1 . ASN D 1 37 ? 17.288  -10.930 -7.068  1.00 50.66  ? 194 ASN D OD1 1 
ATOM 784  N ND2 . ASN D 1 37 ? 15.332  -11.582 -6.198  1.00 47.70  ? 194 ASN D ND2 1 
ATOM 785  N N   . LEU E 1 13 ? -5.220  3.672   -10.741 1.00 46.78  ? 170 LEU E N   1 
ATOM 786  C CA  . LEU E 1 13 ? -5.690  4.267   -11.988 1.00 46.56  ? 170 LEU E CA  1 
ATOM 787  C C   . LEU E 1 13 ? -6.670  5.389   -11.650 1.00 50.37  ? 170 LEU E C   1 
ATOM 788  O O   . LEU E 1 13 ? -7.742  5.116   -11.104 1.00 50.02  ? 170 LEU E O   1 
ATOM 789  C CB  . LEU E 1 13 ? -6.352  3.190   -12.863 1.00 46.62  ? 170 LEU E CB  1 
ATOM 790  C CG  . LEU E 1 13 ? -5.895  3.009   -14.326 1.00 51.37  ? 170 LEU E CG  1 
ATOM 791  C CD1 . LEU E 1 13 ? -6.807  3.749   -15.300 1.00 51.55  ? 170 LEU E CD1 1 
ATOM 792  C CD2 . LEU E 1 13 ? -4.418  3.349   -14.529 1.00 53.84  ? 170 LEU E CD2 1 
ATOM 793  N N   . SER E 1 14 ? -6.279  6.645   -11.960 1.00 46.71  ? 171 SER E N   1 
ATOM 794  C CA  . SER E 1 14 ? -7.012  7.890   -11.701 1.00 46.39  ? 171 SER E CA  1 
ATOM 795  C C   . SER E 1 14 ? -6.610  8.512   -10.360 1.00 49.77  ? 171 SER E C   1 
ATOM 796  O O   . SER E 1 14 ? -6.628  7.826   -9.346  1.00 49.28  ? 171 SER E O   1 
ATOM 797  C CB  . SER E 1 14 ? -8.530  7.708   -11.800 1.00 50.02  ? 171 SER E CB  1 
ATOM 798  O OG  . SER E 1 14 ? -9.280  8.824   -11.347 1.00 58.97  ? 171 SER E OG  1 
ATOM 799  N N   . ILE E 1 15 ? -6.239  9.814   -10.385 1.00 46.06  ? 172 ILE E N   1 
ATOM 800  C CA  . ILE E 1 15 ? -5.781  10.634  -9.260  1.00 45.74  ? 172 ILE E CA  1 
ATOM 801  C C   . ILE E 1 15 ? -6.740  10.562  -8.087  1.00 49.31  ? 172 ILE E C   1 
ATOM 802  O O   . ILE E 1 15 ? -6.306  10.365  -6.950  1.00 48.88  ? 172 ILE E O   1 
ATOM 803  C CB  . ILE E 1 15 ? -5.552  12.132  -9.645  1.00 48.86  ? 172 ILE E CB  1 
ATOM 804  C CG1 . ILE E 1 15 ? -5.798  12.441  -11.142 1.00 49.28  ? 172 ILE E CG1 1 
ATOM 805  C CG2 . ILE E 1 15 ? -4.215  12.631  -9.180  1.00 49.59  ? 172 ILE E CG2 1 
ATOM 806  C CD1 . ILE E 1 15 ? -4.684  11.988  -12.103 1.00 56.68  ? 172 ILE E CD1 1 
ATOM 807  N N   . GLU E 1 16 ? -8.039  10.762  -8.369  1.00 45.68  ? 173 GLU E N   1 
ATOM 808  C CA  . GLU E 1 16 ? -9.128  10.757  -7.393  1.00 45.41  ? 173 GLU E CA  1 
ATOM 809  C C   . GLU E 1 16 ? -9.208  9.421   -6.657  1.00 48.66  ? 173 GLU E C   1 
ATOM 810  O O   . GLU E 1 16 ? -9.372  9.419   -5.440  1.00 48.21  ? 173 GLU E O   1 
ATOM 811  C CB  . GLU E 1 16 ? -10.480 11.106  -8.050  1.00 46.85  ? 173 GLU E CB  1 
ATOM 812  C CG  . GLU E 1 16 ? -10.475 12.394  -8.855  1.00 57.83  ? 173 GLU E CG  1 
ATOM 813  C CD  . GLU E 1 16 ? -10.116 12.269  -10.325 1.00 79.05  ? 173 GLU E CD  1 
ATOM 814  O OE1 . GLU E 1 16 ? -9.484  11.274  -10.714 1.00 73.91  ? 173 GLU E OE1 1 
ATOM 815  O OE2 . GLU E 1 16 ? -10.465 13.192  -11.088 1.00 73.47  ? 173 GLU E OE2 1 
ATOM 816  N N   . ALA E 1 17 ? -9.056  8.293   -7.389  1.00 44.77  ? 174 ALA E N   1 
ATOM 817  C CA  . ALA E 1 17 ? -9.070  6.947   -6.807  1.00 44.43  ? 174 ALA E CA  1 
ATOM 818  C C   . ALA E 1 17 ? -7.941  6.754   -5.798  1.00 47.82  ? 174 ALA E C   1 
ATOM 819  O O   . ALA E 1 17 ? -8.186  6.267   -4.694  1.00 47.33  ? 174 ALA E O   1 
ATOM 820  C CB  . ALA E 1 17 ? -8.982  5.893   -7.899  1.00 45.17  ? 174 ALA E CB  1 
ATOM 821  N N   . ARG E 1 18 ? -6.699  7.132   -6.183  1.00 44.05  ? 175 ARG E N   1 
ATOM 822  C CA  . ARG E 1 18 ? -5.520  7.058   -5.312  1.00 43.74  ? 175 ARG E CA  1 
ATOM 823  C C   . ARG E 1 18 ? -5.662  8.004   -4.134  1.00 47.37  ? 175 ARG E C   1 
ATOM 824  O O   . ARG E 1 18 ? -5.402  7.587   -3.005  1.00 46.97  ? 175 ARG E O   1 
ATOM 825  C CB  . ARG E 1 18 ? -4.206  7.352   -6.048  1.00 43.93  ? 175 ARG E CB  1 
ATOM 826  C CG  . ARG E 1 18 ? -4.232  7.125   -7.543  1.00 53.57  ? 175 ARG E CG  1 
ATOM 827  C CD  . ARG E 1 18 ? -2.898  7.427   -8.156  1.00 61.92  ? 175 ARG E CD  1 
ATOM 828  N NE  . ARG E 1 18 ? -2.219  6.191   -8.538  1.00 69.06  ? 175 ARG E NE  1 
ATOM 829  C CZ  . ARG E 1 18 ? -1.816  5.919   -9.767  1.00 82.98  ? 175 ARG E CZ  1 
ATOM 830  N NH1 . ARG E 1 18 ? -1.987  6.797   -10.743 1.00 70.65  ? 175 ARG E NH1 1 
ATOM 831  N NH2 . ARG E 1 18 ? -1.221  4.767   -10.040 1.00 69.63  ? 175 ARG E NH2 1 
ATOM 832  N N   . LEU E 1 19 ? -6.098  9.269   -4.387  1.00 43.78  ? 176 LEU E N   1 
ATOM 833  C CA  . LEU E 1 19 ? -6.258  10.255  -3.323  1.00 43.59  ? 176 LEU E CA  1 
ATOM 834  C C   . LEU E 1 19 ? -7.170  9.742   -2.218  1.00 47.62  ? 176 LEU E C   1 
ATOM 835  O O   . LEU E 1 19 ? -6.815  9.893   -1.053  1.00 47.20  ? 176 LEU E O   1 
ATOM 836  C CB  . LEU E 1 19 ? -6.720  11.606  -3.859  1.00 43.62  ? 176 LEU E CB  1 
ATOM 837  C CG  . LEU E 1 19 ? -5.634  12.505  -4.465  1.00 48.31  ? 176 LEU E CG  1 
ATOM 838  C CD1 . LEU E 1 19 ? -6.231  13.685  -5.174  1.00 48.45  ? 176 LEU E CD1 1 
ATOM 839  C CD2 . LEU E 1 19 ? -4.675  13.000  -3.415  1.00 50.76  ? 176 LEU E CD2 1 
ATOM 840  N N   . GLU E 1 20 ? -8.320  9.109   -2.577  1.00 44.36  ? 177 GLU E N   1 
ATOM 841  C CA  . GLU E 1 20 ? -9.269  8.519   -1.622  1.00 44.29  ? 177 GLU E CA  1 
ATOM 842  C C   . GLU E 1 20 ? -8.569  7.450   -0.781  1.00 48.08  ? 177 GLU E C   1 
ATOM 843  O O   . GLU E 1 20 ? -8.736  7.424   0.439   1.00 47.66  ? 177 GLU E O   1 
ATOM 844  C CB  . GLU E 1 20 ? -10.468 7.870   -2.345  1.00 45.74  ? 177 GLU E CB  1 
ATOM 845  C CG  . GLU E 1 20 ? -11.341 8.831   -3.131  1.00 57.01  ? 177 GLU E CG  1 
ATOM 846  C CD  . GLU E 1 20 ? -12.418 8.159   -3.960  1.00 79.02  ? 177 GLU E CD  1 
ATOM 847  O OE1 . GLU E 1 20 ? -12.773 7.010   -3.645  1.00 74.97  ? 177 GLU E OE1 1 
ATOM 848  O OE2 . GLU E 1 20 ? -12.925 8.797   -4.905  1.00 73.28  ? 177 GLU E OE2 1 
ATOM 849  N N   . SER E 1 21 ? -7.789  6.563   -1.454  1.00 44.57  ? 178 SER E N   1 
ATOM 850  C CA  . SER E 1 21 ? -7.025  5.485   -0.822  1.00 44.37  ? 178 SER E CA  1 
ATOM 851  C C   . SER E 1 21 ? -5.964  6.043   0.149   1.00 48.27  ? 178 SER E C   1 
ATOM 852  O O   . SER E 1 21 ? -5.817  5.519   1.255   1.00 47.98  ? 178 SER E O   1 
ATOM 853  C CB  . SER E 1 21 ? -6.383  4.583   -1.873  1.00 47.81  ? 178 SER E CB  1 
ATOM 854  O OG  . SER E 1 21 ? -4.972  4.709   -1.862  1.00 56.44  ? 178 SER E OG  1 
ATOM 855  N N   . ILE E 1 22 ? -5.267  7.124   -0.261  1.00 44.58  ? 179 ILE E N   1 
ATOM 856  C CA  . ILE E 1 22 ? -4.246  7.805   0.543   1.00 44.26  ? 179 ILE E CA  1 
ATOM 857  C C   . ILE E 1 22 ? -4.872  8.328   1.845   1.00 48.00  ? 179 ILE E C   1 
ATOM 858  O O   . ILE E 1 22 ? -4.334  8.084   2.927   1.00 47.55  ? 179 ILE E O   1 
ATOM 859  C CB  . ILE E 1 22 ? -3.524  8.924   -0.277  1.00 47.28  ? 179 ILE E CB  1 
ATOM 860  C CG1 . ILE E 1 22 ? -2.686  8.298   -1.420  1.00 47.64  ? 179 ILE E CG1 1 
ATOM 861  C CG2 . ILE E 1 22 ? -2.653  9.842   0.611   1.00 47.97  ? 179 ILE E CG2 1 
ATOM 862  C CD1 . ILE E 1 22 ? -1.913  9.248   -2.296  1.00 54.39  ? 179 ILE E CD1 1 
ATOM 863  N N   . GLU E 1 23 ? -6.029  8.996   1.726   1.00 44.57  ? 180 GLU E N   1 
ATOM 864  C CA  . GLU E 1 23 ? -6.801  9.563   2.830   1.00 44.40  ? 180 GLU E CA  1 
ATOM 865  C C   . GLU E 1 23 ? -7.224  8.505   3.859   1.00 48.11  ? 180 GLU E C   1 
ATOM 866  O O   . GLU E 1 23 ? -7.186  8.755   5.069   1.00 47.68  ? 180 GLU E O   1 
ATOM 867  C CB  . GLU E 1 23 ? -8.021  10.307  2.301   1.00 45.81  ? 180 GLU E CB  1 
ATOM 868  C CG  . GLU E 1 23 ? -8.394  11.469  3.195   1.00 57.08  ? 180 GLU E CG  1 
ATOM 869  C CD  . GLU E 1 23 ? -9.352  12.488  2.626   1.00 79.55  ? 180 GLU E CD  1 
ATOM 870  O OE1 . GLU E 1 23 ? -9.484  12.576  1.390   1.00 74.65  ? 180 GLU E OE1 1 
ATOM 871  O OE2 . GLU E 1 23 ? -9.922  13.257  3.436   1.00 74.45  ? 180 GLU E OE2 1 
ATOM 872  N N   . GLU E 1 24 ? -7.610  7.324   3.365   1.00 44.50  ? 181 GLU E N   1 
ATOM 873  C CA  . GLU E 1 24 ? -8.028  6.180   4.162   1.00 44.21  ? 181 GLU E CA  1 
ATOM 874  C C   . GLU E 1 24 ? -6.861  5.678   5.018   1.00 47.66  ? 181 GLU E C   1 
ATOM 875  O O   . GLU E 1 24 ? -7.035  5.420   6.212   1.00 47.17  ? 181 GLU E O   1 
ATOM 876  C CB  . GLU E 1 24 ? -8.507  5.076   3.225   1.00 45.61  ? 181 GLU E CB  1 
ATOM 877  C CG  . GLU E 1 24 ? -9.587  4.170   3.771   1.00 56.76  ? 181 GLU E CG  1 
ATOM 878  C CD  . GLU E 1 24 ? -9.608  2.773   3.190   1.00 78.77  ? 181 GLU E CD  1 
ATOM 879  O OE1 . GLU E 1 24 ? -9.126  2.556   2.057   1.00 74.13  ? 181 GLU E OE1 1 
ATOM 880  O OE2 . GLU E 1 24 ? -10.091 1.876   3.904   1.00 73.38  ? 181 GLU E OE2 1 
ATOM 881  N N   . LYS E 1 25 ? -5.663  5.558   4.398   1.00 43.96  ? 182 LYS E N   1 
ATOM 882  C CA  . LYS E 1 25 ? -4.427  5.132   5.067   1.00 43.65  ? 182 LYS E CA  1 
ATOM 883  C C   . LYS E 1 25 ? -4.008  6.095   6.174   1.00 47.23  ? 182 LYS E C   1 
ATOM 884  O O   . LYS E 1 25 ? -3.608  5.646   7.248   1.00 46.78  ? 182 LYS E O   1 
ATOM 885  C CB  . LYS E 1 25 ? -3.301  4.902   4.062   1.00 46.12  ? 182 LYS E CB  1 
ATOM 886  C CG  . LYS E 1 25 ? -3.152  3.428   3.700   1.00 60.15  ? 182 LYS E CG  1 
ATOM 887  C CD  . LYS E 1 25 ? -3.719  3.064   2.347   1.00 70.18  ? 182 LYS E CD  1 
ATOM 888  C CE  . LYS E 1 25 ? -3.373  1.680   1.899   1.00 81.11  ? 182 LYS E CE  1 
ATOM 889  N NZ  . LYS E 1 25 ? -3.325  1.580   0.420   1.00 90.16  ? 182 LYS E NZ  1 
ATOM 890  N N   . LEU E 1 26 ? -4.127  7.414   5.914   1.00 43.60  ? 183 LEU E N   1 
ATOM 891  C CA  . LEU E 1 26 ? -3.774  8.462   6.874   1.00 43.39  ? 183 LEU E CA  1 
ATOM 892  C C   . LEU E 1 26 ? -4.617  8.387   8.141   1.00 47.49  ? 183 LEU E C   1 
ATOM 893  O O   . LEU E 1 26 ? -4.087  8.568   9.235   1.00 47.05  ? 183 LEU E O   1 
ATOM 894  C CB  . LEU E 1 26 ? -3.865  9.865   6.242   1.00 43.39  ? 183 LEU E CB  1 
ATOM 895  C CG  . LEU E 1 26 ? -2.672  10.273  5.368   1.00 48.06  ? 183 LEU E CG  1 
ATOM 896  C CD1 . LEU E 1 26 ? -2.980  11.496  4.595   1.00 48.26  ? 183 LEU E CD1 1 
ATOM 897  C CD2 . LEU E 1 26 ? -1.430  10.528  6.205   1.00 50.49  ? 183 LEU E CD2 1 
ATOM 898  N N   . SER E 1 27 ? -5.926  8.124   7.976   1.00 44.28  ? 184 SER E N   1 
ATOM 899  C CA  . SER E 1 27 ? -6.892  7.971   9.058   1.00 44.23  ? 184 SER E CA  1 
ATOM 900  C C   . SER E 1 27 ? -6.528  6.765   9.934   1.00 48.19  ? 184 SER E C   1 
ATOM 901  O O   . SER E 1 27 ? -6.606  6.844   11.159  1.00 47.70  ? 184 SER E O   1 
ATOM 902  C CB  . SER E 1 27 ? -8.308  7.824   8.508   1.00 47.92  ? 184 SER E CB  1 
ATOM 903  O OG  . SER E 1 27 ? -8.586  8.804   7.521   1.00 57.03  ? 184 SER E OG  1 
ATOM 904  N N   . MET E 1 28 ? -6.116  5.647   9.290   1.00 44.94  ? 185 MET E N   1 
ATOM 905  C CA  . MET E 1 28 ? -5.698  4.402   9.944   1.00 44.89  ? 185 MET E CA  1 
ATOM 906  C C   . MET E 1 28 ? -4.480  4.676   10.833  1.00 49.00  ? 185 MET E C   1 
ATOM 907  O O   . MET E 1 28 ? -4.468  4.276   12.000  1.00 48.52  ? 185 MET E O   1 
ATOM 908  C CB  . MET E 1 28 ? -5.355  3.340   8.899   1.00 47.26  ? 185 MET E CB  1 
ATOM 909  C CG  . MET E 1 28 ? -6.555  2.794   8.157   1.00 50.96  ? 185 MET E CG  1 
ATOM 910  S SD  . MET E 1 28 ? -6.131  1.412   7.094   1.00 55.20  ? 185 MET E SD  1 
ATOM 911  C CE  . MET E 1 28 ? -7.532  0.452   7.323   1.00 51.89  ? 185 MET E CE  1 
ATOM 912  N N   . ILE E 1 29 ? -3.468  5.369   10.265  1.00 45.78  ? 186 ILE E N   1 
ATOM 913  C CA  . ILE E 1 29 ? -2.222  5.748   10.917  1.00 45.72  ? 186 ILE E CA  1 
ATOM 914  C C   . ILE E 1 29 ? -2.523  6.601   12.157  1.00 50.29  ? 186 ILE E C   1 
ATOM 915  O O   . ILE E 1 29 ? -1.971  6.342   13.228  1.00 49.82  ? 186 ILE E O   1 
ATOM 916  C CB  . ILE E 1 29 ? -1.238  6.453   9.928   1.00 48.78  ? 186 ILE E CB  1 
ATOM 917  C CG1 . ILE E 1 29 ? -0.833  5.500   8.775   1.00 49.10  ? 186 ILE E CG1 1 
ATOM 918  C CG2 . ILE E 1 29 ? 0.007   7.007   10.649  1.00 49.59  ? 186 ILE E CG2 1 
ATOM 919  C CD1 . ILE E 1 29 ? -0.023  6.082   7.685   1.00 55.62  ? 186 ILE E CD1 1 
ATOM 920  N N   . LEU E 1 30 ? -3.427  7.587   12.014  1.00 47.51  ? 187 LEU E N   1 
ATOM 921  C CA  . LEU E 1 30 ? -3.857  8.469   13.095  1.00 47.63  ? 187 LEU E CA  1 
ATOM 922  C C   . LEU E 1 30 ? -4.453  7.687   14.276  1.00 52.13  ? 187 LEU E C   1 
ATOM 923  O O   . LEU E 1 30 ? -4.071  7.932   15.424  1.00 51.75  ? 187 LEU E O   1 
ATOM 924  C CB  . LEU E 1 30 ? -4.855  9.511   12.574  1.00 47.70  ? 187 LEU E CB  1 
ATOM 925  C CG  . LEU E 1 30 ? -4.492  10.928  12.879  1.00 52.49  ? 187 LEU E CG  1 
ATOM 926  C CD1 . LEU E 1 30 ? -5.277  11.907  12.025  1.00 52.68  ? 187 LEU E CD1 1 
ATOM 927  C CD2 . LEU E 1 30 ? -4.732  11.208  14.333  1.00 55.05  ? 187 LEU E CD2 1 
ATOM 928  N N   . GLY E 1 31 ? -5.364  6.764   13.981  1.00 49.13  ? 188 GLY E N   1 
ATOM 929  C CA  . GLY E 1 31 ? -5.987  5.908   14.976  1.00 49.14  ? 188 GLY E CA  1 
ATOM 930  C C   . GLY E 1 31 ? -4.942  5.125   15.744  1.00 53.36  ? 188 GLY E C   1 
ATOM 931  O O   . GLY E 1 31 ? -4.926  5.173   16.976  1.00 52.84  ? 188 GLY E O   1 
ATOM 932  N N   . LEU E 1 32 ? -4.019  4.465   14.997  1.00 50.30  ? 189 LEU E N   1 
ATOM 933  C CA  . LEU E 1 32 ? -2.920  3.688   15.571  1.00 50.30  ? 189 LEU E CA  1 
ATOM 934  C C   . LEU E 1 32 ? -2.005  4.560   16.443  1.00 54.57  ? 189 LEU E C   1 
ATOM 935  O O   . LEU E 1 32 ? -1.667  4.159   17.561  1.00 54.25  ? 189 LEU E O   1 
ATOM 936  C CB  . LEU E 1 32 ? -2.093  3.021   14.478  1.00 50.38  ? 189 LEU E CB  1 
ATOM 937  C CG  . LEU E 1 32 ? -2.365  1.561   14.175  1.00 55.17  ? 189 LEU E CG  1 
ATOM 938  C CD1 . LEU E 1 32 ? -1.599  1.148   12.963  1.00 55.37  ? 189 LEU E CD1 1 
ATOM 939  C CD2 . LEU E 1 32 ? -1.969  0.645   15.352  1.00 57.69  ? 189 LEU E CD2 1 
ATOM 940  N N   . LEU E 1 33 ? -1.639  5.757   15.942  1.00 51.30  ? 190 LEU E N   1 
ATOM 941  C CA  . LEU E 1 33 ? -0.748  6.672   16.647  1.00 51.17  ? 190 LEU E CA  1 
ATOM 942  C C   . LEU E 1 33 ? -1.358  7.170   17.940  1.00 55.31  ? 190 LEU E C   1 
ATOM 943  O O   . LEU E 1 33 ? -0.639  7.388   18.917  1.00 54.81  ? 190 LEU E O   1 
ATOM 944  C CB  . LEU E 1 33 ? -0.327  7.849   15.769  1.00 51.19  ? 190 LEU E CB  1 
ATOM 945  C CG  . LEU E 1 33 ? 0.772   7.555   14.761  1.00 55.84  ? 190 LEU E CG  1 
ATOM 946  C CD1 . LEU E 1 33 ? 0.996   8.734   13.885  1.00 55.99  ? 190 LEU E CD1 1 
ATOM 947  C CD2 . LEU E 1 33 ? 2.076   7.131   15.453  1.00 58.23  ? 190 LEU E CD2 1 
ATOM 948  N N   . ARG E 1 34 ? -2.679  7.386   17.917  1.00 52.22  ? 191 ARG E N   1 
ATOM 949  C CA  . ARG E 1 34 ? -3.460  7.778   19.078  1.00 52.22  ? 191 ARG E CA  1 
ATOM 950  C C   . ARG E 1 34 ? -3.538  6.599   20.054  1.00 56.55  ? 191 ARG E C   1 
ATOM 951  O O   . ARG E 1 34 ? -3.478  6.798   21.270  1.00 56.12  ? 191 ARG E O   1 
ATOM 952  C CB  . ARG E 1 34 ? -4.866  8.185   18.658  1.00 52.36  ? 191 ARG E CB  1 
ATOM 953  C CG  . ARG E 1 34 ? -4.990  9.649   18.277  1.00 62.56  ? 191 ARG E CG  1 
ATOM 954  C CD  . ARG E 1 34 ? -6.290  10.244  18.775  1.00 72.66  ? 191 ARG E CD  1 
ATOM 955  N NE  . ARG E 1 34 ? -7.445  9.511   18.266  1.00 81.08  ? 191 ARG E NE  1 
ATOM 956  C CZ  . ARG E 1 34 ? -8.673  9.996   18.208  1.00 95.09  ? 191 ARG E CZ  1 
ATOM 957  N NH1 . ARG E 1 34 ? -8.937  11.236  18.632  1.00 81.83  ? 191 ARG E NH1 1 
ATOM 958  N NH2 . ARG E 1 34 ? -9.676  9.248   17.738  1.00 82.36  ? 191 ARG E NH2 1 
ATOM 959  N N   . THR E 1 35 ? -3.659  5.358   19.506  1.00 53.47  ? 192 THR E N   1 
ATOM 960  C CA  . THR E 1 35 ? -3.740  4.099   20.265  1.00 53.48  ? 192 THR E CA  1 
ATOM 961  C C   . THR E 1 35 ? -2.441  3.813   21.037  1.00 57.52  ? 192 THR E C   1 
ATOM 962  O O   . THR E 1 35 ? -2.505  3.394   22.195  1.00 57.14  ? 192 THR E O   1 
ATOM 963  C CB  . THR E 1 35 ? -4.110  2.907   19.348  1.00 62.32  ? 192 THR E CB  1 
ATOM 964  O OG1 . THR E 1 35 ? -5.194  3.261   18.493  1.00 62.41  ? 192 THR E OG1 1 
ATOM 965  C CG2 . THR E 1 35 ? -4.479  1.647   20.139  1.00 61.05  ? 192 THR E CG2 1 
ATOM 966  N N   . LEU E 1 36 ? -1.274  4.042   20.393  1.00 54.11  ? 193 LEU E N   1 
ATOM 967  C CA  . LEU E 1 36 ? 0.040   3.768   20.985  1.00 53.91  ? 193 LEU E CA  1 
ATOM 968  C C   . LEU E 1 36 ? 0.331   4.552   22.275  1.00 57.80  ? 193 LEU E C   1 
ATOM 969  O O   . LEU E 1 36 ? 1.040   4.046   23.146  1.00 57.39  ? 193 LEU E O   1 
ATOM 970  C CB  . LEU E 1 36 ? 1.197   3.903   19.967  1.00 53.96  ? 193 LEU E CB  1 
ATOM 971  C CG  . LEU E 1 36 ? 1.110   3.093   18.651  1.00 58.63  ? 193 LEU E CG  1 
ATOM 972  C CD1 . LEU E 1 36 ? 2.367   3.251   17.827  1.00 58.79  ? 193 LEU E CD1 1 
ATOM 973  C CD2 . LEU E 1 36 ? 0.820   1.618   18.890  1.00 60.98  ? 193 LEU E CD2 1 
ATOM 974  N N   . ASN E 1 37 ? -0.235  5.761   22.402  1.00 54.34  ? 194 ASN E N   1 
ATOM 975  C CA  . ASN E 1 37 ? -0.081  6.602   23.589  1.00 85.12  ? 194 ASN E CA  1 
ATOM 976  C C   . ASN E 1 37 ? -0.936  6.085   24.757  1.00 112.88 ? 194 ASN E C   1 
ATOM 977  O O   . ASN E 1 37 ? -2.161  5.986   24.639  1.00 73.33  ? 194 ASN E O   1 
ATOM 978  C CB  . ASN E 1 37 ? -0.465  8.057   23.291  1.00 85.97  ? 194 ASN E CB  1 
ATOM 979  C CG  . ASN E 1 37 ? 0.168   8.661   22.046  1.00 108.61 ? 194 ASN E CG  1 
ATOM 980  O OD1 . ASN E 1 37 ? 1.175   8.197   21.530  1.00 102.62 ? 194 ASN E OD1 1 
ATOM 981  N ND2 . ASN E 1 37 ? -0.434  9.744   21.580  1.00 100.46 ? 194 ASN E ND2 1 
ATOM 982  N N   . LEU F 1 13 ? 8.241   12.453  -10.808 1.00 51.48  ? 170 LEU F N   1 
ATOM 983  C CA  . LEU F 1 13 ? 8.051   13.842  -11.216 1.00 51.29  ? 170 LEU F CA  1 
ATOM 984  C C   . LEU F 1 13 ? 6.721   14.039  -11.965 1.00 54.95  ? 170 LEU F C   1 
ATOM 985  O O   . LEU F 1 13 ? 6.497   15.077  -12.592 1.00 54.56  ? 170 LEU F O   1 
ATOM 986  C CB  . LEU F 1 13 ? 9.257   14.334  -12.026 1.00 51.39  ? 170 LEU F CB  1 
ATOM 987  C CG  . LEU F 1 13 ? 10.480  14.854  -11.248 1.00 56.15  ? 170 LEU F CG  1 
ATOM 988  C CD1 . LEU F 1 13 ? 11.016  13.824  -10.250 1.00 56.31  ? 170 LEU F CD1 1 
ATOM 989  C CD2 . LEU F 1 13 ? 11.608  15.215  -12.205 1.00 58.69  ? 170 LEU F CD2 1 
ATOM 990  N N   . SER F 1 14 ? 5.834   13.053  -11.851 1.00 51.29  ? 171 SER F N   1 
ATOM 991  C CA  . SER F 1 14 ? 4.505   13.103  -12.420 1.00 50.96  ? 171 SER F CA  1 
ATOM 992  C C   . SER F 1 14 ? 3.525   12.966  -11.255 1.00 54.44  ? 171 SER F C   1 
ATOM 993  O O   . SER F 1 14 ? 3.859   12.323  -10.261 1.00 54.01  ? 171 SER F O   1 
ATOM 994  C CB  . SER F 1 14 ? 4.303   12.006  -13.467 1.00 54.47  ? 171 SER F CB  1 
ATOM 995  O OG  . SER F 1 14 ? 3.910   10.746  -12.952 1.00 63.00  ? 171 SER F OG  1 
ATOM 996  N N   . ILE F 1 15 ? 2.339   13.591  -11.371 1.00 50.65  ? 172 ILE F N   1 
ATOM 997  C CA  . ILE F 1 15 ? 1.305   13.561  -10.349 1.00 50.22  ? 172 ILE F CA  1 
ATOM 998  C C   . ILE F 1 15 ? 0.986   12.096  -10.016 1.00 53.37  ? 172 ILE F C   1 
ATOM 999  O O   . ILE F 1 15 ? 0.996   11.720  -8.841  1.00 52.92  ? 172 ILE F O   1 
ATOM 1000 C CB  . ILE F 1 15 ? 0.064   14.402  -10.795 1.00 53.33  ? 172 ILE F CB  1 
ATOM 1001 C CG1 . ILE F 1 15 ? 0.192   15.864  -10.320 1.00 53.78  ? 172 ILE F CG1 1 
ATOM 1002 C CG2 . ILE F 1 15 ? -1.250  13.825  -10.322 1.00 54.06  ? 172 ILE F CG2 1 
ATOM 1003 C CD1 . ILE F 1 15 ? 1.042   16.744  -11.185 1.00 61.36  ? 172 ILE F CD1 1 
ATOM 1004 N N   . GLU F 1 16 ? 0.817   11.269  -11.063 1.00 49.38  ? 173 GLU F N   1 
ATOM 1005 C CA  . GLU F 1 16 ? 0.573   9.835   -10.981 1.00 48.94  ? 173 GLU F CA  1 
ATOM 1006 C C   . GLU F 1 16 ? 1.752   9.102   -10.309 1.00 52.02  ? 173 GLU F C   1 
ATOM 1007 O O   . GLU F 1 16 ? 1.525   8.260   -9.438  1.00 51.46  ? 173 GLU F O   1 
ATOM 1008 C CB  . GLU F 1 16 ? 0.265   9.252   -12.380 1.00 50.35  ? 173 GLU F CB  1 
ATOM 1009 C CG  . GLU F 1 16 ? -0.928  9.902   -13.069 1.00 61.37  ? 173 GLU F CG  1 
ATOM 1010 C CD  . GLU F 1 16 ? -0.731  10.316  -14.516 1.00 81.59  ? 173 GLU F CD  1 
ATOM 1011 O OE1 . GLU F 1 16 ? 0.299   10.947  -14.820 1.00 75.30  ? 173 GLU F OE1 1 
ATOM 1012 O OE2 . GLU F 1 16 ? -1.634  10.047  -15.334 1.00 74.99  ? 173 GLU F OE2 1 
ATOM 1013 N N   . ALA F 1 17 ? 3.008   9.450   -10.690 1.00 48.09  ? 174 ALA F N   1 
ATOM 1014 C CA  . ALA F 1 17 ? 4.234   8.861   -10.129 1.00 47.65  ? 174 ALA F CA  1 
ATOM 1015 C C   . ALA F 1 17 ? 4.462   9.260   -8.682  1.00 50.83  ? 174 ALA F C   1 
ATOM 1016 O O   . ALA F 1 17 ? 4.849   8.417   -7.880  1.00 50.30  ? 174 ALA F O   1 
ATOM 1017 C CB  . ALA F 1 17 ? 5.448   9.228   -10.969 1.00 48.39  ? 174 ALA F CB  1 
ATOM 1018 N N   . ARG F 1 18 ? 4.230   10.552  -8.349  1.00 47.01  ? 175 ARG F N   1 
ATOM 1019 C CA  . ARG F 1 18 ? 4.378   11.091  -6.997  1.00 46.65  ? 175 ARG F CA  1 
ATOM 1020 C C   . ARG F 1 18 ? 3.374   10.417  -6.070  1.00 49.88  ? 175 ARG F C   1 
ATOM 1021 O O   . ARG F 1 18 ? 3.771   9.905   -5.023  1.00 49.35  ? 175 ARG F O   1 
ATOM 1022 C CB  . ARG F 1 18 ? 4.216   12.609  -6.986  1.00 47.08  ? 175 ARG F CB  1 
ATOM 1023 C CG  . ARG F 1 18 ? 5.342   13.322  -6.256  1.00 57.82  ? 175 ARG F CG  1 
ATOM 1024 C CD  . ARG F 1 18 ? 5.291   14.816  -6.466  1.00 68.23  ? 175 ARG F CD  1 
ATOM 1025 N NE  . ARG F 1 18 ? 6.370   15.299  -7.335  1.00 77.03  ? 175 ARG F NE  1 
ATOM 1026 C CZ  . ARG F 1 18 ? 6.182   15.820  -8.538  1.00 91.26  ? 175 ARG F CZ  1 
ATOM 1027 N NH1 . ARG F 1 18 ? 4.962   15.934  -9.041  1.00 78.30  ? 175 ARG F NH1 1 
ATOM 1028 N NH2 . ARG F 1 18 ? 7.212   16.243  -9.256  1.00 78.33  ? 175 ARG F NH2 1 
ATOM 1029 N N   . LEU F 1 19 ? 2.089   10.348  -6.501  1.00 46.05  ? 176 LEU F N   1 
ATOM 1030 C CA  . LEU F 1 19 ? 0.987   9.724   -5.760  1.00 45.65  ? 176 LEU F CA  1 
ATOM 1031 C C   . LEU F 1 19 ? 1.232   8.254   -5.461  1.00 48.81  ? 176 LEU F C   1 
ATOM 1032 O O   . LEU F 1 19 ? 0.947   7.821   -4.349  1.00 48.35  ? 176 LEU F O   1 
ATOM 1033 C CB  . LEU F 1 19 ? -0.356  9.882   -6.479  1.00 45.74  ? 176 LEU F CB  1 
ATOM 1034 C CG  . LEU F 1 19 ? -1.044  11.233  -6.405  1.00 50.45  ? 176 LEU F CG  1 
ATOM 1035 C CD1 . LEU F 1 19 ? -2.235  11.240  -7.300  1.00 50.65  ? 176 LEU F CD1 1 
ATOM 1036 C CD2 . LEU F 1 19 ? -1.476  11.562  -4.993  1.00 52.91  ? 176 LEU F CD2 1 
ATOM 1037 N N   . GLU F 1 20 ? 1.758   7.487   -6.444  1.00 44.83  ? 177 GLU F N   1 
ATOM 1038 C CA  . GLU F 1 20 ? 2.040   6.065   -6.255  1.00 44.37  ? 177 GLU F CA  1 
ATOM 1039 C C   . GLU F 1 20 ? 3.047   5.922   -5.134  1.00 47.63  ? 177 GLU F C   1 
ATOM 1040 O O   . GLU F 1 20 ? 2.801   5.174   -4.192  1.00 47.16  ? 177 GLU F O   1 
ATOM 1041 C CB  . GLU F 1 20 ? 2.598   5.411   -7.523  1.00 45.73  ? 177 GLU F CB  1 
ATOM 1042 C CG  . GLU F 1 20 ? 2.213   3.952   -7.750  1.00 56.09  ? 177 GLU F CG  1 
ATOM 1043 C CD  . GLU F 1 20 ? 2.025   3.046   -6.545  1.00 75.97  ? 177 GLU F CD  1 
ATOM 1044 O OE1 . GLU F 1 20 ? 2.976   2.886   -5.766  1.00 70.30  ? 177 GLU F OE1 1 
ATOM 1045 O OE2 . GLU F 1 20 ? 0.936   2.442   -6.423  1.00 69.77  ? 177 GLU F OE2 1 
ATOM 1046 N N   . SER F 1 21 ? 4.150   6.680   -5.208  1.00 43.75  ? 178 SER F N   1 
ATOM 1047 C CA  . SER F 1 21 ? 5.197   6.646   -4.207  1.00 43.35  ? 178 SER F CA  1 
ATOM 1048 C C   . SER F 1 21 ? 4.632   6.961   -2.817  1.00 46.73  ? 178 SER F C   1 
ATOM 1049 O O   . SER F 1 21 ? 4.988   6.266   -1.877  1.00 46.37  ? 178 SER F O   1 
ATOM 1050 C CB  . SER F 1 21 ? 6.321   7.607   -4.569  1.00 46.83  ? 178 SER F CB  1 
ATOM 1051 O OG  . SER F 1 21 ? 6.362   8.698   -3.667  1.00 55.62  ? 178 SER F OG  1 
ATOM 1052 N N   . ILE F 1 22 ? 3.754   7.987   -2.701  1.00 42.79  ? 179 ILE F N   1 
ATOM 1053 C CA  . ILE F 1 22 ? 3.098   8.397   -1.451  1.00 42.35  ? 179 ILE F CA  1 
ATOM 1054 C C   . ILE F 1 22 ? 2.303   7.223   -0.836  1.00 45.84  ? 179 ILE F C   1 
ATOM 1055 O O   . ILE F 1 22 ? 2.458   6.936   0.351   1.00 45.47  ? 179 ILE F O   1 
ATOM 1056 C CB  . ILE F 1 22 ? 2.224   9.687   -1.626  1.00 45.38  ? 179 ILE F CB  1 
ATOM 1057 C CG1 . ILE F 1 22 ? 3.117   10.895  -1.999  1.00 45.74  ? 179 ILE F CG1 1 
ATOM 1058 C CG2 . ILE F 1 22 ? 1.382   10.001  -0.367  1.00 46.10  ? 179 ILE F CG2 1 
ATOM 1059 C CD1 . ILE F 1 22 ? 2.389   12.235  -2.200  1.00 52.80  ? 179 ILE F CD1 1 
ATOM 1060 N N   . GLU F 1 23 ? 1.494   6.540   -1.662  1.00 42.04  ? 180 GLU F N   1 
ATOM 1061 C CA  . GLU F 1 23 ? 0.673   5.384   -1.308  1.00 41.71  ? 180 GLU F CA  1 
ATOM 1062 C C   . GLU F 1 23 ? 1.537   4.259   -0.735  1.00 45.15  ? 180 GLU F C   1 
ATOM 1063 O O   . GLU F 1 23 ? 1.141   3.634   0.250   1.00 44.63  ? 180 GLU F O   1 
ATOM 1064 C CB  . GLU F 1 23 ? -0.077  4.882   -2.548  1.00 43.10  ? 180 GLU F CB  1 
ATOM 1065 C CG  . GLU F 1 23 ? -1.340  4.105   -2.254  1.00 53.63  ? 180 GLU F CG  1 
ATOM 1066 C CD  . GLU F 1 23 ? -2.111  3.646   -3.469  1.00 73.84  ? 180 GLU F CD  1 
ATOM 1067 O OE1 . GLU F 1 23 ? -2.113  4.368   -4.481  1.00 68.67  ? 180 GLU F OE1 1 
ATOM 1068 O OE2 . GLU F 1 23 ? -2.743  2.578   -3.396  1.00 67.22  ? 180 GLU F OE2 1 
ATOM 1069 N N   . GLU F 1 24 ? 2.715   4.010   -1.364  1.00 41.47  ? 181 GLU F N   1 
ATOM 1070 C CA  . GLU F 1 24 ? 3.684   2.998   -0.949  1.00 41.18  ? 181 GLU F CA  1 
ATOM 1071 C C   . GLU F 1 24 ? 4.185   3.292   0.434   1.00 44.52  ? 181 GLU F C   1 
ATOM 1072 O O   . GLU F 1 24 ? 4.241   2.399   1.271   1.00 43.99  ? 181 GLU F O   1 
ATOM 1073 C CB  . GLU F 1 24 ? 4.888   2.983   -1.890  1.00 42.60  ? 181 GLU F CB  1 
ATOM 1074 C CG  . GLU F 1 24 ? 4.705   2.070   -3.076  1.00 53.76  ? 181 GLU F CG  1 
ATOM 1075 C CD  . GLU F 1 24 ? 5.767   2.216   -4.137  1.00 75.64  ? 181 GLU F CD  1 
ATOM 1076 O OE1 . GLU F 1 24 ? 6.899   2.636   -3.803  1.00 70.62  ? 181 GLU F OE1 1 
ATOM 1077 O OE2 . GLU F 1 24 ? 5.479   1.895   -5.306  1.00 70.01  ? 181 GLU F OE2 1 
ATOM 1078 N N   . LYS F 1 25 ? 4.576   4.560   0.660   1.00 40.78  ? 182 LYS F N   1 
ATOM 1079 C CA  . LYS F 1 25 ? 5.124   5.044   1.927   1.00 40.39  ? 182 LYS F CA  1 
ATOM 1080 C C   . LYS F 1 25 ? 4.131   4.845   3.038   1.00 43.92  ? 182 LYS F C   1 
ATOM 1081 O O   . LYS F 1 25 ? 4.524   4.374   4.087   1.00 43.51  ? 182 LYS F O   1 
ATOM 1082 C CB  . LYS F 1 25 ? 5.609   6.508   1.897   1.00 42.85  ? 182 LYS F CB  1 
ATOM 1083 C CG  . LYS F 1 25 ? 6.283   6.956   0.617   1.00 56.58  ? 182 LYS F CG  1 
ATOM 1084 C CD  . LYS F 1 25 ? 7.713   7.365   0.749   1.00 66.29  ? 182 LYS F CD  1 
ATOM 1085 C CE  . LYS F 1 25 ? 8.467   6.978   -0.499  1.00 76.66  ? 182 LYS F CE  1 
ATOM 1086 N NZ  . LYS F 1 25 ? 9.669   7.810   -0.727  1.00 85.53  ? 182 LYS F NZ  1 
ATOM 1087 N N   . LEU F 1 26 ? 2.846   5.203   2.819   1.00 40.23  ? 183 LEU F N   1 
ATOM 1088 C CA  . LEU F 1 26 ? 1.792   5.082   3.822   1.00 39.98  ? 183 LEU F CA  1 
ATOM 1089 C C   . LEU F 1 26 ? 1.600   3.640   4.275   1.00 43.88  ? 183 LEU F C   1 
ATOM 1090 O O   . LEU F 1 26 ? 1.440   3.400   5.470   1.00 43.52  ? 183 LEU F O   1 
ATOM 1091 C CB  . LEU F 1 26 ? 0.476   5.667   3.309   1.00 39.98  ? 183 LEU F CB  1 
ATOM 1092 C CG  . LEU F 1 26 ? 0.335   7.181   3.293   1.00 44.63  ? 183 LEU F CG  1 
ATOM 1093 C CD1 . LEU F 1 26 ? -0.964  7.564   2.679   1.00 44.79  ? 183 LEU F CD1 1 
ATOM 1094 C CD2 . LEU F 1 26 ? 0.422   7.751   4.699   1.00 47.08  ? 183 LEU F CD2 1 
ATOM 1095 N N   . SER F 1 27 ? 1.561   2.693   3.311   1.00 40.39  ? 184 SER F N   1 
ATOM 1096 C CA  . SER F 1 27 ? 1.403   1.258   3.545   1.00 40.12  ? 184 SER F CA  1 
ATOM 1097 C C   . SER F 1 27 ? 2.579   0.713   4.364   1.00 43.60  ? 184 SER F C   1 
ATOM 1098 O O   . SER F 1 27 ? 2.373   -0.092  5.271   1.00 43.07  ? 184 SER F O   1 
ATOM 1099 C CB  . SER F 1 27 ? 1.294   0.513   2.222   1.00 43.66  ? 184 SER F CB  1 
ATOM 1100 O OG  . SER F 1 27 ? 0.365   1.145   1.353   1.00 52.23  ? 184 SER F OG  1 
ATOM 1101 N N   . MET F 1 28 ? 3.814   1.176   4.045   1.00 39.92  ? 185 MET F N   1 
ATOM 1102 C CA  . MET F 1 28 ? 5.059   0.815   4.729   1.00 39.60  ? 185 MET F CA  1 
ATOM 1103 C C   . MET F 1 28 ? 4.987   1.249   6.185   1.00 43.18  ? 185 MET F C   1 
ATOM 1104 O O   . MET F 1 28 ? 5.262   0.440   7.068   1.00 42.84  ? 185 MET F O   1 
ATOM 1105 C CB  . MET F 1 28 ? 6.267   1.469   4.049   1.00 41.92  ? 185 MET F CB  1 
ATOM 1106 C CG  . MET F 1 28 ? 6.586   0.867   2.682   1.00 45.57  ? 185 MET F CG  1 
ATOM 1107 S SD  . MET F 1 28 ? 8.343   0.783   2.252   1.00 49.74  ? 185 MET F SD  1 
ATOM 1108 C CE  . MET F 1 28 ? 8.461   2.085   1.063   1.00 46.43  ? 185 MET F CE  1 
ATOM 1109 N N   . ILE F 1 29 ? 4.586   2.515   6.428   1.00 39.51  ? 186 ILE F N   1 
ATOM 1110 C CA  . ILE F 1 29 ? 4.422   3.101   7.758   1.00 39.29  ? 186 ILE F CA  1 
ATOM 1111 C C   . ILE F 1 29 ? 3.417   2.272   8.569   1.00 43.26  ? 186 ILE F C   1 
ATOM 1112 O O   . ILE F 1 29 ? 3.699   1.917   9.714   1.00 42.73  ? 186 ILE F O   1 
ATOM 1113 C CB  . ILE F 1 29 ? 4.009   4.606   7.671   1.00 42.32  ? 186 ILE F CB  1 
ATOM 1114 C CG1 . ILE F 1 29 ? 5.120   5.419   7.005   1.00 42.70  ? 186 ILE F CG1 1 
ATOM 1115 C CG2 . ILE F 1 29 ? 3.718   5.194   9.053   1.00 42.91  ? 186 ILE F CG2 1 
ATOM 1116 C CD1 . ILE F 1 29 ? 4.755   6.884   6.709   1.00 49.95  ? 186 ILE F CD1 1 
ATOM 1117 N N   . LEU F 1 30 ? 2.273   1.917   7.943   1.00 40.02  ? 187 LEU F N   1 
ATOM 1118 C CA  . LEU F 1 30 ? 1.228   1.103   8.561   1.00 39.95  ? 187 LEU F CA  1 
ATOM 1119 C C   . LEU F 1 30 ? 1.760   -0.263  8.976   1.00 43.91  ? 187 LEU F C   1 
ATOM 1120 O O   . LEU F 1 30 ? 1.499   -0.695  10.099  1.00 43.40  ? 187 LEU F O   1 
ATOM 1121 C CB  . LEU F 1 30 ? 0.001   0.949   7.667   1.00 40.02  ? 187 LEU F CB  1 
ATOM 1122 C CG  . LEU F 1 30 ? -1.227  1.777   8.047   1.00 44.74  ? 187 LEU F CG  1 
ATOM 1123 C CD1 . LEU F 1 30 ? -2.330  1.575   7.054   1.00 44.91  ? 187 LEU F CD1 1 
ATOM 1124 C CD2 . LEU F 1 30 ? -1.751  1.410   9.437   1.00 47.20  ? 187 LEU F CD2 1 
ATOM 1125 N N   . GLY F 1 31 ? 2.530   -0.890  8.086   1.00 40.58  ? 188 GLY F N   1 
ATOM 1126 C CA  . GLY F 1 31 ? 3.163   -2.180  8.323   1.00 40.47  ? 188 GLY F CA  1 
ATOM 1127 C C   . GLY F 1 31 ? 4.123   -2.135  9.496   1.00 44.59  ? 188 GLY F C   1 
ATOM 1128 O O   . GLY F 1 31 ? 4.097   -3.027  10.345  1.00 44.24  ? 188 GLY F O   1 
ATOM 1129 N N   . LEU F 1 32 ? 4.970   -1.084  9.551   1.00 41.25  ? 189 LEU F N   1 
ATOM 1130 C CA  . LEU F 1 32 ? 5.926   -0.821  10.638  1.00 41.05  ? 189 LEU F CA  1 
ATOM 1131 C C   . LEU F 1 32 ? 5.213   -0.532  11.967  1.00 44.68  ? 189 LEU F C   1 
ATOM 1132 O O   . LEU F 1 32 ? 5.638   -1.032  13.008  1.00 44.16  ? 189 LEU F O   1 
ATOM 1133 C CB  . LEU F 1 32 ? 6.836   0.358   10.269  1.00 41.14  ? 189 LEU F CB  1 
ATOM 1134 C CG  . LEU F 1 32 ? 8.207   -0.011  9.748   1.00 45.92  ? 189 LEU F CG  1 
ATOM 1135 C CD1 . LEU F 1 32 ? 8.695   1.032   8.822   1.00 46.13  ? 189 LEU F CD1 1 
ATOM 1136 C CD2 . LEU F 1 32 ? 9.190   -0.141  10.890  1.00 48.42  ? 189 LEU F CD2 1 
ATOM 1137 N N   . LEU F 1 33 ? 4.139   0.287   11.923  1.00 41.16  ? 190 LEU F N   1 
ATOM 1138 C CA  . LEU F 1 33 ? 3.321   0.643   13.089  1.00 40.91  ? 190 LEU F CA  1 
ATOM 1139 C C   . LEU F 1 33 ? 2.567   -0.539  13.685  1.00 44.76  ? 190 LEU F C   1 
ATOM 1140 O O   . LEU F 1 33 ? 2.466   -0.616  14.902  1.00 44.35  ? 190 LEU F O   1 
ATOM 1141 C CB  . LEU F 1 33 ? 2.352   1.787   12.778  1.00 40.94  ? 190 LEU F CB  1 
ATOM 1142 C CG  . LEU F 1 33 ? 2.941   3.181   12.761  1.00 45.58  ? 190 LEU F CG  1 
ATOM 1143 C CD1 . LEU F 1 33 ? 1.929   4.168   12.271  1.00 45.73  ? 190 LEU F CD1 1 
ATOM 1144 C CD2 . LEU F 1 33 ? 3.330   3.607   14.150  1.00 47.99  ? 190 LEU F CD2 1 
ATOM 1145 N N   . ARG F 1 34 ? 2.028   -1.452  12.843  1.00 41.30  ? 191 ARG F N   1 
ATOM 1146 C CA  . ARG F 1 34 ? 1.277   -2.629  13.292  1.00 41.08  ? 191 ARG F CA  1 
ATOM 1147 C C   . ARG F 1 34 ? 2.156   -3.511  14.179  1.00 45.15  ? 191 ARG F C   1 
ATOM 1148 O O   . ARG F 1 34 ? 1.664   -4.086  15.151  1.00 44.77  ? 191 ARG F O   1 
ATOM 1149 C CB  . ARG F 1 34 ? 0.744   -3.426  12.107  1.00 41.06  ? 191 ARG F CB  1 
ATOM 1150 C CG  . ARG F 1 34 ? -0.697  -3.083  11.764  1.00 50.55  ? 191 ARG F CG  1 
ATOM 1151 C CD  . ARG F 1 34 ? -0.929  -3.081  10.273  1.00 58.82  ? 191 ARG F CD  1 
ATOM 1152 N NE  . ARG F 1 34 ? -1.880  -2.036  9.887   1.00 65.30  ? 191 ARG F NE  1 
ATOM 1153 C CZ  . ARG F 1 34 ? -3.180  -2.233  9.746   1.00 78.61  ? 191 ARG F CZ  1 
ATOM 1154 N NH1 . ARG F 1 34 ? -3.704  -3.430  9.950   1.00 65.80  ? 191 ARG F NH1 1 
ATOM 1155 N NH2 . ARG F 1 34 ? -3.976  -1.238  9.394   1.00 65.15  ? 191 ARG F NH2 1 
ATOM 1156 N N   . THR F 1 35 ? 3.454   -3.595  13.834  1.00 41.76  ? 192 THR F N   1 
ATOM 1157 C CA  . THR F 1 35 ? 4.460   -4.360  14.551  1.00 41.60  ? 192 THR F CA  1 
ATOM 1158 C C   . THR F 1 35 ? 4.967   -3.637  15.816  1.00 45.35  ? 192 THR F C   1 
ATOM 1159 O O   . THR F 1 35 ? 5.708   -4.245  16.593  1.00 44.86  ? 192 THR F O   1 
ATOM 1160 C CB  . THR F 1 35 ? 5.665   -4.708  13.643  1.00 50.02  ? 192 THR F CB  1 
ATOM 1161 O OG1 . THR F 1 35 ? 6.451   -3.544  13.408  1.00 49.65  ? 192 THR F OG1 1 
ATOM 1162 C CG2 . THR F 1 35 ? 5.242   -5.357  12.327  1.00 48.78  ? 192 THR F CG2 1 
ATOM 1163 N N   . LEU F 1 36 ? 4.588   -2.358  16.025  1.00 41.85  ? 193 LEU F N   1 
ATOM 1164 C CA  . LEU F 1 36 ? 5.069   -1.565  17.151  1.00 41.64  ? 193 LEU F CA  1 
ATOM 1165 C C   . LEU F 1 36 ? 4.831   -2.128  18.548  1.00 45.49  ? 193 LEU F C   1 
ATOM 1166 O O   . LEU F 1 36 ? 3.705   -2.442  18.925  1.00 45.04  ? 193 LEU F O   1 
ATOM 1167 C CB  . LEU F 1 36 ? 4.725   -0.071  17.050  1.00 41.70  ? 193 LEU F CB  1 
ATOM 1168 C CG  . LEU F 1 36 ? 5.850   0.910   16.648  1.00 46.36  ? 193 LEU F CG  1 
ATOM 1169 C CD1 . LEU F 1 36 ? 6.042   1.982   17.708  1.00 46.51  ? 193 LEU F CD1 1 
ATOM 1170 C CD2 . LEU F 1 36 ? 7.175   0.193   16.370  1.00 48.73  ? 193 LEU F CD2 1 
ATOM 1171 N N   . ASN F 1 37 ? 5.945   -2.240  19.300  1.00 42.02  ? 194 ASN F N   1 
ATOM 1172 C CA  . ASN F 1 37 ? 6.040   -2.753  20.653  1.00 72.48  ? 194 ASN F CA  1 
ATOM 1173 C C   . ASN F 1 37 ? 5.530   -1.741  21.683  1.00 102.14 ? 194 ASN F C   1 
ATOM 1174 O O   . ASN F 1 37 ? 6.305   -1.047  22.326  1.00 64.44  ? 194 ASN F O   1 
ATOM 1175 C CB  . ASN F 1 37 ? 7.480   -3.212  20.980  1.00 73.19  ? 194 ASN F CB  1 
ATOM 1176 C CG  . ASN F 1 37 ? 8.595   -2.343  20.409  1.00 95.22  ? 194 ASN F CG  1 
ATOM 1177 O OD1 . ASN F 1 37 ? 8.547   -1.123  20.449  1.00 89.51  ? 194 ASN F OD1 1 
ATOM 1178 N ND2 . ASN F 1 37 ? 9.642   -3.010  19.920  1.00 86.73  ? 194 ASN F ND2 1 
ATOM 1179 N N   . SER G 1 11 ? -0.896  26.740  1.909   1.00 63.55  ? 168 SER G N   1 
ATOM 1180 C CA  . SER G 1 11 ? -1.745  26.618  0.722   1.00 63.34  ? 168 SER G CA  1 
ATOM 1181 C C   . SER G 1 11 ? -1.394  27.668  -0.366  1.00 66.82  ? 168 SER G C   1 
ATOM 1182 O O   . SER G 1 11 ? -0.554  28.535  -0.122  1.00 66.40  ? 168 SER G O   1 
ATOM 1183 C CB  . SER G 1 11 ? -3.217  26.602  1.125   1.00 67.03  ? 168 SER G CB  1 
ATOM 1184 O OG  . SER G 1 11 ? -3.440  25.494  1.989   1.00 75.99  ? 168 SER G OG  1 
ATOM 1185 N N   . SER G 1 12 ? -1.980  27.532  -1.585  1.00 62.98  ? 169 SER G N   1 
ATOM 1186 C CA  . SER G 1 12 ? -1.757  28.384  -2.782  1.00 62.55  ? 169 SER G CA  1 
ATOM 1187 C C   . SER G 1 12 ? -0.403  28.106  -3.462  1.00 65.61  ? 169 SER G C   1 
ATOM 1188 O O   . SER G 1 12 ? 0.110   28.942  -4.216  1.00 65.19  ? 169 SER G O   1 
ATOM 1189 C CB  . SER G 1 12 ? -1.930  29.876  -2.469  1.00 66.17  ? 169 SER G CB  1 
ATOM 1190 O OG  . SER G 1 12 ? -0.690  30.502  -2.184  1.00 75.09  ? 169 SER G OG  1 
ATOM 1191 N N   . LEU G 1 13 ? 0.172   26.932  -3.172  1.00 61.48  ? 170 LEU G N   1 
ATOM 1192 C CA  . LEU G 1 13 ? 1.472   26.491  -3.702  1.00 60.98  ? 170 LEU G CA  1 
ATOM 1193 C C   . LEU G 1 13 ? 1.429   25.562  -4.930  1.00 63.73  ? 170 LEU G C   1 
ATOM 1194 O O   . LEU G 1 13 ? 2.489   25.257  -5.495  1.00 63.32  ? 170 LEU G O   1 
ATOM 1195 C CB  . LEU G 1 13 ? 2.356   25.816  -2.612  1.00 61.10  ? 170 LEU G CB  1 
ATOM 1196 C CG  . LEU G 1 13 ? 2.023   25.973  -1.112  1.00 65.90  ? 170 LEU G CG  1 
ATOM 1197 C CD1 . LEU G 1 13 ? 0.757   25.291  -0.759  1.00 68.41  ? 170 LEU G CD1 1 
ATOM 1198 C CD2 . LEU G 1 13 ? 3.044   25.254  -0.254  1.00 66.09  ? 170 LEU G CD2 1 
ATOM 1199 N N   . SER G 1 14 ? 0.220   25.103  -5.309  1.00 59.33  ? 171 SER G N   1 
ATOM 1200 C CA  . SER G 1 14 ? -0.093  24.159  -6.397  1.00 58.68  ? 171 SER G CA  1 
ATOM 1201 C C   . SER G 1 14 ? -0.023  22.712  -5.909  1.00 61.43  ? 171 SER G C   1 
ATOM 1202 O O   . SER G 1 14 ? 0.667   22.443  -4.935  1.00 61.01  ? 171 SER G O   1 
ATOM 1203 C CB  . SER G 1 14 ? 0.825   24.336  -7.608  1.00 62.17  ? 171 SER G CB  1 
ATOM 1204 O OG  . SER G 1 14 ? 2.026   23.595  -7.462  1.00 70.53  ? 171 SER G OG  1 
ATOM 1205 N N   . ILE G 1 15 ? -0.698  21.795  -6.629  1.00 57.05  ? 172 ILE G N   1 
ATOM 1206 C CA  . ILE G 1 15 ? -0.778  20.369  -6.334  1.00 56.36  ? 172 ILE G CA  1 
ATOM 1207 C C   . ILE G 1 15 ? 0.619   19.704  -6.352  1.00 58.96  ? 172 ILE G C   1 
ATOM 1208 O O   . ILE G 1 15 ? 0.985   19.060  -5.368  1.00 58.51  ? 172 ILE G O   1 
ATOM 1209 C CB  . ILE G 1 15 ? -1.815  19.673  -7.285  1.00 59.51  ? 172 ILE G CB  1 
ATOM 1210 C CG1 . ILE G 1 15 ? -3.272  19.767  -6.736  1.00 59.98  ? 172 ILE G CG1 1 
ATOM 1211 C CG2 . ILE G 1 15 ? -1.475  18.206  -7.586  1.00 60.25  ? 172 ILE G CG2 1 
ATOM 1212 C CD1 . ILE G 1 15 ? -3.798  21.140  -6.118  1.00 67.48  ? 172 ILE G CD1 1 
ATOM 1213 N N   . GLU G 1 16 ? 1.399   19.926  -7.429  1.00 54.50  ? 173 GLU G N   1 
ATOM 1214 C CA  . GLU G 1 16 ? 2.740   19.375  -7.624  1.00 53.80  ? 173 GLU G CA  1 
ATOM 1215 C C   . GLU G 1 16 ? 3.721   19.688  -6.490  1.00 56.06  ? 173 GLU G C   1 
ATOM 1216 O O   . GLU G 1 16 ? 4.375   18.778  -5.970  1.00 55.60  ? 173 GLU G O   1 
ATOM 1217 C CB  . GLU G 1 16 ? 3.348   19.781  -8.997  1.00 55.22  ? 173 GLU G CB  1 
ATOM 1218 C CG  . GLU G 1 16 ? 2.649   20.919  -9.716  1.00 66.19  ? 173 GLU G CG  1 
ATOM 1219 C CD  . GLU G 1 16 ? 1.754   20.509  -10.867 1.00 87.33  ? 173 GLU G CD  1 
ATOM 1220 O OE1 . GLU G 1 16 ? 2.221   19.759  -11.751 1.00 82.22  ? 173 GLU G OE1 1 
ATOM 1221 O OE2 . GLU G 1 16 ? 0.612   21.001  -10.932 1.00 81.31  ? 173 GLU G OE2 1 
ATOM 1222 N N   . ALA G 1 17 ? 3.806   20.976  -6.099  1.00 51.34  ? 174 ALA G N   1 
ATOM 1223 C CA  . ALA G 1 17 ? 4.646   21.435  -4.984  1.00 50.51  ? 174 ALA G CA  1 
ATOM 1224 C C   . ALA G 1 17 ? 4.079   21.016  -3.624  1.00 52.70  ? 174 ALA G C   1 
ATOM 1225 O O   . ALA G 1 17 ? 4.843   20.650  -2.735  1.00 52.16  ? 174 ALA G O   1 
ATOM 1226 C CB  . ALA G 1 17 ? 4.841   22.933  -5.043  1.00 51.24  ? 174 ALA G CB  1 
ATOM 1227 N N   . ARG G 1 18 ? 2.729   21.036  -3.480  1.00 48.08  ? 175 ARG G N   1 
ATOM 1228 C CA  . ARG G 1 18 ? 2.029   20.623  -2.263  1.00 47.30  ? 175 ARG G CA  1 
ATOM 1229 C C   . ARG G 1 18 ? 2.260   19.146  -2.011  1.00 49.94  ? 175 ARG G C   1 
ATOM 1230 O O   . ARG G 1 18 ? 2.354   18.748  -0.857  1.00 49.46  ? 175 ARG G O   1 
ATOM 1231 C CB  . ARG G 1 18 ? 0.521   20.882  -2.377  1.00 47.32  ? 175 ARG G CB  1 
ATOM 1232 C CG  . ARG G 1 18 ? -0.013  21.921  -1.412  1.00 56.73  ? 175 ARG G CG  1 
ATOM 1233 C CD  . ARG G 1 18 ? -1.133  22.718  -2.039  1.00 65.21  ? 175 ARG G CD  1 
ATOM 1234 N NE  . ARG G 1 18 ? -2.445  22.121  -1.818  1.00 72.81  ? 175 ARG G NE  1 
ATOM 1235 C CZ  . ARG G 1 18 ? -3.322  22.571  -0.945  1.00 86.80  ? 175 ARG G CZ  1 
ATOM 1236 N NH1 . ARG G 1 18 ? -3.032  23.614  -0.167  1.00 74.54  ? 175 ARG G NH1 1 
ATOM 1237 N NH2 . ARG G 1 18 ? -4.511  21.992  -0.810  1.00 73.15  ? 175 ARG G NH2 1 
ATOM 1238 N N   . LEU G 1 19 ? 2.253   18.319  -3.040  1.00 45.61  ? 176 LEU G N   1 
ATOM 1239 C CA  . LEU G 1 19 ? 2.557   16.901  -2.923  1.00 44.99  ? 176 LEU G CA  1 
ATOM 1240 C C   . LEU G 1 19 ? 4.005   16.566  -2.595  1.00 47.98  ? 176 LEU G C   1 
ATOM 1241 O O   . LEU G 1 19 ? 4.298   15.532  -2.010  1.00 47.52  ? 176 LEU G O   1 
ATOM 1242 C CB  . LEU G 1 19 ? 2.136   16.172  -4.165  1.00 45.02  ? 176 LEU G CB  1 
ATOM 1243 C CG  . LEU G 1 19 ? 0.649   16.046  -4.383  1.00 49.66  ? 176 LEU G CG  1 
ATOM 1244 C CD1 . LEU G 1 19 ? 0.421   15.072  -5.506  1.00 49.82  ? 176 LEU G CD1 1 
ATOM 1245 C CD2 . LEU G 1 19 ? -0.017  15.541  -3.137  1.00 52.01  ? 176 LEU G CD2 1 
ATOM 1246 N N   . GLU G 1 20 ? 4.927   17.413  -3.022  1.00 43.86  ? 177 GLU G N   1 
ATOM 1247 C CA  . GLU G 1 20 ? 6.332   17.170  -2.790  1.00 43.30  ? 177 GLU G CA  1 
ATOM 1248 C C   . GLU G 1 20 ? 6.554   17.108  -1.312  1.00 46.31  ? 177 GLU G C   1 
ATOM 1249 O O   . GLU G 1 20 ? 7.206   16.220  -0.830  1.00 45.79  ? 177 GLU G O   1 
ATOM 1250 C CB  . GLU G 1 20 ? 7.127   18.340  -3.342  1.00 44.66  ? 177 GLU G CB  1 
ATOM 1251 C CG  . GLU G 1 20 ? 8.228   17.977  -4.311  1.00 55.11  ? 177 GLU G CG  1 
ATOM 1252 C CD  . GLU G 1 20 ? 9.297   19.042  -4.402  1.00 75.02  ? 177 GLU G CD  1 
ATOM 1253 O OE1 . GLU G 1 20 ? 9.098   20.101  -3.797  1.00 69.84  ? 177 GLU G OE1 1 
ATOM 1254 O OE2 . GLU G 1 20 ? 10.330  18.823  -5.065  1.00 67.85  ? 177 GLU G OE2 1 
ATOM 1255 N N   . SER G 1 21 ? 5.974   18.047  -0.589  1.00 42.35  ? 178 SER G N   1 
ATOM 1256 C CA  . SER G 1 21 ? 6.050   18.088  0.854   1.00 41.92  ? 178 SER G CA  1 
ATOM 1257 C C   . SER G 1 21 ? 5.361   16.961  1.550   1.00 45.21  ? 178 SER G C   1 
ATOM 1258 O O   . SER G 1 21 ? 5.843   16.393  2.499   1.00 44.81  ? 178 SER G O   1 
ATOM 1259 C CB  . SER G 1 21 ? 5.501   19.384  1.360   1.00 45.48  ? 178 SER G CB  1 
ATOM 1260 O OG  . SER G 1 21 ? 6.477   20.380  1.275   1.00 54.23  ? 178 SER G OG  1 
ATOM 1261 N N   . ILE G 1 22 ? 4.215   16.583  1.083   1.00 41.33  ? 179 ILE G N   1 
ATOM 1262 C CA  . ILE G 1 22 ? 3.628   15.507  1.778   1.00 40.98  ? 179 ILE G CA  1 
ATOM 1263 C C   . ILE G 1 22 ? 4.596   14.366  1.665   1.00 44.71  ? 179 ILE G C   1 
ATOM 1264 O O   . ILE G 1 22 ? 4.879   13.722  2.632   1.00 44.31  ? 179 ILE G O   1 
ATOM 1265 C CB  . ILE G 1 22 ? 2.327   15.123  1.138   1.00 44.05  ? 179 ILE G CB  1 
ATOM 1266 C CG1 . ILE G 1 22 ? 1.436   16.333  1.055   1.00 44.45  ? 179 ILE G CG1 1 
ATOM 1267 C CG2 . ILE G 1 22 ? 1.636   14.115  1.988   1.00 44.79  ? 179 ILE G CG2 1 
ATOM 1268 C CD1 . ILE G 1 22 ? 1.000   16.774  2.414   1.00 51.65  ? 179 ILE G CD1 1 
ATOM 1269 N N   . GLU G 1 23 ? 5.162   14.133  0.499   1.00 41.15  ? 180 GLU G N   1 
ATOM 1270 C CA  . GLU G 1 23 ? 6.048   12.985  0.354   1.00 40.91  ? 180 GLU G CA  1 
ATOM 1271 C C   . GLU G 1 23 ? 7.302   13.052  1.157   1.00 44.60  ? 180 GLU G C   1 
ATOM 1272 O O   . GLU G 1 23 ? 7.807   12.062  1.613   1.00 44.18  ? 180 GLU G O   1 
ATOM 1273 C CB  . GLU G 1 23 ? 6.433   12.755  -1.082  1.00 42.30  ? 180 GLU G CB  1 
ATOM 1274 C CG  . GLU G 1 23 ? 7.358   11.576  -1.244  1.00 52.49  ? 180 GLU G CG  1 
ATOM 1275 C CD  . GLU G 1 23 ? 7.475   11.115  -2.662  1.00 72.10  ? 180 GLU G CD  1 
ATOM 1276 O OE1 . GLU G 1 23 ? 7.463   11.953  -3.552  1.00 65.76  ? 180 GLU G OE1 1 
ATOM 1277 O OE2 . GLU G 1 23 ? 7.573   9.915   -2.891  1.00 66.46  ? 180 GLU G OE2 1 
ATOM 1278 N N   . GLU G 1 24 ? 7.885   14.222  1.244   1.00 40.99  ? 181 GLU G N   1 
ATOM 1279 C CA  . GLU G 1 24 ? 9.058   14.368  2.062   1.00 40.72  ? 181 GLU G CA  1 
ATOM 1280 C C   . GLU G 1 24 ? 8.823   14.240  3.563   1.00 44.28  ? 181 GLU G C   1 
ATOM 1281 O O   . GLU G 1 24 ? 9.715   13.901  4.291   1.00 43.80  ? 181 GLU G O   1 
ATOM 1282 C CB  . GLU G 1 24 ? 9.815   15.602  1.687   1.00 42.10  ? 181 GLU G CB  1 
ATOM 1283 C CG  . GLU G 1 24 ? 9.288   16.839  2.311   1.00 52.59  ? 181 GLU G CG  1 
ATOM 1284 C CD  . GLU G 1 24 ? 10.013  18.027  1.788   1.00 73.26  ? 181 GLU G CD  1 
ATOM 1285 O OE1 . GLU G 1 24 ? 10.530  17.940  0.664   1.00 67.39  ? 181 GLU G OE1 1 
ATOM 1286 O OE2 . GLU G 1 24 ? 10.057  19.035  2.498   1.00 67.39  ? 181 GLU G OE2 1 
ATOM 1287 N N   . LYS G 1 25 ? 7.641   14.601  4.029   1.00 40.63  ? 182 LYS G N   1 
ATOM 1288 C CA  . LYS G 1 25 ? 7.224   14.375  5.407   1.00 40.36  ? 182 LYS G CA  1 
ATOM 1289 C C   . LYS G 1 25 ? 7.025   12.921  5.827   1.00 43.93  ? 182 LYS G C   1 
ATOM 1290 O O   . LYS G 1 25 ? 7.249   12.537  6.945   1.00 43.46  ? 182 LYS G O   1 
ATOM 1291 C CB  . LYS G 1 25 ? 5.996   15.205  5.704   1.00 42.88  ? 182 LYS G CB  1 
ATOM 1292 C CG  . LYS G 1 25 ? 6.194   16.693  5.475   1.00 57.51  ? 182 LYS G CG  1 
ATOM 1293 C CD  . LYS G 1 25 ? 7.282   17.253  6.369   1.00 68.14  ? 182 LYS G CD  1 
ATOM 1294 C CE  . LYS G 1 25 ? 8.359   18.007  5.590   1.00 79.51  ? 182 LYS G CE  1 
ATOM 1295 N NZ  . LYS G 1 25 ? 9.743   17.968  6.159   1.00 88.34  ? 182 LYS G NZ  1 
ATOM 1296 N N   . LEU G 1 26 ? 6.513   12.138  4.921   1.00 40.28  ? 183 LEU G N   1 
ATOM 1297 C CA  . LEU G 1 26 ? 6.297   10.689  5.060   1.00 40.02  ? 183 LEU G CA  1 
ATOM 1298 C C   . LEU G 1 26 ? 7.623   9.926   5.091   1.00 43.71  ? 183 LEU G C   1 
ATOM 1299 O O   . LEU G 1 26 ? 7.742   8.940   5.819   1.00 43.20  ? 183 LEU G O   1 
ATOM 1300 C CB  . LEU G 1 26 ? 5.416   10.147  3.934   1.00 40.07  ? 183 LEU G CB  1 
ATOM 1301 C CG  . LEU G 1 26 ? 3.912   10.441  4.040   1.00 44.79  ? 183 LEU G CG  1 
ATOM 1302 C CD1 . LEU G 1 26 ? 3.184   9.973   2.813   1.00 44.93  ? 183 LEU G CD1 1 
ATOM 1303 C CD2 . LEU G 1 26 ? 3.293   9.759   5.233   1.00 47.33  ? 183 LEU G CD2 1 
ATOM 1304 N N   . SER G 1 27 ? 8.614   10.382  4.287   1.00 40.22  ? 184 SER G N   1 
ATOM 1305 C CA  . SER G 1 27 ? 9.958   9.790   4.215   1.00 39.99  ? 184 SER G CA  1 
ATOM 1306 C C   . SER G 1 27 ? 10.666  9.945   5.562   1.00 43.57  ? 184 SER G C   1 
ATOM 1307 O O   . SER G 1 27 ? 11.331  9.013   6.002   1.00 43.02  ? 184 SER G O   1 
ATOM 1308 C CB  . SER G 1 27 ? 10.804  10.457  3.131   1.00 43.62  ? 184 SER G CB  1 
ATOM 1309 O OG  . SER G 1 27 ? 10.102  10.707  1.927   1.00 52.59  ? 184 SER G OG  1 
ATOM 1310 N N   . MET G 1 28 ? 10.500  11.128  6.211   1.00 40.11  ? 185 MET G N   1 
ATOM 1311 C CA  . MET G 1 28 ? 11.057  11.473  7.515   1.00 39.87  ? 185 MET G CA  1 
ATOM 1312 C C   . MET G 1 28 ? 10.515  10.491  8.561   1.00 43.07  ? 185 MET G C   1 
ATOM 1313 O O   . MET G 1 28 ? 11.300  9.930   9.320   1.00 42.54  ? 185 MET G O   1 
ATOM 1314 C CB  . MET G 1 28 ? 10.684  12.902  7.896   1.00 42.31  ? 185 MET G CB  1 
ATOM 1315 C CG  . MET G 1 28 ? 11.860  13.830  8.072   1.00 46.12  ? 185 MET G CG  1 
ATOM 1316 S SD  . MET G 1 28 ? 11.327  15.532  8.415   1.00 50.45  ? 185 MET G SD  1 
ATOM 1317 C CE  . MET G 1 28 ? 10.094  15.264  9.758   1.00 47.14  ? 185 MET G CE  1 
ATOM 1318 N N   . ILE G 1 29 ? 9.174   10.300  8.580   1.00 39.23  ? 186 ILE G N   1 
ATOM 1319 C CA  . ILE G 1 29 ? 8.443   9.408   9.474   1.00 38.83  ? 186 ILE G CA  1 
ATOM 1320 C C   . ILE G 1 29 ? 8.969   7.976   9.316   1.00 42.29  ? 186 ILE G C   1 
ATOM 1321 O O   . ILE G 1 29 ? 9.263   7.310   10.314  1.00 41.75  ? 186 ILE G O   1 
ATOM 1322 C CB  . ILE G 1 29 ? 6.902   9.507   9.264   1.00 41.89  ? 186 ILE G CB  1 
ATOM 1323 C CG1 . ILE G 1 29 ? 6.400   10.933  9.604   1.00 42.29  ? 186 ILE G CG1 1 
ATOM 1324 C CG2 . ILE G 1 29 ? 6.137   8.450   10.088  1.00 42.58  ? 186 ILE G CG2 1 
ATOM 1325 C CD1 . ILE G 1 29 ? 4.954   11.192  9.284   1.00 49.22  ? 186 ILE G CD1 1 
ATOM 1326 N N   . LEU G 1 30 ? 9.110   7.515   8.052   1.00 38.70  ? 187 LEU G N   1 
ATOM 1327 C CA  . LEU G 1 30 ? 9.633   6.192   7.718   1.00 38.43  ? 187 LEU G CA  1 
ATOM 1328 C C   . LEU G 1 30 ? 11.050  5.994   8.253   1.00 42.13  ? 187 LEU G C   1 
ATOM 1329 O O   . LEU G 1 30 ? 11.335  4.948   8.843   1.00 41.75  ? 187 LEU G O   1 
ATOM 1330 C CB  . LEU G 1 30 ? 9.584   5.932   6.215   1.00 38.47  ? 187 LEU G CB  1 
ATOM 1331 C CG  . LEU G 1 30 ? 8.660   4.829   5.752   1.00 43.18  ? 187 LEU G CG  1 
ATOM 1332 C CD1 . LEU G 1 30 ? 8.751   4.656   4.263   1.00 43.37  ? 187 LEU G CD1 1 
ATOM 1333 C CD2 . LEU G 1 30 ? 9.007   3.505   6.417   1.00 45.55  ? 187 LEU G CD2 1 
ATOM 1334 N N   . GLY G 1 31 ? 11.904  7.007   8.064   1.00 38.53  ? 188 GLY G N   1 
ATOM 1335 C CA  . GLY G 1 31 ? 13.284  7.005   8.532   1.00 38.26  ? 188 GLY G CA  1 
ATOM 1336 C C   . GLY G 1 31 ? 13.363  6.858   10.038  1.00 41.98  ? 188 GLY G C   1 
ATOM 1337 O O   . GLY G 1 31 ? 14.142  6.051   10.545  1.00 41.45  ? 188 GLY G O   1 
ATOM 1338 N N   . LEU G 1 32 ? 12.534  7.641   10.754  1.00 38.60  ? 189 LEU G N   1 
ATOM 1339 C CA  . LEU G 1 32 ? 12.398  7.631   12.213  1.00 38.42  ? 189 LEU G CA  1 
ATOM 1340 C C   . LEU G 1 32 ? 11.838  6.301   12.732  1.00 42.39  ? 189 LEU G C   1 
ATOM 1341 O O   . LEU G 1 32 ? 12.318  5.776   13.736  1.00 42.03  ? 189 LEU G O   1 
ATOM 1342 C CB  . LEU G 1 32 ? 11.536  8.788   12.681  1.00 38.44  ? 189 LEU G CB  1 
ATOM 1343 C CG  . LEU G 1 32 ? 12.249  10.039  13.209  1.00 43.13  ? 189 LEU G CG  1 
ATOM 1344 C CD1 . LEU G 1 32 ? 13.764  10.009  12.936  1.00 43.29  ? 189 LEU G CD1 1 
ATOM 1345 C CD2 . LEU G 1 32 ? 11.603  11.293  12.691  1.00 45.61  ? 189 LEU G CD2 1 
ATOM 1346 N N   . LEU G 1 33 ? 10.820  5.753   12.038  1.00 38.82  ? 190 LEU G N   1 
ATOM 1347 C CA  . LEU G 1 33 ? 10.187  4.480   12.402  1.00 38.54  ? 190 LEU G CA  1 
ATOM 1348 C C   . LEU G 1 33 ? 11.141  3.298   12.260  1.00 42.15  ? 190 LEU G C   1 
ATOM 1349 O O   . LEU G 1 33 ? 11.104  2.387   13.082  1.00 41.71  ? 190 LEU G O   1 
ATOM 1350 C CB  . LEU G 1 33 ? 8.921   4.231   11.594  1.00 38.61  ? 190 LEU G CB  1 
ATOM 1351 C CG  . LEU G 1 33 ? 7.653   4.939   12.053  1.00 43.32  ? 190 LEU G CG  1 
ATOM 1352 C CD1 . LEU G 1 33 ? 6.536   4.692   11.083  1.00 43.49  ? 190 LEU G CD1 1 
ATOM 1353 C CD2 . LEU G 1 33 ? 7.209   4.437   13.418  1.00 45.74  ? 190 LEU G CD2 1 
ATOM 1354 N N   . ARG G 1 34 ? 11.987  3.311   11.209  1.00 38.56  ? 191 ARG G N   1 
ATOM 1355 C CA  . ARG G 1 34 ? 12.937  2.244   10.908  1.00 38.31  ? 191 ARG G CA  1 
ATOM 1356 C C   . ARG G 1 34 ? 14.092  2.115   11.924  1.00 42.22  ? 191 ARG G C   1 
ATOM 1357 O O   . ARG G 1 34 ? 14.944  1.234   11.764  1.00 41.74  ? 191 ARG G O   1 
ATOM 1358 C CB  . ARG G 1 34 ? 13.472  2.370   9.481   1.00 38.40  ? 191 ARG G CB  1 
ATOM 1359 C CG  . ARG G 1 34 ? 13.116  1.183   8.588   1.00 48.43  ? 191 ARG G CG  1 
ATOM 1360 C CD  . ARG G 1 34 ? 12.272  1.585   7.396   1.00 57.92  ? 191 ARG G CD  1 
ATOM 1361 N NE  . ARG G 1 34 ? 12.871  2.707   6.669   1.00 66.48  ? 191 ARG G NE  1 
ATOM 1362 C CZ  . ARG G 1 34 ? 13.040  2.751   5.358   1.00 80.48  ? 191 ARG G CZ  1 
ATOM 1363 N NH1 . ARG G 1 34 ? 12.657  1.736   4.595   1.00 67.13  ? 191 ARG G NH1 1 
ATOM 1364 N NH2 . ARG G 1 34 ? 13.592  3.811   4.786   1.00 67.61  ? 191 ARG G NH2 1 
ATOM 1365 N N   . THR G 1 35 ? 14.114  2.976   12.953  1.00 38.80  ? 192 THR G N   1 
ATOM 1366 C CA  . THR G 1 35 ? 15.121  2.957   14.011  1.00 38.56  ? 192 THR G CA  1 
ATOM 1367 C C   . THR G 1 35 ? 14.598  2.214   15.263  1.00 42.29  ? 192 THR G C   1 
ATOM 1368 O O   . THR G 1 35 ? 15.261  2.211   16.313  1.00 41.92  ? 192 THR G O   1 
ATOM 1369 C CB  . THR G 1 35 ? 15.620  4.379   14.344  1.00 46.15  ? 192 THR G CB  1 
ATOM 1370 O OG1 . THR G 1 35 ? 14.516  5.223   14.617  1.00 45.44  ? 192 THR G OG1 1 
ATOM 1371 C CG2 . THR G 1 35 ? 16.468  4.964   13.226  1.00 44.60  ? 192 THR G CG2 1 
ATOM 1372 N N   . LEU G 1 36 ? 13.420  1.580   15.141  1.00 38.61  ? 193 LEU G N   1 
ATOM 1373 C CA  . LEU G 1 36 ? 12.770  0.836   16.213  1.00 66.48  ? 193 LEU G CA  1 
ATOM 1374 C C   . LEU G 1 36 ? 12.670  -0.654  15.884  1.00 93.80  ? 193 LEU G C   1 
ATOM 1375 O O   . LEU G 1 36 ? 13.465  -1.450  16.376  1.00 54.30  ? 193 LEU G O   1 
ATOM 1376 C CB  . LEU G 1 36 ? 11.375  1.410   16.505  1.00 66.50  ? 193 LEU G CB  1 
ATOM 1377 C CG  . LEU G 1 36 ? 11.357  2.732   17.266  1.00 71.14  ? 193 LEU G CG  1 
ATOM 1378 C CD1 . LEU G 1 36 ? 10.481  3.751   16.571  1.00 71.26  ? 193 LEU G CD1 1 
ATOM 1379 C CD2 . LEU G 1 36 ? 10.919  2.531   18.701  1.00 73.62  ? 193 LEU G CD2 1 
ATOM 1380 N N   . SER H 1 14 ? -12.883 17.058  -5.933  1.00 46.66  ? 171 SER H N   1 
ATOM 1381 C CA  . SER H 1 14 ? -12.720 18.224  -5.065  1.00 46.40  ? 171 SER H CA  1 
ATOM 1382 C C   . SER H 1 14 ? -11.239 18.585  -4.864  1.00 49.95  ? 171 SER H C   1 
ATOM 1383 O O   . SER H 1 14 ? -10.942 19.687  -4.397  1.00 49.59  ? 171 SER H O   1 
ATOM 1384 C CB  . SER H 1 14 ? -13.416 18.014  -3.721  1.00 50.01  ? 171 SER H CB  1 
ATOM 1385 O OG  . SER H 1 14 ? -14.105 16.779  -3.620  1.00 58.66  ? 171 SER H OG  1 
ATOM 1386 N N   . ILE H 1 15 ? -10.342 17.637  -5.202  1.00 46.19  ? 172 ILE H N   1 
ATOM 1387 C CA  . ILE H 1 15 ? -8.879  17.680  -5.225  1.00 45.86  ? 172 ILE H CA  1 
ATOM 1388 C C   . ILE H 1 15 ? -8.149  18.683  -4.310  1.00 49.40  ? 172 ILE H C   1 
ATOM 1389 O O   . ILE H 1 15 ? -7.416  18.256  -3.413  1.00 48.88  ? 172 ILE H O   1 
ATOM 1390 C CB  . ILE H 1 15 ? -8.326  17.634  -6.678  1.00 48.98  ? 172 ILE H CB  1 
ATOM 1391 C CG1 . ILE H 1 15 ? -8.168  16.167  -7.137  1.00 49.39  ? 172 ILE H CG1 1 
ATOM 1392 C CG2 . ILE H 1 15 ? -7.016  18.432  -6.860  1.00 49.71  ? 172 ILE H CG2 1 
ATOM 1393 C CD1 . ILE H 1 15 ? -8.307  15.973  -8.619  1.00 56.70  ? 172 ILE H CD1 1 
ATOM 1394 N N   . GLU H 1 16 ? -8.366  19.995  -4.529  1.00 45.80  ? 173 GLU H N   1 
ATOM 1395 C CA  . GLU H 1 16 ? -7.766  21.057  -3.741  1.00 45.51  ? 173 GLU H CA  1 
ATOM 1396 C C   . GLU H 1 16 ? -8.224  20.901  -2.289  1.00 48.94  ? 173 GLU H C   1 
ATOM 1397 O O   . GLU H 1 16 ? -7.456  21.151  -1.366  1.00 48.49  ? 173 GLU H O   1 
ATOM 1398 C CB  . GLU H 1 16 ? -8.124  22.443  -4.299  1.00 46.93  ? 173 GLU H CB  1 
ATOM 1399 C CG  . GLU H 1 16 ? -7.385  22.817  -5.582  1.00 58.24  ? 173 GLU H CG  1 
ATOM 1400 C CD  . GLU H 1 16 ? -8.205  22.725  -6.855  1.00 80.87  ? 173 GLU H CD  1 
ATOM 1401 O OE1 . GLU H 1 16 ? -9.361  22.260  -6.783  1.00 76.27  ? 173 GLU H OE1 1 
ATOM 1402 O OE2 . GLU H 1 16 ? -7.697  23.150  -7.924  1.00 75.22  ? 173 GLU H OE2 1 
ATOM 1403 N N   . ALA H 1 17 ? -9.470  20.422  -2.111  1.00 45.23  ? 174 ALA H N   1 
ATOM 1404 C CA  . ALA H 1 17 ? -10.119 20.114  -0.838  1.00 44.92  ? 174 ALA H CA  1 
ATOM 1405 C C   . ALA H 1 17 ? -9.524  18.865  -0.186  1.00 48.44  ? 174 ALA H C   1 
ATOM 1406 O O   . ALA H 1 17 ? -9.393  18.817  1.037   1.00 48.02  ? 174 ALA H O   1 
ATOM 1407 C CB  . ALA H 1 17 ? -11.604 19.931  -1.046  1.00 45.67  ? 174 ALA H CB  1 
ATOM 1408 N N   . ARG H 1 18 ? -9.168  17.844  -1.011  1.00 44.72  ? 175 ARG H N   1 
ATOM 1409 C CA  . ARG H 1 18 ? -8.572  16.580  -0.567  1.00 44.35  ? 175 ARG H CA  1 
ATOM 1410 C C   . ARG H 1 18 ? -7.226  16.856  0.041   1.00 47.89  ? 175 ARG H C   1 
ATOM 1411 O O   . ARG H 1 18 ? -6.940  16.349  1.124   1.00 47.43  ? 175 ARG H O   1 
ATOM 1412 C CB  . ARG H 1 18 ? -8.382  15.622  -1.730  1.00 44.59  ? 175 ARG H CB  1 
ATOM 1413 C CG  . ARG H 1 18 ? -9.669  15.088  -2.287  1.00 55.40  ? 175 ARG H CG  1 
ATOM 1414 C CD  . ARG H 1 18 ? -9.390  14.123  -3.412  1.00 66.13  ? 175 ARG H CD  1 
ATOM 1415 N NE  . ARG H 1 18 ? -10.603 13.499  -3.942  1.00 75.30  ? 175 ARG H NE  1 
ATOM 1416 C CZ  . ARG H 1 18 ? -11.476 12.815  -3.218  1.00 89.92  ? 175 ARG H CZ  1 
ATOM 1417 N NH1 . ARG H 1 18 ? -11.318 12.693  -1.903  1.00 76.74  ? 175 ARG H NH1 1 
ATOM 1418 N NH2 . ARG H 1 18 ? -12.535 12.260  -3.787  1.00 77.69  ? 175 ARG H NH2 1 
ATOM 1419 N N   . LEU H 1 19 ? -6.394  17.642  -0.667  1.00 44.23  ? 176 LEU H N   1 
ATOM 1420 C CA  . LEU H 1 19 ? -5.054  17.962  -0.223  1.00 43.91  ? 176 LEU H CA  1 
ATOM 1421 C C   . LEU H 1 19 ? -5.061  18.636  1.139   1.00 47.59  ? 176 LEU H C   1 
ATOM 1422 O O   . LEU H 1 19 ? -4.261  18.252  1.980   1.00 47.18  ? 176 LEU H O   1 
ATOM 1423 C CB  . LEU H 1 19 ? -4.306  18.813  -1.257  1.00 43.92  ? 176 LEU H CB  1 
ATOM 1424 C CG  . LEU H 1 19 ? -3.727  18.071  -2.469  1.00 48.54  ? 176 LEU H CG  1 
ATOM 1425 C CD1 . LEU H 1 19 ? -3.001  19.021  -3.367  1.00 48.72  ? 176 LEU H CD1 1 
ATOM 1426 C CD2 . LEU H 1 19 ? -2.697  17.050  -2.057  1.00 50.89  ? 176 LEU H CD2 1 
ATOM 1427 N N   . GLU H 1 20 ? -5.984  19.592  1.369   1.00 44.01  ? 177 GLU H N   1 
ATOM 1428 C CA  . GLU H 1 20 ? -6.126  20.284  2.643   1.00 43.78  ? 177 GLU H CA  1 
ATOM 1429 C C   . GLU H 1 20 ? -6.383  19.267  3.767   1.00 47.45  ? 177 GLU H C   1 
ATOM 1430 O O   . GLU H 1 20 ? -5.707  19.305  4.797   1.00 46.91  ? 177 GLU H O   1 
ATOM 1431 C CB  . GLU H 1 20 ? -7.261  21.320  2.590   1.00 45.17  ? 177 GLU H CB  1 
ATOM 1432 C CG  . GLU H 1 20 ? -6.869  22.674  3.147   1.00 55.69  ? 177 GLU H CG  1 
ATOM 1433 C CD  . GLU H 1 20 ? -8.025  23.482  3.686   1.00 75.90  ? 177 GLU H CD  1 
ATOM 1434 O OE1 . GLU H 1 20 ? -9.055  23.587  2.993   1.00 69.27  ? 177 GLU H OE1 1 
ATOM 1435 O OE2 . GLU H 1 20 ? -7.909  24.002  4.812   1.00 70.91  ? 177 GLU H OE2 1 
ATOM 1436 N N   . SER H 1 21 ? -7.330  18.338  3.535   1.00 43.93  ? 178 SER H N   1 
ATOM 1437 C CA  . SER H 1 21 ? -7.690  17.284  4.480   1.00 43.67  ? 178 SER H CA  1 
ATOM 1438 C C   . SER H 1 21 ? -6.499  16.357  4.790   1.00 47.45  ? 178 SER H C   1 
ATOM 1439 O O   . SER H 1 21 ? -6.291  16.016  5.956   1.00 47.02  ? 178 SER H O   1 
ATOM 1440 C CB  . SER H 1 21 ? -8.882  16.482  3.967   1.00 47.16  ? 178 SER H CB  1 
ATOM 1441 O OG  . SER H 1 21 ? -8.510  15.177  3.567   1.00 55.90  ? 178 SER H OG  1 
ATOM 1442 N N   . ILE H 1 22 ? -5.731  15.968  3.744   1.00 43.98  ? 179 ILE H N   1 
ATOM 1443 C CA  . ILE H 1 22 ? -4.524  15.139  3.839   1.00 43.82  ? 179 ILE H CA  1 
ATOM 1444 C C   . ILE H 1 22 ? -3.468  15.850  4.684   1.00 47.67  ? 179 ILE H C   1 
ATOM 1445 O O   . ILE H 1 22 ? -2.914  15.243  5.607   1.00 47.26  ? 179 ILE H O   1 
ATOM 1446 C CB  . ILE H 1 22 ? -3.963  14.770  2.433   1.00 46.95  ? 179 ILE H CB  1 
ATOM 1447 C CG1 . ILE H 1 22 ? -4.933  13.817  1.705   1.00 47.42  ? 179 ILE H CG1 1 
ATOM 1448 C CG2 . ILE H 1 22 ? -2.499  14.227  2.498   1.00 47.62  ? 179 ILE H CG2 1 
ATOM 1449 C CD1 . ILE H 1 22 ? -4.554  13.432  0.288   1.00 54.76  ? 179 ILE H CD1 1 
ATOM 1450 N N   . GLU H 1 23 ? -3.232  17.149  4.380   1.00 44.32  ? 180 GLU H N   1 
ATOM 1451 C CA  . GLU H 1 23 ? -2.266  18.029  5.044   1.00 44.20  ? 180 GLU H CA  1 
ATOM 1452 C C   . GLU H 1 23 ? -2.539  18.136  6.532   1.00 48.39  ? 180 GLU H C   1 
ATOM 1453 O O   . GLU H 1 23 ? -1.603  18.190  7.329   1.00 48.02  ? 180 GLU H O   1 
ATOM 1454 C CB  . GLU H 1 23 ? -2.284  19.428  4.402   1.00 45.55  ? 180 GLU H CB  1 
ATOM 1455 C CG  . GLU H 1 23 ? -2.041  19.394  2.906   1.00 55.73  ? 180 GLU H CG  1 
ATOM 1456 C CD  . GLU H 1 23 ? -1.566  20.651  2.217   1.00 75.50  ? 180 GLU H CD  1 
ATOM 1457 O OE1 . GLU H 1 23 ? -2.313  21.649  2.206   1.00 68.91  ? 180 GLU H OE1 1 
ATOM 1458 O OE2 . GLU H 1 23 ? -0.479  20.607  1.617   1.00 69.61  ? 180 GLU H OE2 1 
ATOM 1459 N N   . GLU H 1 24 ? -3.825  18.148  6.895   1.00 45.17  ? 181 GLU H N   1 
ATOM 1460 C CA  . GLU H 1 24 ? -4.273  18.224  8.278   1.00 45.14  ? 181 GLU H CA  1 
ATOM 1461 C C   . GLU H 1 24 ? -4.072  16.928  9.061   1.00 49.29  ? 181 GLU H C   1 
ATOM 1462 O O   . GLU H 1 24 ? -3.699  16.980  10.233  1.00 48.87  ? 181 GLU H O   1 
ATOM 1463 C CB  . GLU H 1 24 ? -5.709  18.689  8.351   1.00 46.54  ? 181 GLU H CB  1 
ATOM 1464 C CG  . GLU H 1 24 ? -5.888  20.128  7.900   1.00 57.27  ? 181 GLU H CG  1 
ATOM 1465 C CD  . GLU H 1 24 ? -7.328  20.561  8.061   1.00 77.01  ? 181 GLU H CD  1 
ATOM 1466 O OE1 . GLU H 1 24 ? -8.190  19.677  8.295   1.00 71.39  ? 181 GLU H OE1 1 
ATOM 1467 O OE2 . GLU H 1 24 ? -7.579  21.780  8.023   1.00 70.21  ? 181 GLU H OE2 1 
ATOM 1468 N N   . LYS H 1 25 ? -4.285  15.762  8.411   1.00 46.12  ? 182 LYS H N   1 
ATOM 1469 C CA  . LYS H 1 25 ? -4.018  14.451  9.003   1.00 46.10  ? 182 LYS H CA  1 
ATOM 1470 C C   . LYS H 1 25 ? -2.527  14.301  9.299   1.00 50.46  ? 182 LYS H C   1 
ATOM 1471 O O   . LYS H 1 25 ? -2.172  13.773  10.359  1.00 50.05  ? 182 LYS H O   1 
ATOM 1472 C CB  . LYS H 1 25 ? -4.508  13.334  8.091   1.00 48.59  ? 182 LYS H CB  1 
ATOM 1473 C CG  . LYS H 1 25 ? -5.973  13.030  8.285   1.00 63.04  ? 182 LYS H CG  1 
ATOM 1474 C CD  . LYS H 1 25 ? -6.622  12.590  7.000   1.00 72.98  ? 182 LYS H CD  1 
ATOM 1475 C CE  . LYS H 1 25 ? -8.036  12.194  7.295   1.00 83.52  ? 182 LYS H CE  1 
ATOM 1476 N NZ  . LYS H 1 25 ? -8.937  12.418  6.149   1.00 92.48  ? 182 LYS H NZ  1 
ATOM 1477 N N   . LEU H 1 26 ? -1.665  14.813  8.382   1.00 47.42  ? 183 LEU H N   1 
ATOM 1478 C CA  . LEU H 1 26 ? -0.222  14.776  8.525   1.00 47.45  ? 183 LEU H CA  1 
ATOM 1479 C C   . LEU H 1 26 ? 0.256   15.520  9.756   1.00 51.83  ? 183 LEU H C   1 
ATOM 1480 O O   . LEU H 1 26 ? 1.153   15.028  10.427  1.00 51.39  ? 183 LEU H O   1 
ATOM 1481 C CB  . LEU H 1 26 ? 0.487   15.281  7.278   1.00 47.51  ? 183 LEU H CB  1 
ATOM 1482 C CG  . LEU H 1 26 ? 0.926   14.227  6.270   1.00 52.25  ? 183 LEU H CG  1 
ATOM 1483 C CD1 . LEU H 1 26 ? 1.669   14.870  5.184   1.00 52.40  ? 183 LEU H CD1 1 
ATOM 1484 C CD2 . LEU H 1 26 ? 1.909   13.218  6.891   1.00 54.72  ? 183 LEU H CD2 1 
ATOM 1485 N N   . SER H 1 27 ? -0.345  16.682  10.062  1.00 48.74  ? 184 SER H N   1 
ATOM 1486 C CA  . SER H 1 27 ? 0.024   17.500  11.211  1.00 48.76  ? 184 SER H CA  1 
ATOM 1487 C C   . SER H 1 27 ? -0.174  16.757  12.519  1.00 52.99  ? 184 SER H C   1 
ATOM 1488 O O   . SER H 1 27 ? 0.702   16.800  13.388  1.00 52.51  ? 184 SER H O   1 
ATOM 1489 C CB  . SER H 1 27 ? -0.793  18.783  11.225  1.00 52.39  ? 184 SER H CB  1 
ATOM 1490 O OG  . SER H 1 27 ? -2.170  18.495  11.381  1.00 61.30  ? 184 SER H OG  1 
ATOM 1491 N N   . MET H 1 28 ? -1.336  16.080  12.650  1.00 49.94  ? 185 MET H N   1 
ATOM 1492 C CA  . MET H 1 28 ? -1.684  15.288  13.826  1.00 49.91  ? 185 MET H CA  1 
ATOM 1493 C C   . MET H 1 28 ? -0.684  14.126  13.978  1.00 54.18  ? 185 MET H C   1 
ATOM 1494 O O   . MET H 1 28 ? -0.151  13.935  15.081  1.00 53.67  ? 185 MET H O   1 
ATOM 1495 C CB  . MET H 1 28 ? -3.120  14.775  13.755  1.00 52.22  ? 185 MET H CB  1 
ATOM 1496 C CG  . MET H 1 28 ? -3.695  14.415  15.105  1.00 55.85  ? 185 MET H CG  1 
ATOM 1497 S SD  . MET H 1 28 ? -3.905  15.848  16.170  1.00 60.02  ? 185 MET H SD  1 
ATOM 1498 C CE  . MET H 1 28 ? -3.238  15.224  17.621  1.00 56.71  ? 185 MET H CE  1 
ATOM 1499 N N   . ILE H 1 29 ? -0.392  13.423  12.858  1.00 51.12  ? 186 ILE H N   1 
ATOM 1500 C CA  . ILE H 1 29 ? 0.540   12.302  12.823  1.00 51.12  ? 186 ILE H CA  1 
ATOM 1501 C C   . ILE H 1 29 ? 1.914   12.749  13.315  1.00 55.55  ? 186 ILE H C   1 
ATOM 1502 O O   . ILE H 1 29 ? 2.497   12.093  14.184  1.00 55.14  ? 186 ILE H O   1 
ATOM 1503 C CB  . ILE H 1 29 ? 0.598   11.632  11.412  1.00 54.22  ? 186 ILE H CB  1 
ATOM 1504 C CG1 . ILE H 1 29 ? -0.785  11.004  11.073  1.00 54.63  ? 186 ILE H CG1 1 
ATOM 1505 C CG2 . ILE H 1 29 ? 1.801   10.654  11.253  1.00 54.90  ? 186 ILE H CG2 1 
ATOM 1506 C CD1 . ILE H 1 29 ? -0.905  10.436  9.738   1.00 61.55  ? 186 ILE H CD1 1 
ATOM 1507 N N   . LEU H 1 30 ? 2.379   13.906  12.816  1.00 52.57  ? 187 LEU H N   1 
ATOM 1508 C CA  . LEU H 1 30 ? 3.650   14.505  13.194  1.00 52.58  ? 187 LEU H CA  1 
ATOM 1509 C C   . LEU H 1 30 ? 3.702   14.811  14.681  1.00 56.91  ? 187 LEU H C   1 
ATOM 1510 O O   . LEU H 1 30 ? 4.661   14.436  15.348  1.00 56.43  ? 187 LEU H O   1 
ATOM 1511 C CB  . LEU H 1 30 ? 3.972   15.752  12.352  1.00 52.64  ? 187 LEU H CB  1 
ATOM 1512 C CG  . LEU H 1 30 ? 4.556   15.554  10.932  1.00 57.36  ? 187 LEU H CG  1 
ATOM 1513 C CD1 . LEU H 1 30 ? 5.220   16.823  10.466  1.00 57.56  ? 187 LEU H CD1 1 
ATOM 1514 C CD2 . LEU H 1 30 ? 5.551   14.396  10.881  1.00 59.77  ? 187 LEU H CD2 1 
ATOM 1515 N N   . GLY H 1 31 ? 2.646   15.441  15.188  1.00 53.93  ? 188 GLY H N   1 
ATOM 1516 C CA  . GLY H 1 31 ? 2.522   15.784  16.599  1.00 54.02  ? 188 GLY H CA  1 
ATOM 1517 C C   . GLY H 1 31 ? 2.546   14.561  17.490  1.00 58.43  ? 188 GLY H C   1 
ATOM 1518 O O   . GLY H 1 31 ? 3.247   14.538  18.508  1.00 58.03  ? 188 GLY H O   1 
ATOM 1519 N N   . LEU H 1 32 ? 1.776   13.527  17.088  1.00 55.35  ? 189 LEU H N   1 
ATOM 1520 C CA  . LEU H 1 32 ? 1.645   12.246  17.787  1.00 55.34  ? 189 LEU H CA  1 
ATOM 1521 C C   . LEU H 1 32 ? 2.968   11.508  17.846  1.00 59.64  ? 189 LEU H C   1 
ATOM 1522 O O   . LEU H 1 32 ? 3.226   10.857  18.845  1.00 59.19  ? 189 LEU H O   1 
ATOM 1523 C CB  . LEU H 1 32 ? 0.555   11.360  17.177  1.00 55.41  ? 189 LEU H CB  1 
ATOM 1524 C CG  . LEU H 1 32 ? -0.904  11.639  17.606  1.00 60.17  ? 189 LEU H CG  1 
ATOM 1525 C CD1 . LEU H 1 32 ? -1.870  10.998  16.676  1.00 60.32  ? 189 LEU H CD1 1 
ATOM 1526 C CD2 . LEU H 1 32 ? -1.192  11.181  18.998  1.00 62.64  ? 189 LEU H CD2 1 
ATOM 1527 N N   . LEU H 1 33 ? 3.822   11.628  16.805  1.00 56.61  ? 190 LEU H N   1 
ATOM 1528 C CA  . LEU H 1 33 ? 5.153   11.011  16.739  1.00 56.60  ? 190 LEU H CA  1 
ATOM 1529 C C   . LEU H 1 33 ? 6.070   11.595  17.829  1.00 61.15  ? 190 LEU H C   1 
ATOM 1530 O O   . LEU H 1 33 ? 6.918   10.893  18.376  1.00 60.74  ? 190 LEU H O   1 
ATOM 1531 C CB  . LEU H 1 33 ? 5.788   11.291  15.366  1.00 56.62  ? 190 LEU H CB  1 
ATOM 1532 C CG  . LEU H 1 33 ? 5.792   10.206  14.267  1.00 61.27  ? 190 LEU H CG  1 
ATOM 1533 C CD1 . LEU H 1 33 ? 7.143   9.521   14.168  1.00 61.41  ? 190 LEU H CD1 1 
ATOM 1534 C CD2 . LEU H 1 33 ? 4.686   9.196   14.442  1.00 63.66  ? 190 LEU H CD2 1 
ATOM 1535 N N   . ARG H 1 34 ? 5.902   12.896  18.114  1.00 58.25  ? 191 ARG H N   1 
ATOM 1536 C CA  . ARG H 1 34 ? 6.693   13.650  19.088  1.00 58.31  ? 191 ARG H CA  1 
ATOM 1537 C C   . ARG H 1 34 ? 6.264   13.280  20.507  1.00 62.50  ? 191 ARG H C   1 
ATOM 1538 O O   . ARG H 1 34 ? 7.097   13.225  21.420  1.00 62.05  ? 191 ARG H O   1 
ATOM 1539 C CB  . ARG H 1 34 ? 6.569   15.170  18.851  1.00 58.96  ? 191 ARG H CB  1 
ATOM 1540 C CG  . ARG H 1 34 ? 6.988   15.717  17.460  1.00 70.69  ? 191 ARG H CG  1 
ATOM 1541 C CD  . ARG H 1 34 ? 7.305   14.692  16.376  1.00 81.92  ? 191 ARG H CD  1 
ATOM 1542 N NE  . ARG H 1 34 ? 8.691   14.232  16.427  1.00 91.03  ? 191 ARG H NE  1 
ATOM 1543 C CZ  . ARG H 1 34 ? 9.463   14.020  15.373  1.00 105.45 ? 191 ARG H CZ  1 
ATOM 1544 N NH1 . ARG H 1 34 ? 9.001   14.251  14.144  1.00 92.62  ? 191 ARG H NH1 1 
ATOM 1545 N NH2 . ARG H 1 34 ? 10.703  13.585  15.516  1.00 92.58  ? 191 ARG H NH2 1 
ATOM 1546 N N   . THR H 1 35 ? 4.959   12.994  20.670  1.00 59.34  ? 192 THR H N   1 
ATOM 1547 C CA  . THR H 1 35 ? 4.338   12.535  21.908  1.00 59.26  ? 192 THR H CA  1 
ATOM 1548 C C   . THR H 1 35 ? 4.858   11.145  22.295  1.00 63.25  ? 192 THR H C   1 
ATOM 1549 O O   . THR H 1 35 ? 4.773   10.774  23.466  1.00 62.91  ? 192 THR H O   1 
ATOM 1550 C CB  . THR H 1 35 ? 2.805   12.603  21.768  1.00 67.55  ? 192 THR H CB  1 
ATOM 1551 O OG1 . THR H 1 35 ? 2.458   13.969  21.596  1.00 67.28  ? 192 THR H OG1 1 
ATOM 1552 C CG2 . THR H 1 35 ? 2.056   12.043  22.985  1.00 66.19  ? 192 THR H CG2 1 
ATOM 1553 N N   . LEU H 1 36 ? 5.446   10.396  21.322  1.00 59.77  ? 193 LEU H N   1 
ATOM 1554 C CA  . LEU H 1 36 ? 5.970   9.038   21.531  1.00 90.91  ? 193 LEU H CA  1 
ATOM 1555 C C   . LEU H 1 36 ? 6.937   8.968   22.690  1.00 121.05 ? 193 LEU H C   1 
ATOM 1556 O O   . LEU H 1 36 ? 6.534   8.724   23.820  1.00 82.89  ? 193 LEU H O   1 
ATOM 1557 C CB  . LEU H 1 36 ? 6.626   8.471   20.267  1.00 90.98  ? 193 LEU H CB  1 
ATOM 1558 C CG  . LEU H 1 36 ? 5.777   7.573   19.346  1.00 95.71  ? 193 LEU H CG  1 
ATOM 1559 C CD1 . LEU H 1 36 ? 6.649   6.655   18.517  1.00 98.15  ? 193 LEU H CD1 1 
ATOM 1560 C CD2 . LEU H 1 36 ? 4.759   6.740   20.125  1.00 95.88  ? 193 LEU H CD2 1 
# 
